data_6PRH
# 
_entry.id   6PRH 
# 
_audit_conform.dict_name       mmcif_pdbx.dic 
_audit_conform.dict_version    5.380 
_audit_conform.dict_location   http://mmcif.pdb.org/dictionaries/ascii/mmcif_pdbx.dic 
# 
loop_
_database_2.database_id 
_database_2.database_code 
_database_2.pdbx_database_accession 
_database_2.pdbx_DOI 
PDB   6PRH         pdb_00006prh 10.2210/pdb6prh/pdb 
WWPDB D_1000242929 ?            ?                   
# 
_pdbx_database_status.status_code                     REL 
_pdbx_database_status.status_code_sf                  REL 
_pdbx_database_status.status_code_mr                  ? 
_pdbx_database_status.entry_id                        6PRH 
_pdbx_database_status.recvd_initial_deposition_date   2019-07-10 
_pdbx_database_status.SG_entry                        N 
_pdbx_database_status.deposit_site                    RCSB 
_pdbx_database_status.process_site                    RCSB 
_pdbx_database_status.status_code_cs                  ? 
_pdbx_database_status.methods_development_category    ? 
_pdbx_database_status.pdb_format_compatible           Y 
_pdbx_database_status.status_code_nmr_data            ? 
# 
loop_
_audit_author.name 
_audit_author.pdbx_ordinal 
_audit_author.identifier_ORCID 
'Tarique, F.K.'  1 ? 
'Neiditch, M.B.' 2 ? 
'Dubnau, D.'     3 ? 
# 
_citation.abstract                  ? 
_citation.abstract_id_CAS           ? 
_citation.book_id_ISBN              ? 
_citation.book_publisher            ? 
_citation.book_publisher_city       ? 
_citation.book_title                ? 
_citation.coordinate_linkage        ? 
_citation.country                   US 
_citation.database_id_Medline       ? 
_citation.details                   ? 
_citation.id                        primary 
_citation.journal_abbrev            Mbio 
_citation.journal_id_ASTM           ? 
_citation.journal_id_CSD            ? 
_citation.journal_id_ISSN           2150-7511 
_citation.journal_full              ? 
_citation.journal_issue             ? 
_citation.journal_volume            10 
_citation.language                  ? 
_citation.page_first                ? 
_citation.page_last                 ? 
_citation.title                     
;Structure-Function Studies of the Bacillus subtilis Ric Proteins Identify the Fe-S Cluster-Ligating Residues and Their Roles in Development and RNA Processing.
;
_citation.year                      2019 
_citation.database_id_CSD           ? 
_citation.pdbx_database_id_DOI      10.1128/mBio.01841-19 
_citation.pdbx_database_id_PubMed   31530674 
_citation.unpublished_flag          ? 
# 
loop_
_citation_author.citation_id 
_citation_author.name 
_citation_author.ordinal 
_citation_author.identifier_ORCID 
primary 'Adusei-Danso, F.' 1 ? 
primary 'Khaja, F.T.'      2 ? 
primary 'DeSantis, M.'     3 ? 
primary 'Jeffrey, P.D.'    4 ? 
primary 'Dubnau, E.'       5 ? 
primary 'Demeler, B.'      6 ? 
primary 'Neiditch, M.B.'   7 ? 
primary 'Dubnau, D.'       8 ? 
# 
_cell.angle_alpha                  90.000 
_cell.angle_alpha_esd              ? 
_cell.angle_beta                   95.830 
_cell.angle_beta_esd               ? 
_cell.angle_gamma                  90.000 
_cell.angle_gamma_esd              ? 
_cell.entry_id                     6PRH 
_cell.details                      ? 
_cell.formula_units_Z              ? 
_cell.length_a                     109.491 
_cell.length_a_esd                 ? 
_cell.length_b                     52.212 
_cell.length_b_esd                 ? 
_cell.length_c                     27.109 
_cell.length_c_esd                 ? 
_cell.volume                       ? 
_cell.volume_esd                   ? 
_cell.Z_PDB                        4 
_cell.reciprocal_angle_alpha       ? 
_cell.reciprocal_angle_beta        ? 
_cell.reciprocal_angle_gamma       ? 
_cell.reciprocal_angle_alpha_esd   ? 
_cell.reciprocal_angle_beta_esd    ? 
_cell.reciprocal_angle_gamma_esd   ? 
_cell.reciprocal_length_a          ? 
_cell.reciprocal_length_b          ? 
_cell.reciprocal_length_c          ? 
_cell.reciprocal_length_a_esd      ? 
_cell.reciprocal_length_b_esd      ? 
_cell.reciprocal_length_c_esd      ? 
_cell.pdbx_unique_axis             ? 
# 
_symmetry.entry_id                         6PRH 
_symmetry.cell_setting                     ? 
_symmetry.Int_Tables_number                5 
_symmetry.space_group_name_Hall            ? 
_symmetry.space_group_name_H-M             'C 1 2 1' 
_symmetry.pdbx_full_space_group_name_H-M   ? 
# 
loop_
_entity.id 
_entity.type 
_entity.src_method 
_entity.pdbx_description 
_entity.formula_weight 
_entity.pdbx_number_of_molecules 
_entity.pdbx_ec 
_entity.pdbx_mutation 
_entity.pdbx_fragment 
_entity.details 
1 polymer     man RicA           14180.994 1  ? ? ? ? 
2 non-polymer syn 'CHLORIDE ION' 35.453    1  ? ? ? ? 
3 water       nat water          18.015    52 ? ? ? ? 
# 
_entity_poly.entity_id                      1 
_entity_poly.type                           'polypeptide(L)' 
_entity_poly.nstd_linkage                   no 
_entity_poly.nstd_monomer                   no 
_entity_poly.pdbx_seq_one_letter_code       
;GPMTLYSKKDIVQQARNLAKMISETEEVDFFKRAEAQINENDKVSTIVNQIKALQKQAVNLKHYEKHEALKQVEAKIDAL
QEELEEIPVIQEFRDSQMEVNDLLQLVAHTISNQVTNEIITSTG
;
_entity_poly.pdbx_seq_one_letter_code_can   
;GPMTLYSKKDIVQQARNLAKMISETEEVDFFKRAEAQINENDKVSTIVNQIKALQKQAVNLKHYEKHEALKQVEAKIDAL
QEELEEIPVIQEFRDSQMEVNDLLQLVAHTISNQVTNEIITSTG
;
_entity_poly.pdbx_strand_id                 A 
_entity_poly.pdbx_target_identifier         ? 
# 
loop_
_entity_poly_seq.entity_id 
_entity_poly_seq.num 
_entity_poly_seq.mon_id 
_entity_poly_seq.hetero 
1 1   GLY n 
1 2   PRO n 
1 3   MET n 
1 4   THR n 
1 5   LEU n 
1 6   TYR n 
1 7   SER n 
1 8   LYS n 
1 9   LYS n 
1 10  ASP n 
1 11  ILE n 
1 12  VAL n 
1 13  GLN n 
1 14  GLN n 
1 15  ALA n 
1 16  ARG n 
1 17  ASN n 
1 18  LEU n 
1 19  ALA n 
1 20  LYS n 
1 21  MET n 
1 22  ILE n 
1 23  SER n 
1 24  GLU n 
1 25  THR n 
1 26  GLU n 
1 27  GLU n 
1 28  VAL n 
1 29  ASP n 
1 30  PHE n 
1 31  PHE n 
1 32  LYS n 
1 33  ARG n 
1 34  ALA n 
1 35  GLU n 
1 36  ALA n 
1 37  GLN n 
1 38  ILE n 
1 39  ASN n 
1 40  GLU n 
1 41  ASN n 
1 42  ASP n 
1 43  LYS n 
1 44  VAL n 
1 45  SER n 
1 46  THR n 
1 47  ILE n 
1 48  VAL n 
1 49  ASN n 
1 50  GLN n 
1 51  ILE n 
1 52  LYS n 
1 53  ALA n 
1 54  LEU n 
1 55  GLN n 
1 56  LYS n 
1 57  GLN n 
1 58  ALA n 
1 59  VAL n 
1 60  ASN n 
1 61  LEU n 
1 62  LYS n 
1 63  HIS n 
1 64  TYR n 
1 65  GLU n 
1 66  LYS n 
1 67  HIS n 
1 68  GLU n 
1 69  ALA n 
1 70  LEU n 
1 71  LYS n 
1 72  GLN n 
1 73  VAL n 
1 74  GLU n 
1 75  ALA n 
1 76  LYS n 
1 77  ILE n 
1 78  ASP n 
1 79  ALA n 
1 80  LEU n 
1 81  GLN n 
1 82  GLU n 
1 83  GLU n 
1 84  LEU n 
1 85  GLU n 
1 86  GLU n 
1 87  ILE n 
1 88  PRO n 
1 89  VAL n 
1 90  ILE n 
1 91  GLN n 
1 92  GLU n 
1 93  PHE n 
1 94  ARG n 
1 95  ASP n 
1 96  SER n 
1 97  GLN n 
1 98  MET n 
1 99  GLU n 
1 100 VAL n 
1 101 ASN n 
1 102 ASP n 
1 103 LEU n 
1 104 LEU n 
1 105 GLN n 
1 106 LEU n 
1 107 VAL n 
1 108 ALA n 
1 109 HIS n 
1 110 THR n 
1 111 ILE n 
1 112 SER n 
1 113 ASN n 
1 114 GLN n 
1 115 VAL n 
1 116 THR n 
1 117 ASN n 
1 118 GLU n 
1 119 ILE n 
1 120 ILE n 
1 121 THR n 
1 122 SER n 
1 123 THR n 
1 124 GLY n 
# 
_entity_src_gen.entity_id                          1 
_entity_src_gen.pdbx_src_id                        1 
_entity_src_gen.pdbx_alt_source_flag               sample 
_entity_src_gen.pdbx_seq_type                      'Biological sequence' 
_entity_src_gen.pdbx_beg_seq_num                   1 
_entity_src_gen.pdbx_end_seq_num                   124 
_entity_src_gen.gene_src_common_name               ? 
_entity_src_gen.gene_src_genus                     ? 
_entity_src_gen.pdbx_gene_src_gene                 'ymcA, BSU17020' 
_entity_src_gen.gene_src_species                   ? 
_entity_src_gen.gene_src_strain                    168 
_entity_src_gen.gene_src_tissue                    ? 
_entity_src_gen.gene_src_tissue_fraction           ? 
_entity_src_gen.gene_src_details                   ? 
_entity_src_gen.pdbx_gene_src_fragment             ? 
_entity_src_gen.pdbx_gene_src_scientific_name      'Bacillus subtilis (strain 168)' 
_entity_src_gen.pdbx_gene_src_ncbi_taxonomy_id     224308 
_entity_src_gen.pdbx_gene_src_variant              ? 
_entity_src_gen.pdbx_gene_src_cell_line            ? 
_entity_src_gen.pdbx_gene_src_atcc                 ? 
_entity_src_gen.pdbx_gene_src_organ                ? 
_entity_src_gen.pdbx_gene_src_organelle            ? 
_entity_src_gen.pdbx_gene_src_cell                 ? 
_entity_src_gen.pdbx_gene_src_cellular_location    ? 
_entity_src_gen.host_org_common_name               ? 
_entity_src_gen.pdbx_host_org_scientific_name      'Escherichia coli' 
_entity_src_gen.pdbx_host_org_ncbi_taxonomy_id     562 
_entity_src_gen.host_org_genus                     ? 
_entity_src_gen.pdbx_host_org_gene                 ? 
_entity_src_gen.pdbx_host_org_organ                ? 
_entity_src_gen.host_org_species                   ? 
_entity_src_gen.pdbx_host_org_tissue               ? 
_entity_src_gen.pdbx_host_org_tissue_fraction      ? 
_entity_src_gen.pdbx_host_org_strain               ? 
_entity_src_gen.pdbx_host_org_variant              ? 
_entity_src_gen.pdbx_host_org_cell_line            ? 
_entity_src_gen.pdbx_host_org_atcc                 ? 
_entity_src_gen.pdbx_host_org_culture_collection   ? 
_entity_src_gen.pdbx_host_org_cell                 ? 
_entity_src_gen.pdbx_host_org_organelle            ? 
_entity_src_gen.pdbx_host_org_cellular_location    ? 
_entity_src_gen.pdbx_host_org_vector_type          ? 
_entity_src_gen.pdbx_host_org_vector               ? 
_entity_src_gen.host_org_details                   ? 
_entity_src_gen.expression_system_id               ? 
_entity_src_gen.plasmid_name                       ? 
_entity_src_gen.plasmid_details                    ? 
_entity_src_gen.pdbx_description                   ? 
# 
_struct_ref.id                         1 
_struct_ref.db_name                    UNP 
_struct_ref.db_code                    YMCA_BACSU 
_struct_ref.pdbx_db_accession          O31779 
_struct_ref.pdbx_db_isoform            ? 
_struct_ref.entity_id                  1 
_struct_ref.pdbx_seq_one_letter_code   
;MTLYSKKDIVQQARNLAKMISETEEVDFFKRAEAQINENDKVSTIVNQIKALQKQAVNLKHYEKHEALKQVEAKIDALQE
ELEEIPVIQEFRDSQMEVNDLLQLVAHTISNQVTNEIITSTG
;
_struct_ref.pdbx_align_begin           1 
# 
_struct_ref_seq.align_id                      1 
_struct_ref_seq.ref_id                        1 
_struct_ref_seq.pdbx_PDB_id_code              6PRH 
_struct_ref_seq.pdbx_strand_id                A 
_struct_ref_seq.seq_align_beg                 3 
_struct_ref_seq.pdbx_seq_align_beg_ins_code   ? 
_struct_ref_seq.seq_align_end                 124 
_struct_ref_seq.pdbx_seq_align_end_ins_code   ? 
_struct_ref_seq.pdbx_db_accession             O31779 
_struct_ref_seq.db_align_beg                  1 
_struct_ref_seq.pdbx_db_align_beg_ins_code    ? 
_struct_ref_seq.db_align_end                  122 
_struct_ref_seq.pdbx_db_align_end_ins_code    ? 
_struct_ref_seq.pdbx_auth_seq_align_beg       1 
_struct_ref_seq.pdbx_auth_seq_align_end       122 
# 
loop_
_struct_ref_seq_dif.align_id 
_struct_ref_seq_dif.pdbx_pdb_id_code 
_struct_ref_seq_dif.mon_id 
_struct_ref_seq_dif.pdbx_pdb_strand_id 
_struct_ref_seq_dif.seq_num 
_struct_ref_seq_dif.pdbx_pdb_ins_code 
_struct_ref_seq_dif.pdbx_seq_db_name 
_struct_ref_seq_dif.pdbx_seq_db_accession_code 
_struct_ref_seq_dif.db_mon_id 
_struct_ref_seq_dif.pdbx_seq_db_seq_num 
_struct_ref_seq_dif.details 
_struct_ref_seq_dif.pdbx_auth_seq_num 
_struct_ref_seq_dif.pdbx_ordinal 
1 6PRH GLY A 1 ? UNP O31779 ? ? 'expression tag' -1 1 
1 6PRH PRO A 2 ? UNP O31779 ? ? 'expression tag' 0  2 
# 
loop_
_chem_comp.id 
_chem_comp.type 
_chem_comp.mon_nstd_flag 
_chem_comp.name 
_chem_comp.pdbx_synonyms 
_chem_comp.formula 
_chem_comp.formula_weight 
ALA 'L-peptide linking' y ALANINE         ? 'C3 H7 N O2'     89.093  
ARG 'L-peptide linking' y ARGININE        ? 'C6 H15 N4 O2 1' 175.209 
ASN 'L-peptide linking' y ASPARAGINE      ? 'C4 H8 N2 O3'    132.118 
ASP 'L-peptide linking' y 'ASPARTIC ACID' ? 'C4 H7 N O4'     133.103 
CL  non-polymer         . 'CHLORIDE ION'  ? 'Cl -1'          35.453  
GLN 'L-peptide linking' y GLUTAMINE       ? 'C5 H10 N2 O3'   146.144 
GLU 'L-peptide linking' y 'GLUTAMIC ACID' ? 'C5 H9 N O4'     147.129 
GLY 'peptide linking'   y GLYCINE         ? 'C2 H5 N O2'     75.067  
HIS 'L-peptide linking' y HISTIDINE       ? 'C6 H10 N3 O2 1' 156.162 
HOH non-polymer         . WATER           ? 'H2 O'           18.015  
ILE 'L-peptide linking' y ISOLEUCINE      ? 'C6 H13 N O2'    131.173 
LEU 'L-peptide linking' y LEUCINE         ? 'C6 H13 N O2'    131.173 
LYS 'L-peptide linking' y LYSINE          ? 'C6 H15 N2 O2 1' 147.195 
MET 'L-peptide linking' y METHIONINE      ? 'C5 H11 N O2 S'  149.211 
PHE 'L-peptide linking' y PHENYLALANINE   ? 'C9 H11 N O2'    165.189 
PRO 'L-peptide linking' y PROLINE         ? 'C5 H9 N O2'     115.130 
SER 'L-peptide linking' y SERINE          ? 'C3 H7 N O3'     105.093 
THR 'L-peptide linking' y THREONINE       ? 'C4 H9 N O3'     119.119 
TYR 'L-peptide linking' y TYROSINE        ? 'C9 H11 N O3'    181.189 
VAL 'L-peptide linking' y VALINE          ? 'C5 H11 N O2'    117.146 
# 
_exptl.absorpt_coefficient_mu     ? 
_exptl.absorpt_correction_T_max   ? 
_exptl.absorpt_correction_T_min   ? 
_exptl.absorpt_correction_type    ? 
_exptl.absorpt_process_details    ? 
_exptl.entry_id                   6PRH 
_exptl.crystals_number            1 
_exptl.details                    ? 
_exptl.method                     'X-RAY DIFFRACTION' 
_exptl.method_details             ? 
# 
_exptl_crystal.colour                      ? 
_exptl_crystal.density_diffrn              ? 
_exptl_crystal.density_Matthews            2.75 
_exptl_crystal.density_method              ? 
_exptl_crystal.density_percent_sol         55.24 
_exptl_crystal.description                 ? 
_exptl_crystal.F_000                       ? 
_exptl_crystal.id                          1 
_exptl_crystal.preparation                 ? 
_exptl_crystal.size_max                    ? 
_exptl_crystal.size_mid                    ? 
_exptl_crystal.size_min                    ? 
_exptl_crystal.size_rad                    ? 
_exptl_crystal.colour_lustre               ? 
_exptl_crystal.colour_modifier             ? 
_exptl_crystal.colour_primary              ? 
_exptl_crystal.density_meas                ? 
_exptl_crystal.density_meas_esd            ? 
_exptl_crystal.density_meas_gt             ? 
_exptl_crystal.density_meas_lt             ? 
_exptl_crystal.density_meas_temp           ? 
_exptl_crystal.density_meas_temp_esd       ? 
_exptl_crystal.density_meas_temp_gt        ? 
_exptl_crystal.density_meas_temp_lt        ? 
_exptl_crystal.pdbx_crystal_image_url      ? 
_exptl_crystal.pdbx_crystal_image_format   ? 
_exptl_crystal.pdbx_mosaicity              ? 
_exptl_crystal.pdbx_mosaicity_esd          ? 
# 
_exptl_crystal_grow.apparatus       ? 
_exptl_crystal_grow.atmosphere      ? 
_exptl_crystal_grow.crystal_id      1 
_exptl_crystal_grow.details         ? 
_exptl_crystal_grow.method          'VAPOR DIFFUSION, HANGING DROP' 
_exptl_crystal_grow.method_ref      ? 
_exptl_crystal_grow.pH              ? 
_exptl_crystal_grow.pressure        ? 
_exptl_crystal_grow.pressure_esd    ? 
_exptl_crystal_grow.seeding         ? 
_exptl_crystal_grow.seeding_ref     ? 
_exptl_crystal_grow.temp            293 
_exptl_crystal_grow.temp_details    ? 
_exptl_crystal_grow.temp_esd        ? 
_exptl_crystal_grow.time            ? 
_exptl_crystal_grow.pdbx_details    '100 mM MES pH 6.0, 150 mM NaCl, 65% (vol/vol) MPD' 
_exptl_crystal_grow.pdbx_pH_range   ? 
# 
_diffrn.ambient_environment              ? 
_diffrn.ambient_temp                     93 
_diffrn.ambient_temp_details             ? 
_diffrn.ambient_temp_esd                 ? 
_diffrn.crystal_id                       1 
_diffrn.crystal_support                  ? 
_diffrn.crystal_treatment                ? 
_diffrn.details                          ? 
_diffrn.id                               1 
_diffrn.ambient_pressure                 ? 
_diffrn.ambient_pressure_esd             ? 
_diffrn.ambient_pressure_gt              ? 
_diffrn.ambient_pressure_lt              ? 
_diffrn.ambient_temp_gt                  ? 
_diffrn.ambient_temp_lt                  ? 
_diffrn.pdbx_serial_crystal_experiment   N 
# 
_diffrn_detector.details                      ? 
_diffrn_detector.detector                     CCD 
_diffrn_detector.diffrn_id                    1 
_diffrn_detector.type                         'MARMOSAIC 325 mm CCD' 
_diffrn_detector.area_resol_mean              ? 
_diffrn_detector.dtime                        ? 
_diffrn_detector.pdbx_frames_total            ? 
_diffrn_detector.pdbx_collection_time_total   ? 
_diffrn_detector.pdbx_collection_date         2016-06-18 
_diffrn_detector.pdbx_frequency               ? 
# 
_diffrn_radiation.collimation                      ? 
_diffrn_radiation.diffrn_id                        1 
_diffrn_radiation.filter_edge                      ? 
_diffrn_radiation.inhomogeneity                    ? 
_diffrn_radiation.monochromator                    ? 
_diffrn_radiation.polarisn_norm                    ? 
_diffrn_radiation.polarisn_ratio                   ? 
_diffrn_radiation.probe                            ? 
_diffrn_radiation.type                             ? 
_diffrn_radiation.xray_symbol                      ? 
_diffrn_radiation.wavelength_id                    1 
_diffrn_radiation.pdbx_monochromatic_or_laue_m_l   M 
_diffrn_radiation.pdbx_wavelength_list             ? 
_diffrn_radiation.pdbx_wavelength                  ? 
_diffrn_radiation.pdbx_diffrn_protocol             'SINGLE WAVELENGTH' 
_diffrn_radiation.pdbx_analyzer                    ? 
_diffrn_radiation.pdbx_scattering_type             x-ray 
# 
_diffrn_radiation_wavelength.id           1 
_diffrn_radiation_wavelength.wavelength   1.18076 
_diffrn_radiation_wavelength.wt           1.0 
# 
_diffrn_source.current                     ? 
_diffrn_source.details                     ? 
_diffrn_source.diffrn_id                   1 
_diffrn_source.power                       ? 
_diffrn_source.size                        ? 
_diffrn_source.source                      SYNCHROTRON 
_diffrn_source.target                      ? 
_diffrn_source.type                        'SSRL BEAMLINE BL14-1' 
_diffrn_source.voltage                     ? 
_diffrn_source.take-off_angle              ? 
_diffrn_source.pdbx_wavelength_list        1.18076 
_diffrn_source.pdbx_wavelength             ? 
_diffrn_source.pdbx_synchrotron_beamline   BL14-1 
_diffrn_source.pdbx_synchrotron_site       SSRL 
# 
_reflns.B_iso_Wilson_estimate            29.6 
_reflns.entry_id                         6PRH 
_reflns.data_reduction_details           ? 
_reflns.data_reduction_method            ? 
_reflns.d_resolution_high                2.080 
_reflns.d_resolution_low                 50.000 
_reflns.details                          ? 
_reflns.limit_h_max                      ? 
_reflns.limit_h_min                      ? 
_reflns.limit_k_max                      ? 
_reflns.limit_k_min                      ? 
_reflns.limit_l_max                      ? 
_reflns.limit_l_min                      ? 
_reflns.number_all                       ? 
_reflns.number_obs                       9208 
_reflns.observed_criterion               ? 
_reflns.observed_criterion_F_max         ? 
_reflns.observed_criterion_F_min         ? 
_reflns.observed_criterion_I_max         ? 
_reflns.observed_criterion_I_min         ? 
_reflns.observed_criterion_sigma_F       ? 
_reflns.observed_criterion_sigma_I       ? 
_reflns.percent_possible_obs             99.800 
_reflns.R_free_details                   ? 
_reflns.Rmerge_F_all                     ? 
_reflns.Rmerge_F_obs                     ? 
_reflns.Friedel_coverage                 ? 
_reflns.number_gt                        ? 
_reflns.threshold_expression             ? 
_reflns.pdbx_redundancy                  7.500 
_reflns.pdbx_Rmerge_I_obs                0.141 
_reflns.pdbx_Rmerge_I_all                ? 
_reflns.pdbx_Rsym_value                  ? 
_reflns.pdbx_netI_over_av_sigmaI         15.06 
_reflns.pdbx_netI_over_sigmaI            10.100 
_reflns.pdbx_res_netI_over_av_sigmaI_2   ? 
_reflns.pdbx_res_netI_over_sigmaI_2      ? 
_reflns.pdbx_chi_squared                 2.028 
_reflns.pdbx_scaling_rejects             ? 
_reflns.pdbx_d_res_high_opt              ? 
_reflns.pdbx_d_res_low_opt               ? 
_reflns.pdbx_d_res_opt_method            ? 
_reflns.phase_calculation_details        ? 
_reflns.pdbx_Rrim_I_all                  0.151 
_reflns.pdbx_Rpim_I_all                  0.055 
_reflns.pdbx_d_opt                       ? 
_reflns.pdbx_number_measured_all         ? 
_reflns.pdbx_diffrn_id                   1 
_reflns.pdbx_ordinal                     1 
_reflns.pdbx_CC_half                     0.99 
_reflns.pdbx_R_split                     ? 
# 
loop_
_reflns_shell.d_res_high 
_reflns_shell.d_res_low 
_reflns_shell.meanI_over_sigI_all 
_reflns_shell.meanI_over_sigI_obs 
_reflns_shell.number_measured_all 
_reflns_shell.number_measured_obs 
_reflns_shell.number_possible 
_reflns_shell.number_unique_all 
_reflns_shell.number_unique_obs 
_reflns_shell.percent_possible_all 
_reflns_shell.percent_possible_obs 
_reflns_shell.Rmerge_F_all 
_reflns_shell.Rmerge_F_obs 
_reflns_shell.Rmerge_I_all 
_reflns_shell.Rmerge_I_obs 
_reflns_shell.meanI_over_sigI_gt 
_reflns_shell.meanI_over_uI_all 
_reflns_shell.meanI_over_uI_gt 
_reflns_shell.number_measured_gt 
_reflns_shell.number_unique_gt 
_reflns_shell.percent_possible_gt 
_reflns_shell.Rmerge_F_gt 
_reflns_shell.Rmerge_I_gt 
_reflns_shell.pdbx_redundancy 
_reflns_shell.pdbx_Rsym_value 
_reflns_shell.pdbx_chi_squared 
_reflns_shell.pdbx_netI_over_sigmaI_all 
_reflns_shell.pdbx_netI_over_sigmaI_obs 
_reflns_shell.pdbx_Rrim_I_all 
_reflns_shell.pdbx_Rpim_I_all 
_reflns_shell.pdbx_rejects 
_reflns_shell.pdbx_ordinal 
_reflns_shell.pdbx_diffrn_id 
_reflns_shell.pdbx_CC_half 
_reflns_shell.pdbx_R_split 
2.080 2.120  ? ? ? ? ? ? 437 99.100  ? ? ? ? 0.396 ? ? ? ? ? ? ? ? 6.900 ? 1.248 ? ? 0.428 0.159 ? 1  1 0.930 ? 
2.120 2.150  ? ? ? ? ? ? 456 100.000 ? ? ? ? 0.345 ? ? ? ? ? ? ? ? 7.200 ? 1.323 ? ? 0.371 0.136 ? 2  1 0.944 ? 
2.150 2.200  ? ? ? ? ? ? 455 99.800  ? ? ? ? 0.314 ? ? ? ? ? ? ? ? 7.200 ? 1.301 ? ? 0.338 0.124 ? 3  1 0.955 ? 
2.200 2.240  ? ? ? ? ? ? 462 98.900  ? ? ? ? 0.298 ? ? ? ? ? ? ? ? 7.400 ? 1.439 ? ? 0.320 0.116 ? 4  1 0.964 ? 
2.240 2.290  ? ? ? ? ? ? 451 99.300  ? ? ? ? 0.277 ? ? ? ? ? ? ? ? 7.500 ? 1.577 ? ? 0.297 0.107 ? 5  1 0.961 ? 
2.290 2.340  ? ? ? ? ? ? 465 100.000 ? ? ? ? 0.237 ? ? ? ? ? ? ? ? 7.600 ? 1.653 ? ? 0.254 0.091 ? 6  1 0.966 ? 
2.340 2.400  ? ? ? ? ? ? 438 100.000 ? ? ? ? 0.235 ? ? ? ? ? ? ? ? 7.500 ? 1.673 ? ? 0.253 0.091 ? 7  1 0.973 ? 
2.400 2.470  ? ? ? ? ? ? 481 99.000  ? ? ? ? 0.213 ? ? ? ? ? ? ? ? 7.500 ? 1.800 ? ? 0.228 0.083 ? 8  1 0.973 ? 
2.470 2.540  ? ? ? ? ? ? 441 100.000 ? ? ? ? 0.212 ? ? ? ? ? ? ? ? 7.600 ? 1.784 ? ? 0.227 0.081 ? 9  1 0.969 ? 
2.540 2.620  ? ? ? ? ? ? 459 100.000 ? ? ? ? 0.192 ? ? ? ? ? ? ? ? 7.600 ? 1.914 ? ? 0.205 0.074 ? 10 1 0.975 ? 
2.620 2.710  ? ? ? ? ? ? 471 99.800  ? ? ? ? 0.181 ? ? ? ? ? ? ? ? 7.500 ? 2.036 ? ? 0.195 0.071 ? 11 1 0.978 ? 
2.710 2.820  ? ? ? ? ? ? 446 100.000 ? ? ? ? 0.167 ? ? ? ? ? ? ? ? 7.600 ? 2.209 ? ? 0.180 0.065 ? 12 1 0.978 ? 
2.820 2.950  ? ? ? ? ? ? 468 100.000 ? ? ? ? 0.159 ? ? ? ? ? ? ? ? 7.500 ? 2.208 ? ? 0.170 0.061 ? 13 1 0.981 ? 
2.950 3.110  ? ? ? ? ? ? 464 100.000 ? ? ? ? 0.151 ? ? ? ? ? ? ? ? 7.600 ? 2.347 ? ? 0.162 0.058 ? 14 1 0.987 ? 
3.110 3.300  ? ? ? ? ? ? 459 100.000 ? ? ? ? 0.140 ? ? ? ? ? ? ? ? 7.600 ? 2.421 ? ? 0.150 0.054 ? 15 1 0.982 ? 
3.300 3.560  ? ? ? ? ? ? 471 100.000 ? ? ? ? 0.140 ? ? ? ? ? ? ? ? 7.600 ? 2.743 ? ? 0.150 0.054 ? 16 1 0.986 ? 
3.560 3.910  ? ? ? ? ? ? 468 100.000 ? ? ? ? 0.131 ? ? ? ? ? ? ? ? 7.500 ? 2.820 ? ? 0.140 0.051 ? 17 1 0.985 ? 
3.910 4.480  ? ? ? ? ? ? 466 100.000 ? ? ? ? 0.128 ? ? ? ? ? ? ? ? 7.600 ? 2.819 ? ? 0.137 0.049 ? 18 1 0.989 ? 
4.480 5.640  ? ? ? ? ? ? 466 100.000 ? ? ? ? 0.123 ? ? ? ? ? ? ? ? 7.500 ? 2.592 ? ? 0.132 0.047 ? 19 1 0.991 ? 
5.640 50.000 ? ? ? ? ? ? 484 99.600  ? ? ? ? 0.107 ? ? ? ? ? ? ? ? 7.300 ? 2.369 ? ? 0.115 0.042 ? 20 1 0.992 ? 
# 
_refine.aniso_B[1][1]                            0.5500 
_refine.aniso_B[1][2]                            0.0000 
_refine.aniso_B[1][3]                            1.4000 
_refine.aniso_B[2][2]                            -1.4600 
_refine.aniso_B[2][3]                            0.0000 
_refine.aniso_B[3][3]                            0.6100 
_refine.B_iso_max                                95.710 
_refine.B_iso_mean                               36.7960 
_refine.B_iso_min                                20.070 
_refine.correlation_coeff_Fo_to_Fc               0.9550 
_refine.correlation_coeff_Fo_to_Fc_free          0.9390 
_refine.details                                  
'HYDROGENS HAVE BEEN ADDED IN THE RIDING POSITIONS U VALUES      : REFINED INDIVIDUALLY' 
_refine.diff_density_max                         ? 
_refine.diff_density_max_esd                     ? 
_refine.diff_density_min                         ? 
_refine.diff_density_min_esd                     ? 
_refine.diff_density_rms                         ? 
_refine.diff_density_rms_esd                     ? 
_refine.entry_id                                 6PRH 
_refine.pdbx_refine_id                           'X-RAY DIFFRACTION' 
_refine.ls_abs_structure_details                 ? 
_refine.ls_abs_structure_Flack                   ? 
_refine.ls_abs_structure_Flack_esd               ? 
_refine.ls_abs_structure_Rogers                  ? 
_refine.ls_abs_structure_Rogers_esd              ? 
_refine.ls_d_res_high                            2.0800 
_refine.ls_d_res_low                             29.8300 
_refine.ls_extinction_coef                       ? 
_refine.ls_extinction_coef_esd                   ? 
_refine.ls_extinction_expression                 ? 
_refine.ls_extinction_method                     ? 
_refine.ls_goodness_of_fit_all                   ? 
_refine.ls_goodness_of_fit_all_esd               ? 
_refine.ls_goodness_of_fit_obs                   ? 
_refine.ls_goodness_of_fit_obs_esd               ? 
_refine.ls_hydrogen_treatment                    ? 
_refine.ls_matrix_type                           ? 
_refine.ls_number_constraints                    ? 
_refine.ls_number_parameters                     ? 
_refine.ls_number_reflns_all                     ? 
_refine.ls_number_reflns_obs                     8761 
_refine.ls_number_reflns_R_free                  447 
_refine.ls_number_reflns_R_work                  ? 
_refine.ls_number_restraints                     ? 
_refine.ls_percent_reflns_obs                    99.7100 
_refine.ls_percent_reflns_R_free                 4.9000 
_refine.ls_R_factor_all                          ? 
_refine.ls_R_factor_obs                          0.1849 
_refine.ls_R_factor_R_free                       0.2241 
_refine.ls_R_factor_R_free_error                 ? 
_refine.ls_R_factor_R_free_error_details         ? 
_refine.ls_R_factor_R_work                       0.1830 
_refine.ls_R_Fsqd_factor_obs                     ? 
_refine.ls_R_I_factor_obs                        ? 
_refine.ls_redundancy_reflns_all                 ? 
_refine.ls_redundancy_reflns_obs                 ? 
_refine.ls_restrained_S_all                      ? 
_refine.ls_restrained_S_obs                      ? 
_refine.ls_shift_over_esd_max                    ? 
_refine.ls_shift_over_esd_mean                   ? 
_refine.ls_structure_factor_coef                 ? 
_refine.ls_weighting_details                     ? 
_refine.ls_weighting_scheme                      ? 
_refine.ls_wR_factor_all                         ? 
_refine.ls_wR_factor_obs                         ? 
_refine.ls_wR_factor_R_free                      ? 
_refine.ls_wR_factor_R_work                      ? 
_refine.occupancy_max                            ? 
_refine.occupancy_min                            ? 
_refine.solvent_model_details                    ? 
_refine.solvent_model_param_bsol                 ? 
_refine.solvent_model_param_ksol                 ? 
_refine.ls_R_factor_gt                           ? 
_refine.ls_goodness_of_fit_gt                    ? 
_refine.ls_goodness_of_fit_ref                   ? 
_refine.ls_shift_over_su_max                     ? 
_refine.ls_shift_over_su_max_lt                  ? 
_refine.ls_shift_over_su_mean                    ? 
_refine.ls_shift_over_su_mean_lt                 ? 
_refine.pdbx_ls_sigma_I                          ? 
_refine.pdbx_ls_sigma_F                          0.000 
_refine.pdbx_ls_sigma_Fsqd                       ? 
_refine.pdbx_data_cutoff_high_absF               ? 
_refine.pdbx_data_cutoff_high_rms_absF           ? 
_refine.pdbx_data_cutoff_low_absF                ? 
_refine.pdbx_isotropic_thermal_model             ? 
_refine.pdbx_ls_cross_valid_method               THROUGHOUT 
_refine.pdbx_method_to_determine_struct          'MOLECULAR REPLACEMENT' 
_refine.pdbx_starting_model                      2PIH 
_refine.pdbx_stereochemistry_target_values       ? 
_refine.pdbx_R_Free_selection_details            RANDOM 
_refine.pdbx_stereochem_target_val_spec_case     ? 
_refine.pdbx_overall_ESU_R                       0.1830 
_refine.pdbx_overall_ESU_R_Free                  0.1630 
_refine.pdbx_solvent_vdw_probe_radii             1.2000 
_refine.pdbx_solvent_ion_probe_radii             0.8000 
_refine.pdbx_solvent_shrinkage_radii             0.8000 
_refine.pdbx_real_space_R                        ? 
_refine.pdbx_density_correlation                 ? 
_refine.pdbx_pd_number_of_powder_patterns        ? 
_refine.pdbx_pd_number_of_points                 ? 
_refine.pdbx_pd_meas_number_of_points            ? 
_refine.pdbx_pd_proc_ls_prof_R_factor            ? 
_refine.pdbx_pd_proc_ls_prof_wR_factor           ? 
_refine.pdbx_pd_Marquardt_correlation_coeff      ? 
_refine.pdbx_pd_Fsqrd_R_factor                   ? 
_refine.pdbx_pd_ls_matrix_band_width             ? 
_refine.pdbx_overall_phase_error                 ? 
_refine.pdbx_overall_SU_R_free_Cruickshank_DPI   ? 
_refine.pdbx_overall_SU_R_free_Blow_DPI          ? 
_refine.pdbx_overall_SU_R_Blow_DPI               ? 
_refine.pdbx_TLS_residual_ADP_flag               ? 
_refine.pdbx_diffrn_id                           1 
_refine.overall_SU_B                             4.0270 
_refine.overall_SU_ML                            0.1110 
_refine.overall_SU_R_Cruickshank_DPI             ? 
_refine.overall_SU_R_free                        ? 
_refine.overall_FOM_free_R_set                   ? 
_refine.overall_FOM_work_R_set                   ? 
_refine.pdbx_average_fsc_overall                 ? 
_refine.pdbx_average_fsc_work                    ? 
_refine.pdbx_average_fsc_free                    ? 
# 
_refine_hist.pdbx_refine_id                   'X-RAY DIFFRACTION' 
_refine_hist.cycle_id                         final 
_refine_hist.details                          ? 
_refine_hist.d_res_high                       2.0800 
_refine_hist.d_res_low                        29.8300 
_refine_hist.number_atoms_solvent             52 
_refine_hist.number_atoms_total               1032 
_refine_hist.number_reflns_all                ? 
_refine_hist.number_reflns_obs                ? 
_refine_hist.number_reflns_R_free             ? 
_refine_hist.number_reflns_R_work             ? 
_refine_hist.R_factor_all                     ? 
_refine_hist.R_factor_obs                     ? 
_refine_hist.R_factor_R_free                  ? 
_refine_hist.R_factor_R_work                  ? 
_refine_hist.pdbx_number_residues_total       122 
_refine_hist.pdbx_B_iso_mean_ligand           29.55 
_refine_hist.pdbx_B_iso_mean_solvent          43.81 
_refine_hist.pdbx_number_atoms_protein        979 
_refine_hist.pdbx_number_atoms_nucleic_acid   0 
_refine_hist.pdbx_number_atoms_ligand         1 
_refine_hist.pdbx_number_atoms_lipid          ? 
_refine_hist.pdbx_number_atoms_carb           ? 
_refine_hist.pdbx_pseudo_atom_details         ? 
# 
loop_
_refine_ls_restr.pdbx_refine_id 
_refine_ls_restr.criterion 
_refine_ls_restr.dev_ideal 
_refine_ls_restr.dev_ideal_target 
_refine_ls_restr.number 
_refine_ls_restr.rejects 
_refine_ls_restr.type 
_refine_ls_restr.weight 
_refine_ls_restr.pdbx_restraint_function 
'X-RAY DIFFRACTION' ? 0.010  0.013  987  ? r_bond_refined_d       ? ? 
'X-RAY DIFFRACTION' ? 0.001  0.017  931  ? r_bond_other_d         ? ? 
'X-RAY DIFFRACTION' ? 1.588  1.636  1330 ? r_angle_refined_deg    ? ? 
'X-RAY DIFFRACTION' ? 1.435  1.578  2178 ? r_angle_other_deg      ? ? 
'X-RAY DIFFRACTION' ? 4.568  5.000  121  ? r_dihedral_angle_1_deg ? ? 
'X-RAY DIFFRACTION' ? 41.614 26.364 55   ? r_dihedral_angle_2_deg ? ? 
'X-RAY DIFFRACTION' ? 17.109 15.000 200  ? r_dihedral_angle_3_deg ? ? 
'X-RAY DIFFRACTION' ? 18.153 15.000 3    ? r_dihedral_angle_4_deg ? ? 
'X-RAY DIFFRACTION' ? 0.089  0.200  139  ? r_chiral_restr         ? ? 
'X-RAY DIFFRACTION' ? 0.007  0.020  1085 ? r_gen_planes_refined   ? ? 
'X-RAY DIFFRACTION' ? 0.001  0.020  164  ? r_gen_planes_other     ? ? 
# 
_refine_ls_shell.pdbx_refine_id                   'X-RAY DIFFRACTION' 
_refine_ls_shell.d_res_high                       2.0800 
_refine_ls_shell.d_res_low                        2.1340 
_refine_ls_shell.number_reflns_all                645 
_refine_ls_shell.number_reflns_obs                ? 
_refine_ls_shell.number_reflns_R_free             38 
_refine_ls_shell.number_reflns_R_work             607 
_refine_ls_shell.percent_reflns_obs               98.6200 
_refine_ls_shell.percent_reflns_R_free            ? 
_refine_ls_shell.R_factor_all                     ? 
_refine_ls_shell.R_factor_obs                     ? 
_refine_ls_shell.R_factor_R_free                  0.2290 
_refine_ls_shell.R_factor_R_free_error            0.0000 
_refine_ls_shell.R_factor_R_work                  0.1840 
_refine_ls_shell.redundancy_reflns_all            ? 
_refine_ls_shell.redundancy_reflns_obs            ? 
_refine_ls_shell.wR_factor_all                    ? 
_refine_ls_shell.wR_factor_obs                    ? 
_refine_ls_shell.wR_factor_R_free                 ? 
_refine_ls_shell.wR_factor_R_work                 ? 
_refine_ls_shell.pdbx_total_number_of_bins_used   20 
_refine_ls_shell.pdbx_phase_error                 ? 
_refine_ls_shell.pdbx_fsc_work                    ? 
_refine_ls_shell.pdbx_fsc_free                    ? 
# 
_struct.entry_id                     6PRH 
_struct.title                        'X-ray Crystal Structure of Bacillus subtilis RicA' 
_struct.pdbx_model_details           ? 
_struct.pdbx_formula_weight          ? 
_struct.pdbx_formula_weight_method   ? 
_struct.pdbx_model_type_details      ? 
_struct.pdbx_CASP_flag               N 
# 
_struct_keywords.entry_id        6PRH 
_struct_keywords.text            'RNA processing, biofilms, competence, sporulation, METAL BINDING PROTEIN' 
_struct_keywords.pdbx_keywords   'METAL BINDING PROTEIN' 
# 
loop_
_struct_asym.id 
_struct_asym.pdbx_blank_PDB_chainid_flag 
_struct_asym.pdbx_modified 
_struct_asym.entity_id 
_struct_asym.details 
A N N 1 ? 
B N N 2 ? 
C N N 3 ? 
# 
loop_
_struct_conf.conf_type_id 
_struct_conf.id 
_struct_conf.pdbx_PDB_helix_id 
_struct_conf.beg_label_comp_id 
_struct_conf.beg_label_asym_id 
_struct_conf.beg_label_seq_id 
_struct_conf.pdbx_beg_PDB_ins_code 
_struct_conf.end_label_comp_id 
_struct_conf.end_label_asym_id 
_struct_conf.end_label_seq_id 
_struct_conf.pdbx_end_PDB_ins_code 
_struct_conf.beg_auth_comp_id 
_struct_conf.beg_auth_asym_id 
_struct_conf.beg_auth_seq_id 
_struct_conf.end_auth_comp_id 
_struct_conf.end_auth_asym_id 
_struct_conf.end_auth_seq_id 
_struct_conf.pdbx_PDB_helix_class 
_struct_conf.details 
_struct_conf.pdbx_PDB_helix_length 
HELX_P HELX_P1 AA1 SER A 7  ? GLU A 24  ? SER A 5  GLU A 22  1 ? 18 
HELX_P HELX_P2 AA2 THR A 25 ? ASN A 39  ? THR A 23 ASN A 37  1 ? 15 
HELX_P HELX_P3 AA3 ASN A 41 ? TYR A 64  ? ASN A 39 TYR A 62  1 ? 24 
HELX_P HELX_P4 AA4 LYS A 66 ? ILE A 87  ? LYS A 64 ILE A 85  1 ? 22 
HELX_P HELX_P5 AA5 ILE A 87 ? THR A 123 ? ILE A 85 THR A 121 1 ? 37 
# 
_struct_conf_type.id          HELX_P 
_struct_conf_type.criteria    ? 
_struct_conf_type.reference   ? 
# 
_struct_site.id                   AC1 
_struct_site.pdbx_evidence_code   Software 
_struct_site.pdbx_auth_asym_id    A 
_struct_site.pdbx_auth_comp_id    CL 
_struct_site.pdbx_auth_seq_id     201 
_struct_site.pdbx_auth_ins_code   ? 
_struct_site.pdbx_num_residues    2 
_struct_site.details              'binding site for residue CL A 201' 
# 
loop_
_struct_site_gen.id 
_struct_site_gen.site_id 
_struct_site_gen.pdbx_num_res 
_struct_site_gen.label_comp_id 
_struct_site_gen.label_asym_id 
_struct_site_gen.label_seq_id 
_struct_site_gen.pdbx_auth_ins_code 
_struct_site_gen.auth_comp_id 
_struct_site_gen.auth_asym_id 
_struct_site_gen.auth_seq_id 
_struct_site_gen.label_atom_id 
_struct_site_gen.label_alt_id 
_struct_site_gen.symmetry 
_struct_site_gen.details 
1 AC1 2 ASN A 113 ? ASN A 111 . ? 1_554 ? 
2 AC1 2 ASN A 117 ? ASN A 115 . ? 2_556 ? 
# 
_atom_sites.entry_id                    6PRH 
_atom_sites.Cartn_transf_matrix[1][1]   ? 
_atom_sites.Cartn_transf_matrix[1][2]   ? 
_atom_sites.Cartn_transf_matrix[1][3]   ? 
_atom_sites.Cartn_transf_matrix[2][1]   ? 
_atom_sites.Cartn_transf_matrix[2][2]   ? 
_atom_sites.Cartn_transf_matrix[2][3]   ? 
_atom_sites.Cartn_transf_matrix[3][1]   ? 
_atom_sites.Cartn_transf_matrix[3][2]   ? 
_atom_sites.Cartn_transf_matrix[3][3]   ? 
_atom_sites.Cartn_transf_vector[1]      ? 
_atom_sites.Cartn_transf_vector[2]      ? 
_atom_sites.Cartn_transf_vector[3]      ? 
_atom_sites.fract_transf_matrix[1][1]   0.00092434 
_atom_sites.fract_transf_matrix[1][2]   0.00307624 
_atom_sites.fract_transf_matrix[1][3]   0.00860015 
_atom_sites.fract_transf_matrix[2][1]   0.00347450 
_atom_sites.fract_transf_matrix[2][2]   0.01761328 
_atom_sites.fract_transf_matrix[2][3]   -0.00667364 
_atom_sites.fract_transf_matrix[3][1]   -0.03570672 
_atom_sites.fract_transf_matrix[3][2]   0.00882441 
_atom_sites.fract_transf_matrix[3][3]   0.00469964 
_atom_sites.fract_transf_vector[1]      -0.098966 
_atom_sites.fract_transf_vector[2]      0.050811 
_atom_sites.fract_transf_vector[3]      0.181132 
_atom_sites.solution_primary            ? 
_atom_sites.solution_secondary          ? 
_atom_sites.solution_hydrogens          ? 
_atom_sites.special_details             ? 
# 
loop_
_atom_type.symbol 
C  
CL 
N  
O  
S  
# 
loop_
_atom_site.group_PDB 
_atom_site.id 
_atom_site.type_symbol 
_atom_site.label_atom_id 
_atom_site.label_alt_id 
_atom_site.label_comp_id 
_atom_site.label_asym_id 
_atom_site.label_entity_id 
_atom_site.label_seq_id 
_atom_site.pdbx_PDB_ins_code 
_atom_site.Cartn_x 
_atom_site.Cartn_y 
_atom_site.Cartn_z 
_atom_site.occupancy 
_atom_site.B_iso_or_equiv 
_atom_site.pdbx_formal_charge 
_atom_site.auth_seq_id 
_atom_site.auth_comp_id 
_atom_site.auth_asym_id 
_atom_site.auth_atom_id 
_atom_site.pdbx_PDB_model_num 
ATOM   1    N  N   . MET A 1 3   ? -14.570 -11.755 35.792  1.00 74.19 ? 1   MET A N   1 
ATOM   2    C  CA  . MET A 1 3   ? -13.666 -11.006 36.720  1.00 70.54 ? 1   MET A CA  1 
ATOM   3    C  C   . MET A 1 3   ? -12.559 -10.292 35.913  1.00 65.24 ? 1   MET A C   1 
ATOM   4    O  O   . MET A 1 3   ? -12.645 -9.060  35.766  1.00 62.65 ? 1   MET A O   1 
ATOM   5    C  CB  . MET A 1 3   ? -13.058 -11.952 37.768  1.00 70.90 ? 1   MET A CB  1 
ATOM   6    N  N   . THR A 1 4   ? -11.564 -11.021 35.393  1.00 59.52 ? 2   THR A N   1 
ATOM   7    C  CA  . THR A 1 4   ? -10.245 -10.454 34.981  1.00 55.85 ? 2   THR A CA  1 
ATOM   8    C  C   . THR A 1 4   ? -10.415 -9.696  33.641  1.00 45.34 ? 2   THR A C   1 
ATOM   9    O  O   . THR A 1 4   ? -11.094 -10.169 32.726  1.00 47.13 ? 2   THR A O   1 
ATOM   10   C  CB  . THR A 1 4   ? -9.156  -11.544 35.079  1.00 63.09 ? 2   THR A CB  1 
ATOM   11   O  OG1 . THR A 1 4   ? -8.006  -11.032 35.757  1.00 64.76 ? 2   THR A OG1 1 
ATOM   12   C  CG2 . THR A 1 4   ? -8.729  -12.119 33.749  1.00 63.57 ? 2   THR A CG2 1 
ATOM   13   N  N   . LEU A 1 5   ? -9.867  -8.495  33.558  1.00 38.94 ? 3   LEU A N   1 
ATOM   14   C  CA  . LEU A 1 5   ? -9.835  -7.695  32.310  1.00 37.10 ? 3   LEU A CA  1 
ATOM   15   C  C   . LEU A 1 5   ? -8.719  -8.231  31.433  1.00 39.24 ? 3   LEU A C   1 
ATOM   16   O  O   . LEU A 1 5   ? -7.679  -8.608  31.994  1.00 39.66 ? 3   LEU A O   1 
ATOM   17   C  CB  . LEU A 1 5   ? -9.577  -6.247  32.691  1.00 35.38 ? 3   LEU A CB  1 
ATOM   18   C  CG  . LEU A 1 5   ? -10.689 -5.639  33.519  1.00 35.24 ? 3   LEU A CG  1 
ATOM   19   C  CD1 . LEU A 1 5   ? -10.260 -4.301  34.075  1.00 37.51 ? 3   LEU A CD1 1 
ATOM   20   C  CD2 . LEU A 1 5   ? -11.951 -5.525  32.678  1.00 36.57 ? 3   LEU A CD2 1 
ATOM   21   N  N   . TYR A 1 6   ? -8.907  -8.218  30.120  1.00 33.44 ? 4   TYR A N   1 
ATOM   22   C  CA  . TYR A 1 6   ? -7.831  -8.544  29.152  1.00 33.39 ? 4   TYR A CA  1 
ATOM   23   C  C   . TYR A 1 6   ? -6.726  -7.497  29.233  1.00 33.39 ? 4   TYR A C   1 
ATOM   24   O  O   . TYR A 1 6   ? -6.991  -6.304  29.335  1.00 34.93 ? 4   TYR A O   1 
ATOM   25   C  CB  . TYR A 1 6   ? -8.378  -8.543  27.736  1.00 34.67 ? 4   TYR A CB  1 
ATOM   26   C  CG  . TYR A 1 6   ? -9.350  -9.641  27.469  1.00 32.54 ? 4   TYR A CG  1 
ATOM   27   C  CD1 . TYR A 1 6   ? -8.904  -10.839 26.937  1.00 36.11 ? 4   TYR A CD1 1 
ATOM   28   C  CD2 . TYR A 1 6   ? -10.710 -9.456  27.634  1.00 35.84 ? 4   TYR A CD2 1 
ATOM   29   C  CE1 . TYR A 1 6   ? -9.798  -11.857 26.636  1.00 36.17 ? 4   TYR A CE1 1 
ATOM   30   C  CE2 . TYR A 1 6   ? -11.613 -10.482 27.368  1.00 37.18 ? 4   TYR A CE2 1 
ATOM   31   C  CZ  . TYR A 1 6   ? -11.151 -11.682 26.869  1.00 33.30 ? 4   TYR A CZ  1 
ATOM   32   O  OH  . TYR A 1 6   ? -12.005 -12.701 26.584  1.00 39.76 ? 4   TYR A OH  1 
ATOM   33   N  N   . SER A 1 7   ? -5.493  -7.942  29.135  1.00 34.97 ? 5   SER A N   1 
ATOM   34   C  CA  . SER A 1 7   ? -4.316  -7.065  29.129  1.00 34.01 ? 5   SER A CA  1 
ATOM   35   C  C   . SER A 1 7   ? -4.092  -6.610  27.683  1.00 33.42 ? 5   SER A C   1 
ATOM   36   O  O   . SER A 1 7   ? -4.692  -7.189  26.768  1.00 27.40 ? 5   SER A O   1 
ATOM   37   C  CB  . SER A 1 7   ? -3.152  -7.813  29.651  1.00 35.52 ? 5   SER A CB  1 
ATOM   38   O  OG  . SER A 1 7   ? -2.739  -8.767  28.683  1.00 34.94 ? 5   SER A OG  1 
ATOM   39   N  N   . LYS A 1 8   ? -3.185  -5.678  27.460  1.00 27.60 ? 6   LYS A N   1 
ATOM   40   C  CA  . LYS A 1 8   ? -2.865  -5.262  26.077  1.00 30.75 ? 6   LYS A CA  1 
ATOM   41   C  C   . LYS A 1 8   ? -2.151  -6.370  25.309  1.00 28.26 ? 6   LYS A C   1 
ATOM   42   O  O   . LYS A 1 8   ? -2.384  -6.464  24.079  1.00 24.74 ? 6   LYS A O   1 
ATOM   43   C  CB  . LYS A 1 8   ? -2.068  -3.970  26.096  1.00 31.59 ? 6   LYS A CB  1 
ATOM   44   C  CG  . LYS A 1 8   ? -2.900  -2.772  26.472  1.00 35.98 ? 6   LYS A CG  1 
ATOM   45   C  CD  . LYS A 1 8   ? -2.131  -1.674  27.140  1.00 40.80 ? 6   LYS A CD  1 
ATOM   46   C  CE  . LYS A 1 8   ? -0.810  -1.313  26.527  1.00 39.01 ? 6   LYS A CE  1 
ATOM   47   N  NZ  . LYS A 1 8   ? -0.185  -0.241  27.332  1.00 41.11 ? 6   LYS A NZ  1 
ATOM   48   N  N   . LYS A 1 9   ? -1.297  -7.141  25.966  1.00 28.10 ? 7   LYS A N   1 
ATOM   49   C  CA  . LYS A 1 9   ? -0.678  -8.340  25.342  1.00 34.89 ? 7   LYS A CA  1 
ATOM   50   C  C   . LYS A 1 9   ? -1.762  -9.280  24.816  1.00 31.57 ? 7   LYS A C   1 
ATOM   51   O  O   . LYS A 1 9   ? -1.537  -9.826  23.740  1.00 37.98 ? 7   LYS A O   1 
ATOM   52   C  CB  . LYS A 1 9   ? 0.220   -9.162  26.286  1.00 39.41 ? 7   LYS A CB  1 
ATOM   53   C  CG  . LYS A 1 9   ? 1.148   -10.140 25.542  1.00 48.52 ? 7   LYS A CG  1 
ATOM   54   C  CD  . LYS A 1 9   ? 1.958   -11.197 26.364  1.00 56.77 ? 7   LYS A CD  1 
ATOM   55   C  CE  . LYS A 1 9   ? 1.202   -11.823 27.533  1.00 64.77 ? 7   LYS A CE  1 
ATOM   56   N  NZ  . LYS A 1 9   ? 1.186   -13.311 27.553  1.00 60.44 ? 7   LYS A NZ  1 
ATOM   57   N  N   . ASP A 1 10  ? -2.824  -9.545  25.591  1.00 32.40 ? 8   ASP A N   1 
ATOM   58   C  CA  . ASP A 1 10  ? -3.932  -10.449 25.178  1.00 32.36 ? 8   ASP A CA  1 
ATOM   59   C  C   . ASP A 1 10  ? -4.569  -9.852  23.902  1.00 32.33 ? 8   ASP A C   1 
ATOM   60   O  O   . ASP A 1 10  ? -4.827  -10.590 22.937  1.00 32.81 ? 8   ASP A O   1 
ATOM   61   C  CB  . ASP A 1 10  ? -5.007  -10.607 26.266  1.00 31.59 ? 8   ASP A CB  1 
ATOM   62   C  CG  . ASP A 1 10  ? -4.557  -11.159 27.620  1.00 36.10 ? 8   ASP A CG  1 
ATOM   63   O  OD1 . ASP A 1 10  ? -3.586  -11.980 27.669  1.00 35.77 ? 8   ASP A OD1 1 
ATOM   64   O  OD2 . ASP A 1 10  ? -5.165  -10.752 28.626  1.00 33.35 ? 8   ASP A OD2 1 
ATOM   65   N  N   . ILE A 1 11  ? -4.848  -8.551  23.905  1.00 29.92 ? 9   ILE A N   1 
ATOM   66   C  CA  . ILE A 1 11  ? -5.526  -7.897  22.741  1.00 28.23 ? 9   ILE A CA  1 
ATOM   67   C  C   . ILE A 1 11  ? -4.620  -8.086  21.521  1.00 25.60 ? 9   ILE A C   1 
ATOM   68   O  O   . ILE A 1 11  ? -5.096  -8.550  20.501  1.00 26.87 ? 9   ILE A O   1 
ATOM   69   C  CB  . ILE A 1 11  ? -5.830  -6.415  23.012  1.00 27.35 ? 9   ILE A CB  1 
ATOM   70   C  CG1 . ILE A 1 11  ? -6.802  -6.214  24.186  1.00 29.42 ? 9   ILE A CG1 1 
ATOM   71   C  CG2 . ILE A 1 11  ? -6.306  -5.692  21.732  1.00 26.41 ? 9   ILE A CG2 1 
ATOM   72   C  CD1 . ILE A 1 11  ? -8.054  -7.028  24.110  1.00 29.93 ? 9   ILE A CD1 1 
ATOM   73   N  N   . VAL A 1 12  ? -3.346  -7.738  21.651  1.00 26.64 ? 10  VAL A N   1 
ATOM   74   C  CA  . VAL A 1 12  ? -2.364  -7.786  20.537  1.00 26.87 ? 10  VAL A CA  1 
ATOM   75   C  C   . VAL A 1 12  ? -2.224  -9.220  20.051  1.00 29.22 ? 10  VAL A C   1 
ATOM   76   O  O   . VAL A 1 12  ? -2.168  -9.421  18.813  1.00 31.61 ? 10  VAL A O   1 
ATOM   77   C  CB  . VAL A 1 12  ? -1.017  -7.150  20.930  1.00 27.76 ? 10  VAL A CB  1 
ATOM   78   C  CG1 . VAL A 1 12  ? 0.061   -7.472  19.931  1.00 29.52 ? 10  VAL A CG1 1 
ATOM   79   C  CG2 . VAL A 1 12  ? -1.147  -5.654  21.046  1.00 29.99 ? 10  VAL A CG2 1 
ATOM   80   N  N   . GLN A 1 13  ? -2.116  -10.202 20.945  1.00 33.05 ? 11  GLN A N   1 
ATOM   81   C  CA  . GLN A 1 13  ? -2.053  -11.618 20.499  1.00 32.78 ? 11  GLN A CA  1 
ATOM   82   C  C   . GLN A 1 13  ? -3.278  -11.946 19.629  1.00 33.69 ? 11  GLN A C   1 
ATOM   83   O  O   . GLN A 1 13  ? -3.167  -12.701 18.634  1.00 28.27 ? 11  GLN A O   1 
ATOM   84   C  CB  . GLN A 1 13  ? -2.001  -12.543 21.710  1.00 39.51 ? 11  GLN A CB  1 
ATOM   85   C  CG  . GLN A 1 13  ? -0.602  -12.634 22.305  1.00 47.54 ? 11  GLN A CG  1 
ATOM   86   C  CD  . GLN A 1 13  ? -0.525  -13.552 23.506  1.00 55.78 ? 11  GLN A CD  1 
ATOM   87   O  OE1 . GLN A 1 13  ? 0.415   -14.327 23.651  1.00 62.66 ? 11  GLN A OE1 1 
ATOM   88   N  NE2 . GLN A 1 13  ? -1.515  -13.481 24.380  1.00 54.45 ? 11  GLN A NE2 1 
ATOM   89   N  N   . GLN A 1 14  ? -4.456  -11.459 19.992  1.00 30.38 ? 12  GLN A N   1 
ATOM   90   C  CA  . GLN A 1 14  ? -5.672  -11.814 19.207  1.00 31.47 ? 12  GLN A CA  1 
ATOM   91   C  C   . GLN A 1 14  ? -5.669  -10.994 17.909  1.00 30.55 ? 12  GLN A C   1 
ATOM   92   O  O   . GLN A 1 14  ? -6.129  -11.513 16.856  1.00 29.12 ? 12  GLN A O   1 
ATOM   93   C  CB  . GLN A 1 14  ? -6.929  -11.645 20.065  1.00 34.58 ? 12  GLN A CB  1 
ATOM   94   C  CG  . GLN A 1 14  ? -7.027  -12.690 21.181  1.00 45.02 ? 12  GLN A CG  1 
ATOM   95   C  CD  . GLN A 1 14  ? -6.747  -14.115 20.762  1.00 45.02 ? 12  GLN A CD  1 
ATOM   96   O  OE1 . GLN A 1 14  ? -7.314  -14.616 19.793  1.00 46.18 ? 12  GLN A OE1 1 
ATOM   97   N  NE2 . GLN A 1 14  ? -5.833  -14.761 21.473  1.00 48.30 ? 12  GLN A NE2 1 
ATOM   98   N  N   . ALA A 1 15  ? -5.088  -9.801  17.931  1.00 26.87 ? 13  ALA A N   1 
ATOM   99   C  CA  . ALA A 1 15  ? -4.932  -9.000  16.699  1.00 24.94 ? 13  ALA A CA  1 
ATOM   100  C  C   . ALA A 1 15  ? -4.037  -9.743  15.706  1.00 27.75 ? 13  ALA A C   1 
ATOM   101  O  O   . ALA A 1 15  ? -4.316  -9.707  14.487  1.00 26.55 ? 13  ALA A O   1 
ATOM   102  C  CB  . ALA A 1 15  ? -4.371  -7.656  17.023  1.00 24.78 ? 13  ALA A CB  1 
ATOM   103  N  N   . ARG A 1 16  ? -2.969  -10.372 16.179  1.00 27.03 ? 14  ARG A N   1 
ATOM   104  C  CA  . ARG A 1 16  ? -2.095  -11.208 15.299  1.00 27.05 ? 14  ARG A CA  1 
ATOM   105  C  C   . ARG A 1 16  ? -2.883  -12.422 14.770  1.00 26.37 ? 14  ARG A C   1 
ATOM   106  O  O   . ARG A 1 16  ? -2.592  -12.888 13.658  1.00 27.10 ? 14  ARG A O   1 
ATOM   107  C  CB  . ARG A 1 16  ? -0.888  -11.708 16.084  1.00 26.57 ? 14  ARG A CB  1 
ATOM   108  C  CG  . ARG A 1 16  ? 0.081   -10.618 16.522  1.00 28.24 ? 14  ARG A CG  1 
ATOM   109  C  CD  . ARG A 1 16  ? 1.438   -11.226 16.891  1.00 28.77 ? 14  ARG A CD  1 
ATOM   110  N  NE  . ARG A 1 16  ? 2.379   -10.247 17.417  1.00 24.75 ? 14  ARG A NE  1 
ATOM   111  C  CZ  . ARG A 1 16  ? 3.006   -9.319  16.706  1.00 27.10 ? 14  ARG A CZ  1 
ATOM   112  N  NH1 . ARG A 1 16  ? 3.835   -8.494  17.309  1.00 28.04 ? 14  ARG A NH1 1 
ATOM   113  N  NH2 . ARG A 1 16  ? 2.799   -9.196  15.406  1.00 34.12 ? 14  ARG A NH2 1 
ATOM   114  N  N   . ASN A 1 17  ? -3.852  -12.939 15.525  1.00 29.10 ? 15  ASN A N   1 
ATOM   115  C  CA  . ASN A 1 17  ? -4.675  -14.097 15.062  1.00 31.71 ? 15  ASN A CA  1 
ATOM   116  C  C   . ASN A 1 17  ? -5.559  -13.606 13.912  1.00 31.49 ? 15  ASN A C   1 
ATOM   117  O  O   . ASN A 1 17  ? -5.651  -14.293 12.907  1.00 31.36 ? 15  ASN A O   1 
ATOM   118  C  CB  . ASN A 1 17  ? -5.505  -14.734 16.182  1.00 32.02 ? 15  ASN A CB  1 
ATOM   119  C  CG  . ASN A 1 17  ? -4.678  -15.619 17.093  1.00 35.91 ? 15  ASN A CG  1 
ATOM   120  O  OD1 . ASN A 1 17  ? -3.626  -16.094 16.682  1.00 39.44 ? 15  ASN A OD1 1 
ATOM   121  N  ND2 . ASN A 1 17  ? -5.122  -15.799 18.327  1.00 38.23 ? 15  ASN A ND2 1 
ATOM   122  N  N   . LEU A 1 18  ? -6.144  -12.425 14.069  1.00 30.78 ? 16  LEU A N   1 
ATOM   123  C  CA  . LEU A 1 18  ? -7.008  -11.754 13.045  1.00 28.79 ? 16  LEU A CA  1 
ATOM   124  C  C   . LEU A 1 18  ? -6.215  -11.473 11.777  1.00 26.10 ? 16  LEU A C   1 
ATOM   125  O  O   . LEU A 1 18  ? -6.759  -11.666 10.674  1.00 28.73 ? 16  LEU A O   1 
ATOM   126  C  CB  . LEU A 1 18  ? -7.516  -10.446 13.628  1.00 30.70 ? 16  LEU A CB  1 
ATOM   127  C  CG  . LEU A 1 18  ? -8.955  -10.063 13.324  1.00 40.47 ? 16  LEU A CG  1 
ATOM   128  C  CD1 . LEU A 1 18  ? -9.115  -8.567  13.365  1.00 36.86 ? 16  LEU A CD1 1 
ATOM   129  C  CD2 . LEU A 1 18  ? -9.487  -10.672 12.039  1.00 39.22 ? 16  LEU A CD2 1 
ATOM   130  N  N   . ALA A 1 19  ? -5.005  -10.931 11.912  1.00 26.18 ? 17  ALA A N   1 
ATOM   131  C  CA  . ALA A 1 19  ? -4.077  -10.694 10.789  1.00 26.69 ? 17  ALA A CA  1 
ATOM   132  C  C   . ALA A 1 19  ? -3.820  -11.990 9.991   1.00 25.80 ? 17  ALA A C   1 
ATOM   133  O  O   . ALA A 1 19  ? -3.733  -11.947 8.746   1.00 26.05 ? 17  ALA A O   1 
ATOM   134  C  CB  . ALA A 1 19  ? -2.796  -10.117 11.330  1.00 25.78 ? 17  ALA A CB  1 
ATOM   135  N  N   . LYS A 1 20  ? -3.549  -13.096 10.672  1.00 29.10 ? 18  LYS A N   1 
ATOM   136  C  CA  . LYS A 1 20  ? -3.291  -14.402 9.992   1.00 31.11 ? 18  LYS A CA  1 
ATOM   137  C  C   . LYS A 1 20  ? -4.550  -14.811 9.213   1.00 28.33 ? 18  LYS A C   1 
ATOM   138  O  O   . LYS A 1 20  ? -4.413  -15.358 8.126   1.00 28.48 ? 18  LYS A O   1 
ATOM   139  C  CB  . LYS A 1 20  ? -2.872  -15.485 10.996  1.00 35.71 ? 18  LYS A CB  1 
ATOM   140  C  CG  . LYS A 1 20  ? -1.401  -15.398 11.366  1.00 47.40 ? 18  LYS A CG  1 
ATOM   141  C  CD  . LYS A 1 20  ? -0.966  -16.278 12.519  1.00 57.17 ? 18  LYS A CD  1 
ATOM   142  C  CE  . LYS A 1 20  ? 0.425   -15.910 13.004  1.00 63.60 ? 18  LYS A CE  1 
ATOM   143  N  NZ  . LYS A 1 20  ? 0.640   -16.281 14.425  1.00 66.56 ? 18  LYS A NZ  1 
ATOM   144  N  N   . MET A 1 21  ? -5.737  -14.570 9.752   1.00 27.19 ? 19  MET A N   1 
ATOM   145  C  CA  . MET A 1 21  ? -6.988  -14.880 9.017   1.00 31.16 ? 19  MET A CA  1 
ATOM   146  C  C   . MET A 1 21  ? -7.072  -13.957 7.798   1.00 29.84 ? 19  MET A C   1 
ATOM   147  O  O   . MET A 1 21  ? -7.487  -14.440 6.719   1.00 30.25 ? 19  MET A O   1 
ATOM   148  C  CB  . MET A 1 21  ? -8.244  -14.697 9.878   1.00 32.27 ? 19  MET A CB  1 
ATOM   149  C  CG  . MET A 1 21  ? -8.332  -15.669 11.034  1.00 34.40 ? 19  MET A CG  1 
ATOM   150  S  SD  . MET A 1 21  ? -9.665  -15.237 12.142  1.00 39.75 ? 19  MET A SD  1 
ATOM   151  C  CE  . MET A 1 21  ? -11.000 -14.841 11.016  1.00 49.04 ? 19  MET A CE  1 
ATOM   152  N  N   . ILE A 1 22  ? -6.696  -12.677 7.937   1.00 27.69 ? 20  ILE A N   1 
ATOM   153  C  CA  . ILE A 1 22  ? -6.767  -11.705 6.798   1.00 25.77 ? 20  ILE A CA  1 
ATOM   154  C  C   . ILE A 1 22  ? -5.788  -12.146 5.703   1.00 25.24 ? 20  ILE A C   1 
ATOM   155  O  O   . ILE A 1 22  ? -6.110  -12.022 4.489   1.00 26.35 ? 20  ILE A O   1 
ATOM   156  C  CB  . ILE A 1 22  ? -6.506  -10.268 7.266   1.00 27.55 ? 20  ILE A CB  1 
ATOM   157  C  CG1 . ILE A 1 22  ? -7.677  -9.761  8.111   1.00 28.75 ? 20  ILE A CG1 1 
ATOM   158  C  CG2 . ILE A 1 22  ? -6.218  -9.374  6.060   1.00 29.17 ? 20  ILE A CG2 1 
ATOM   159  C  CD1 . ILE A 1 22  ? -7.397  -8.500  8.887   1.00 28.30 ? 20  ILE A CD1 1 
ATOM   160  N  N   . SER A 1 23  ? -4.647  -12.699 6.098   1.00 26.60 ? 21  SER A N   1 
ATOM   161  C  CA  . SER A 1 23  ? -3.600  -13.190 5.160   1.00 28.28 ? 21  SER A CA  1 
ATOM   162  C  C   . SER A 1 23  ? -4.148  -14.349 4.312   1.00 30.55 ? 21  SER A C   1 
ATOM   163  O  O   . SER A 1 23  ? -3.567  -14.621 3.276   1.00 30.63 ? 21  SER A O   1 
ATOM   164  C  CB  . SER A 1 23  ? -2.365  -13.599 5.941   1.00 32.65 ? 21  SER A CB  1 
ATOM   165  O  OG  . SER A 1 23  ? -1.785  -12.448 6.571   1.00 30.89 ? 21  SER A OG  1 
ATOM   166  N  N   . GLU A 1 24  ? -5.183  -15.051 4.791   1.00 31.51 ? 22  GLU A N   1 
ATOM   167  C  CA  . GLU A 1 24  ? -5.797  -16.230 4.128   1.00 32.50 ? 22  GLU A CA  1 
ATOM   168  C  C   . GLU A 1 24  ? -7.196  -15.817 3.656   1.00 29.67 ? 22  GLU A C   1 
ATOM   169  O  O   . GLU A 1 24  ? -8.174  -16.557 3.921   1.00 32.00 ? 22  GLU A O   1 
ATOM   170  C  CB  . GLU A 1 24  ? -5.806  -17.427 5.086   1.00 33.75 ? 22  GLU A CB  1 
ATOM   171  C  CG  . GLU A 1 24  ? -4.433  -17.710 5.694   1.00 42.79 ? 22  GLU A CG  1 
ATOM   172  C  CD  . GLU A 1 24  ? -4.446  -18.661 6.881   1.00 60.06 ? 22  GLU A CD  1 
ATOM   173  O  OE1 . GLU A 1 24  ? -4.907  -18.258 7.989   1.00 63.03 ? 22  GLU A OE1 1 
ATOM   174  O  OE2 . GLU A 1 24  ? -3.987  -19.804 6.705   1.00 73.30 ? 22  GLU A OE2 1 
ATOM   175  N  N   . THR A 1 25  ? -7.291  -14.677 2.991   1.00 26.16 ? 23  THR A N   1 
ATOM   176  C  CA  . THR A 1 25  ? -8.546  -14.192 2.371   1.00 29.15 ? 23  THR A CA  1 
ATOM   177  C  C   . THR A 1 25  ? -8.389  -14.264 0.849   1.00 31.94 ? 23  THR A C   1 
ATOM   178  O  O   . THR A 1 25  ? -7.258  -14.301 0.406   1.00 28.18 ? 23  THR A O   1 
ATOM   179  C  CB  . THR A 1 25  ? -8.884  -12.773 2.833   1.00 28.28 ? 23  THR A CB  1 
ATOM   180  O  OG1 . THR A 1 25  ? -7.745  -11.923 2.648   1.00 25.89 ? 23  THR A OG1 1 
ATOM   181  C  CG2 . THR A 1 25  ? -9.389  -12.729 4.251   1.00 27.86 ? 23  THR A CG2 1 
ATOM   182  N  N   . GLU A 1 26  ? -9.479  -14.168 0.069   1.00 30.33 ? 24  GLU A N   1 
ATOM   183  C  CA  . GLU A 1 26  ? -9.388  -14.005 -1.395  1.00 32.34 ? 24  GLU A CA  1 
ATOM   184  C  C   . GLU A 1 26  ? -8.758  -12.651 -1.724  1.00 28.83 ? 24  GLU A C   1 
ATOM   185  O  O   . GLU A 1 26  ? -8.051  -12.535 -2.744  1.00 28.43 ? 24  GLU A O   1 
ATOM   186  C  CB  . GLU A 1 26  ? -10.757 -14.102 -2.055  1.00 36.87 ? 24  GLU A CB  1 
ATOM   187  C  CG  . GLU A 1 26  ? -11.406 -15.444 -1.854  1.00 43.52 ? 24  GLU A CG  1 
ATOM   188  C  CD  . GLU A 1 26  ? -12.757 -15.548 -2.538  1.00 47.09 ? 24  GLU A CD  1 
ATOM   189  O  OE1 . GLU A 1 26  ? -13.406 -14.505 -2.711  1.00 47.23 ? 24  GLU A OE1 1 
ATOM   190  O  OE2 . GLU A 1 26  ? -13.138 -16.673 -2.913  1.00 65.02 ? 24  GLU A OE2 1 
ATOM   191  N  N   . GLU A 1 27  ? -8.979  -11.646 -0.883  1.00 25.40 ? 25  GLU A N   1 
ATOM   192  C  CA  . GLU A 1 27  ? -8.422  -10.291 -1.132  1.00 26.37 ? 25  GLU A CA  1 
ATOM   193  C  C   . GLU A 1 27  ? -6.889  -10.381 -1.156  1.00 25.62 ? 25  GLU A C   1 
ATOM   194  O  O   . GLU A 1 27  ? -6.255  -9.848  -2.092  1.00 25.48 ? 25  GLU A O   1 
ATOM   195  C  CB  . GLU A 1 27  ? -8.969  -9.314  -0.088  1.00 28.96 ? 25  GLU A CB  1 
ATOM   196  C  CG  . GLU A 1 27  ? -10.458 -8.985  -0.294  1.00 31.13 ? 25  GLU A CG  1 
ATOM   197  C  CD  . GLU A 1 27  ? -11.472 -10.063 0.089   1.00 35.85 ? 25  GLU A CD  1 
ATOM   198  O  OE1 . GLU A 1 27  ? -12.625 -9.952  -0.374  1.00 39.49 ? 25  GLU A OE1 1 
ATOM   199  O  OE2 . GLU A 1 27  ? -11.137 -10.997 0.871   1.00 34.60 ? 25  GLU A OE2 1 
ATOM   200  N  N   . VAL A 1 28  ? -6.285  -10.958 -0.124  1.00 29.68 ? 26  VAL A N   1 
ATOM   201  C  CA  . VAL A 1 28  ? -4.794  -11.024 -0.031  1.00 30.30 ? 26  VAL A CA  1 
ATOM   202  C  C   . VAL A 1 28  ? -4.288  -12.023 -1.083  1.00 31.30 ? 26  VAL A C   1 
ATOM   203  O  O   . VAL A 1 28  ? -3.277  -11.741 -1.788  1.00 33.82 ? 26  VAL A O   1 
ATOM   204  C  CB  . VAL A 1 28  ? -4.314  -11.370 1.387   1.00 31.32 ? 26  VAL A CB  1 
ATOM   205  C  CG1 . VAL A 1 28  ? -2.843  -11.712 1.364   1.00 30.68 ? 26  VAL A CG1 1 
ATOM   206  C  CG2 . VAL A 1 28  ? -4.593  -10.225 2.372   1.00 31.27 ? 26  VAL A CG2 1 
ATOM   207  N  N   . ASP A 1 29  ? -5.033  -13.096 -1.299  1.00 34.48 ? 27  ASP A N   1 
ATOM   208  C  CA  . ASP A 1 29  ? -4.737  -14.041 -2.405  1.00 34.64 ? 27  ASP A CA  1 
ATOM   209  C  C   . ASP A 1 29  ? -4.635  -13.300 -3.750  1.00 34.02 ? 27  ASP A C   1 
ATOM   210  O  O   . ASP A 1 29  ? -3.674  -13.542 -4.484  1.00 33.19 ? 27  ASP A O   1 
ATOM   211  C  CB  . ASP A 1 29  ? -5.778  -15.149 -2.459  1.00 40.09 ? 27  ASP A CB  1 
ATOM   212  C  CG  . ASP A 1 29  ? -5.101  -16.472 -2.708  1.00 52.11 ? 27  ASP A CG  1 
ATOM   213  O  OD1 . ASP A 1 29  ? -4.660  -16.678 -3.852  1.00 51.83 ? 27  ASP A OD1 1 
ATOM   214  O  OD2 . ASP A 1 29  ? -4.933  -17.224 -1.724  1.00 69.32 ? 27  ASP A OD2 1 
ATOM   215  N  N   . PHE A 1 30  ? -5.636  -12.499 -4.124  1.00 33.78 ? 28  PHE A N   1 
ATOM   216  C  CA  . PHE A 1 30  ? -5.670  -11.683 -5.370  1.00 34.28 ? 28  PHE A CA  1 
ATOM   217  C  C   . PHE A 1 30  ? -4.471  -10.712 -5.420  1.00 37.96 ? 28  PHE A C   1 
ATOM   218  O  O   . PHE A 1 30  ? -3.883  -10.524 -6.508  1.00 33.69 ? 28  PHE A O   1 
ATOM   219  C  CB  . PHE A 1 30  ? -7.004  -10.941 -5.445  1.00 36.10 ? 28  PHE A CB  1 
ATOM   220  C  CG  . PHE A 1 30  ? -7.171  -9.876  -6.498  1.00 41.56 ? 28  PHE A CG  1 
ATOM   221  C  CD1 . PHE A 1 30  ? -6.664  -10.036 -7.777  1.00 42.81 ? 28  PHE A CD1 1 
ATOM   222  C  CD2 . PHE A 1 30  ? -7.935  -8.744  -6.232  1.00 44.58 ? 28  PHE A CD2 1 
ATOM   223  C  CE1 . PHE A 1 30  ? -6.859  -9.054  -8.741  1.00 44.87 ? 28  PHE A CE1 1 
ATOM   224  C  CE2 . PHE A 1 30  ? -8.139  -7.766  -7.201  1.00 44.70 ? 28  PHE A CE2 1 
ATOM   225  C  CZ  . PHE A 1 30  ? -7.602  -7.924  -8.458  1.00 47.54 ? 28  PHE A CZ  1 
ATOM   226  N  N   . PHE A 1 31  ? -4.140  -10.064 -4.300  1.00 33.72 ? 29  PHE A N   1 
ATOM   227  C  CA  . PHE A 1 31  ? -3.001  -9.103  -4.224  1.00 33.10 ? 29  PHE A CA  1 
ATOM   228  C  C   . PHE A 1 31  ? -1.691  -9.830  -4.566  1.00 30.33 ? 29  PHE A C   1 
ATOM   229  O  O   . PHE A 1 31  ? -0.913  -9.306  -5.390  1.00 29.44 ? 29  PHE A O   1 
ATOM   230  C  CB  . PHE A 1 31  ? -2.898  -8.459  -2.840  1.00 36.30 ? 29  PHE A CB  1 
ATOM   231  C  CG  . PHE A 1 31  ? -1.729  -7.531  -2.654  1.00 37.34 ? 29  PHE A CG  1 
ATOM   232  C  CD1 . PHE A 1 31  ? -0.488  -8.024  -2.280  1.00 43.52 ? 29  PHE A CD1 1 
ATOM   233  C  CD2 . PHE A 1 31  ? -1.829  -6.196  -2.978  1.00 49.30 ? 29  PHE A CD2 1 
ATOM   234  C  CE1 . PHE A 1 31  ? 0.606   -7.185  -2.167  1.00 44.51 ? 29  PHE A CE1 1 
ATOM   235  C  CE2 . PHE A 1 31  ? -0.737  -5.355  -2.841  1.00 50.50 ? 29  PHE A CE2 1 
ATOM   236  C  CZ  . PHE A 1 31  ? 0.475   -5.851  -2.429  1.00 48.66 ? 29  PHE A CZ  1 
ATOM   237  N  N   . LYS A 1 32  ? -1.437  -10.962 -3.915  1.00 28.67 ? 30  LYS A N   1 
ATOM   238  C  CA  . LYS A 1 32  ? -0.229  -11.793 -4.142  1.00 30.92 ? 30  LYS A CA  1 
ATOM   239  C  C   . LYS A 1 32  ? -0.169  -12.175 -5.623  1.00 32.92 ? 30  LYS A C   1 
ATOM   240  O  O   . LYS A 1 32  ? 0.901   -12.008 -6.216  1.00 34.01 ? 30  LYS A O   1 
ATOM   241  C  CB  . LYS A 1 32  ? -0.209  -13.035 -3.260  1.00 31.24 ? 30  LYS A CB  1 
ATOM   242  C  CG  . LYS A 1 32  ? -0.008  -12.763 -1.784  1.00 33.36 ? 30  LYS A CG  1 
ATOM   243  C  CD  . LYS A 1 32  ? 0.138   -14.030 -1.000  1.00 32.31 ? 30  LYS A CD  1 
ATOM   244  C  CE  . LYS A 1 32  ? -0.088  -13.813 0.475   1.00 38.00 ? 30  LYS A CE  1 
ATOM   245  N  NZ  . LYS A 1 32  ? 0.072   -15.070 1.252   1.00 39.26 ? 30  LYS A NZ  1 
ATOM   246  N  N   . ARG A 1 33  ? -1.279  -12.647 -6.207  1.00 31.20 ? 31  ARG A N   1 
ATOM   247  C  CA  . ARG A 1 33  ? -1.303  -13.051 -7.636  1.00 34.14 ? 31  ARG A CA  1 
ATOM   248  C  C   . ARG A 1 33  ? -1.095  -11.831 -8.545  1.00 33.91 ? 31  ARG A C   1 
ATOM   249  O  O   . ARG A 1 33  ? -0.278  -11.961 -9.499  1.00 32.62 ? 31  ARG A O   1 
ATOM   250  C  CB  . ARG A 1 33  ? -2.577  -13.838 -7.919  1.00 30.65 ? 31  ARG A CB  1 
ATOM   251  C  CG  . ARG A 1 33  ? -2.646  -15.093 -7.054  1.00 35.32 ? 31  ARG A CG  1 
ATOM   252  C  CD  . ARG A 1 33  ? -3.986  -15.799 -7.130  1.00 37.97 ? 31  ARG A CD  1 
ATOM   253  N  NE  . ARG A 1 33  ? -4.213  -16.149 -8.522  1.00 36.03 ? 31  ARG A NE  1 
ATOM   254  C  CZ  . ARG A 1 33  ? -5.393  -16.351 -9.081  1.00 43.41 ? 31  ARG A CZ  1 
ATOM   255  N  NH1 . ARG A 1 33  ? -6.506  -16.223 -8.383  1.00 45.52 ? 31  ARG A NH1 1 
ATOM   256  N  NH2 . ARG A 1 33  ? -5.458  -16.679 -10.357 1.00 45.84 ? 31  ARG A NH2 1 
ATOM   257  N  N   . ALA A 1 34  ? -1.698  -10.679 -8.222  1.00 28.79 ? 32  ALA A N   1 
ATOM   258  C  CA  . ALA A 1 34  ? -1.588  -9.452  -9.040  1.00 29.05 ? 32  ALA A CA  1 
ATOM   259  C  C   . ALA A 1 34  ? -0.151  -8.910  -8.924  1.00 30.05 ? 32  ALA A C   1 
ATOM   260  O  O   . ALA A 1 34  ? 0.393   -8.425  -9.926  1.00 30.97 ? 32  ALA A O   1 
ATOM   261  C  CB  . ALA A 1 34  ? -2.625  -8.414  -8.641  1.00 32.87 ? 32  ALA A CB  1 
ATOM   262  N  N   . GLU A 1 35  ? 0.484   -9.045  -7.764  1.00 27.59 ? 33  GLU A N   1 
ATOM   263  C  CA  . GLU A 1 35  ? 1.862   -8.540  -7.554  1.00 26.68 ? 33  GLU A CA  1 
ATOM   264  C  C   . GLU A 1 35  ? 2.827   -9.406  -8.390  1.00 33.28 ? 33  GLU A C   1 
ATOM   265  O  O   . GLU A 1 35  ? 3.758   -8.852  -9.011  1.00 27.61 ? 33  GLU A O   1 
ATOM   266  C  CB  . GLU A 1 35  ? 2.196   -8.561  -6.073  1.00 28.85 ? 33  GLU A CB  1 
ATOM   267  C  CG  . GLU A 1 35  ? 3.453   -7.801  -5.718  1.00 35.34 ? 33  GLU A CG  1 
ATOM   268  C  CD  . GLU A 1 35  ? 4.749   -8.579  -5.868  1.00 44.02 ? 33  GLU A CD  1 
ATOM   269  O  OE1 . GLU A 1 35  ? 4.699   -9.842  -5.944  1.00 52.84 ? 33  GLU A OE1 1 
ATOM   270  O  OE2 . GLU A 1 35  ? 5.821   -7.932  -5.841  1.00 56.71 ? 33  GLU A OE2 1 
ATOM   271  N  N   . ALA A 1 36  ? 2.639   -10.727 -8.416  1.00 33.06 ? 34  ALA A N   1 
ATOM   272  C  CA  . ALA A 1 36  ? 3.534   -11.638 -9.172  1.00 36.10 ? 34  ALA A CA  1 
ATOM   273  C  C   . ALA A 1 36  ? 3.476   -11.281 -10.662 1.00 35.77 ? 34  ALA A C   1 
ATOM   274  O  O   . ALA A 1 36  ? 4.518   -11.365 -11.312 1.00 37.35 ? 34  ALA A O   1 
ATOM   275  C  CB  . ALA A 1 36  ? 3.187   -13.080 -8.918  1.00 37.49 ? 34  ALA A CB  1 
ATOM   276  N  N   . GLN A 1 37  ? 2.320   -10.842 -11.181 1.00 35.27 ? 35  GLN A N   1 
ATOM   277  C  CA  . GLN A 1 37  ? 2.174   -10.512 -12.619 1.00 35.26 ? 35  GLN A CA  1 
ATOM   278  C  C   . GLN A 1 37  ? 2.974   -9.254  -12.962 1.00 40.31 ? 35  GLN A C   1 
ATOM   279  O  O   . GLN A 1 37  ? 3.649   -9.266  -14.000 1.00 35.45 ? 35  GLN A O   1 
ATOM   280  C  CB  . GLN A 1 37  ? 0.715   -10.417 -13.039 1.00 35.85 ? 35  GLN A CB  1 
ATOM   281  C  CG  . GLN A 1 37  ? 0.002   -11.766 -12.924 1.00 39.74 ? 35  GLN A CG  1 
ATOM   282  C  CD  . GLN A 1 37  ? 0.586   -12.793 -13.870 1.00 43.19 ? 35  GLN A CD  1 
ATOM   283  O  OE1 . GLN A 1 37  ? 0.841   -12.514 -15.037 1.00 47.03 ? 35  GLN A OE1 1 
ATOM   284  N  NE2 . GLN A 1 37  ? 0.841   -13.985 -13.361 1.00 43.01 ? 35  GLN A NE2 1 
ATOM   285  N  N   . ILE A 1 38  ? 2.996   -8.244  -12.099 1.00 43.09 ? 36  ILE A N   1 
ATOM   286  C  CA  . ILE A 1 38  ? 3.703   -6.974  -12.431 1.00 39.64 ? 36  ILE A CA  1 
ATOM   287  C  C   . ILE A 1 38  ? 5.189   -7.292  -12.608 1.00 42.84 ? 36  ILE A C   1 
ATOM   288  O  O   . ILE A 1 38  ? 5.783   -6.809  -13.587 1.00 45.10 ? 36  ILE A O   1 
ATOM   289  C  CB  . ILE A 1 38  ? 3.410   -5.837  -11.431 1.00 43.01 ? 36  ILE A CB  1 
ATOM   290  C  CG1 . ILE A 1 38  ? 3.914   -6.092  -10.013 1.00 47.27 ? 36  ILE A CG1 1 
ATOM   291  C  CG2 . ILE A 1 38  ? 1.920   -5.522  -11.421 1.00 44.02 ? 36  ILE A CG2 1 
ATOM   292  C  CD1 . ILE A 1 38  ? 3.610   -4.936  -9.069  1.00 46.50 ? 36  ILE A CD1 1 
ATOM   293  N  N   . ASN A 1 39  ? 5.738   -8.158  -11.768 1.00 41.46 ? 37  ASN A N   1 
ATOM   294  C  CA  . ASN A 1 39  ? 7.170   -8.559  -11.818 1.00 45.00 ? 37  ASN A CA  1 
ATOM   295  C  C   . ASN A 1 39  ? 7.513   -9.360  -13.089 1.00 46.04 ? 37  ASN A C   1 
ATOM   296  O  O   . ASN A 1 39  ? 8.686   -9.583  -13.280 1.00 53.72 ? 37  ASN A O   1 
ATOM   297  C  CB  . ASN A 1 39  ? 7.541   -9.296  -10.534 1.00 49.99 ? 37  ASN A CB  1 
ATOM   298  C  CG  . ASN A 1 39  ? 7.301   -8.428  -9.319  1.00 55.50 ? 37  ASN A CG  1 
ATOM   299  O  OD1 . ASN A 1 39  ? 7.687   -7.256  -9.295  1.00 65.05 ? 37  ASN A OD1 1 
ATOM   300  N  ND2 . ASN A 1 39  ? 6.668   -8.982  -8.306  1.00 57.78 ? 37  ASN A ND2 1 
ATOM   301  N  N   . GLU A 1 40  ? 6.538   -9.771  -13.911 1.00 50.69 ? 38  GLU A N   1 
ATOM   302  C  CA  . GLU A 1 40  ? 6.745   -10.554 -15.156 1.00 50.43 ? 38  GLU A CA  1 
ATOM   303  C  C   . GLU A 1 40  ? 6.370   -9.719  -16.379 1.00 51.53 ? 38  GLU A C   1 
ATOM   304  O  O   . GLU A 1 40  ? 6.233   -10.322 -17.471 1.00 51.22 ? 38  GLU A O   1 
ATOM   305  C  CB  . GLU A 1 40  ? 5.843   -11.790 -15.221 1.00 62.28 ? 38  GLU A CB  1 
ATOM   306  C  CG  . GLU A 1 40  ? 5.660   -12.527 -13.909 1.00 66.09 ? 38  GLU A CG  1 
ATOM   307  C  CD  . GLU A 1 40  ? 6.608   -13.687 -13.672 1.00 73.31 ? 38  GLU A CD  1 
ATOM   308  O  OE1 . GLU A 1 40  ? 7.832   -13.448 -13.646 1.00 73.52 ? 38  GLU A OE1 1 
ATOM   309  O  OE2 . GLU A 1 40  ? 6.115   -14.833 -13.512 1.00 82.76 ? 38  GLU A OE2 1 
ATOM   310  N  N   . ASN A 1 41  ? 6.151   -8.409  -16.223 1.00 40.88 ? 39  ASN A N   1 
ATOM   311  C  CA  . ASN A 1 41  ? 5.717   -7.540  -17.343 1.00 42.21 ? 39  ASN A CA  1 
ATOM   312  C  C   . ASN A 1 41  ? 6.910   -6.690  -17.820 1.00 44.42 ? 39  ASN A C   1 
ATOM   313  O  O   . ASN A 1 41  ? 7.529   -5.929  -16.997 1.00 34.56 ? 39  ASN A O   1 
ATOM   314  C  CB  . ASN A 1 41  ? 4.465   -6.733  -16.994 1.00 40.48 ? 39  ASN A CB  1 
ATOM   315  C  CG  . ASN A 1 41  ? 4.007   -5.865  -18.138 1.00 37.99 ? 39  ASN A CG  1 
ATOM   316  O  OD1 . ASN A 1 41  ? 4.677   -4.913  -18.495 1.00 40.03 ? 39  ASN A OD1 1 
ATOM   317  N  ND2 . ASN A 1 41  ? 2.849   -6.143  -18.706 1.00 37.39 ? 39  ASN A ND2 1 
ATOM   318  N  N   . ASP A 1 42  ? 7.206   -6.805  -19.118 1.00 44.59 ? 40  ASP A N   1 
ATOM   319  C  CA  . ASP A 1 42  ? 8.393   -6.190  -19.776 1.00 45.92 ? 40  ASP A CA  1 
ATOM   320  C  C   . ASP A 1 42  ? 8.270   -4.674  -19.772 1.00 43.89 ? 40  ASP A C   1 
ATOM   321  O  O   . ASP A 1 42  ? 9.296   -4.013  -19.534 1.00 42.15 ? 40  ASP A O   1 
ATOM   322  C  CB  . ASP A 1 42  ? 8.535   -6.621  -21.232 1.00 49.33 ? 40  ASP A CB  1 
ATOM   323  C  CG  . ASP A 1 42  ? 9.250   -7.946  -21.384 1.00 60.88 ? 40  ASP A CG  1 
ATOM   324  O  OD1 . ASP A 1 42  ? 9.970   -8.339  -20.443 1.00 65.61 ? 40  ASP A OD1 1 
ATOM   325  O  OD2 . ASP A 1 42  ? 9.079   -8.570  -22.436 1.00 68.81 ? 40  ASP A OD2 1 
ATOM   326  N  N   . LYS A 1 43  ? 7.090   -4.142  -20.101 1.00 38.33 ? 41  LYS A N   1 
ATOM   327  C  CA  . LYS A 1 43  ? 6.884   -2.672  -20.119 1.00 44.28 ? 41  LYS A CA  1 
ATOM   328  C  C   . LYS A 1 43  ? 7.081   -2.131  -18.691 1.00 43.83 ? 41  LYS A C   1 
ATOM   329  O  O   . LYS A 1 43  ? 7.672   -1.037  -18.568 1.00 40.52 ? 41  LYS A O   1 
ATOM   330  C  CB  . LYS A 1 43  ? 5.532   -2.240  -20.699 1.00 46.01 ? 41  LYS A CB  1 
ATOM   331  C  CG  . LYS A 1 43  ? 5.418   -0.727  -20.842 1.00 53.09 ? 41  LYS A CG  1 
ATOM   332  C  CD  . LYS A 1 43  ? 4.243   -0.214  -21.649 1.00 57.03 ? 41  LYS A CD  1 
ATOM   333  C  CE  . LYS A 1 43  ? 4.635   0.892   -22.604 1.00 64.51 ? 41  LYS A CE  1 
ATOM   334  N  NZ  . LYS A 1 43  ? 5.427   0.368   -23.751 1.00 62.12 ? 41  LYS A NZ  1 
ATOM   335  N  N   . VAL A 1 44  ? 6.602   -2.851  -17.662 1.00 40.63 ? 42  VAL A N   1 
ATOM   336  C  CA  . VAL A 1 44  ? 6.758   -2.431  -16.234 1.00 38.25 ? 42  VAL A CA  1 
ATOM   337  C  C   . VAL A 1 44  ? 8.260   -2.358  -15.949 1.00 41.99 ? 42  VAL A C   1 
ATOM   338  O  O   . VAL A 1 44  ? 8.741   -1.329  -15.406 1.00 35.88 ? 42  VAL A O   1 
ATOM   339  C  CB  . VAL A 1 44  ? 6.064   -3.368  -15.232 1.00 34.10 ? 42  VAL A CB  1 
ATOM   340  C  CG1 . VAL A 1 44  ? 6.481   -3.028  -13.811 1.00 31.93 ? 42  VAL A CG1 1 
ATOM   341  C  CG2 . VAL A 1 44  ? 4.539   -3.380  -15.383 1.00 33.41 ? 42  VAL A CG2 1 
ATOM   342  N  N   . SER A 1 45  ? 8.971   -3.432  -16.273 1.00 39.88 ? 43  SER A N   1 
ATOM   343  C  CA  . SER A 1 45  ? 10.449  -3.533  -16.114 1.00 48.92 ? 43  SER A CA  1 
ATOM   344  C  C   . SER A 1 45  ? 11.159  -2.291  -16.703 1.00 43.40 ? 43  SER A C   1 
ATOM   345  O  O   . SER A 1 45  ? 11.963  -1.646  -15.996 1.00 41.65 ? 43  SER A O   1 
ATOM   346  C  CB  . SER A 1 45  ? 10.929  -4.812  -16.757 1.00 51.19 ? 43  SER A CB  1 
ATOM   347  O  OG  . SER A 1 45  ? 12.104  -5.256  -16.113 1.00 57.92 ? 43  SER A OG  1 
ATOM   348  N  N   . THR A 1 46  ? 10.875  -1.977  -17.967 1.00 41.76 ? 44  THR A N   1 
ATOM   349  C  CA  . THR A 1 46  ? 11.487  -0.857  -18.736 1.00 46.17 ? 44  THR A CA  1 
ATOM   350  C  C   . THR A 1 46  ? 11.239  0.465   -18.013 1.00 45.53 ? 44  THR A C   1 
ATOM   351  O  O   . THR A 1 46  ? 12.212  1.244   -17.836 1.00 46.99 ? 44  THR A O   1 
ATOM   352  C  CB  . THR A 1 46  ? 10.878  -0.726  -20.136 1.00 48.47 ? 44  THR A CB  1 
ATOM   353  O  OG1 . THR A 1 46  ? 11.100  -1.951  -20.832 1.00 47.19 ? 44  THR A OG1 1 
ATOM   354  C  CG2 . THR A 1 46  ? 11.451  0.439   -20.917 1.00 49.53 ? 44  THR A CG2 1 
ATOM   355  N  N   . ILE A 1 47  ? 9.979   0.738   -17.651 1.00 40.44 ? 45  ILE A N   1 
ATOM   356  C  CA  . ILE A 1 47  ? 9.613   2.026   -17.007 1.00 38.46 ? 45  ILE A CA  1 
ATOM   357  C  C   . ILE A 1 47  ? 10.268  2.085   -15.625 1.00 40.88 ? 45  ILE A C   1 
ATOM   358  O  O   . ILE A 1 47  ? 10.887  3.115   -15.315 1.00 41.13 ? 45  ILE A O   1 
ATOM   359  C  CB  . ILE A 1 47  ? 8.096   2.273   -16.962 1.00 39.31 ? 45  ILE A CB  1 
ATOM   360  C  CG1 . ILE A 1 47  ? 7.543   2.495   -18.371 1.00 45.67 ? 45  ILE A CG1 1 
ATOM   361  C  CG2 . ILE A 1 47  ? 7.779   3.453   -16.049 1.00 40.54 ? 45  ILE A CG2 1 
ATOM   362  C  CD1 . ILE A 1 47  ? 6.063   2.258   -18.523 1.00 43.42 ? 45  ILE A CD1 1 
ATOM   363  N  N   . VAL A 1 48  ? 10.152  1.049   -14.803 1.00 37.70 ? 46  VAL A N   1 
ATOM   364  C  CA  . VAL A 1 48  ? 10.772  1.089   -13.449 1.00 38.94 ? 46  VAL A CA  1 
ATOM   365  C  C   . VAL A 1 48  ? 12.288  1.372   -13.598 1.00 36.09 ? 46  VAL A C   1 
ATOM   366  O  O   . VAL A 1 48  ? 12.830  2.228   -12.861 1.00 37.07 ? 46  VAL A O   1 
ATOM   367  C  CB  . VAL A 1 48  ? 10.450  -0.196  -12.660 1.00 37.97 ? 46  VAL A CB  1 
ATOM   368  C  CG1 . VAL A 1 48  ? 11.340  -0.362  -11.445 1.00 38.76 ? 46  VAL A CG1 1 
ATOM   369  C  CG2 . VAL A 1 48  ? 8.983   -0.244  -12.259 1.00 37.24 ? 46  VAL A CG2 1 
ATOM   370  N  N   . ASN A 1 49  ? 12.967  0.738   -14.543 1.00 36.70 ? 47  ASN A N   1 
ATOM   371  C  CA  . ASN A 1 49  ? 14.423  0.969   -14.741 1.00 42.85 ? 47  ASN A CA  1 
ATOM   372  C  C   . ASN A 1 49  ? 14.715  2.399   -15.229 1.00 45.14 ? 47  ASN A C   1 
ATOM   373  O  O   . ASN A 1 49  ? 15.730  2.944   -14.798 1.00 41.06 ? 47  ASN A O   1 
ATOM   374  C  CB  . ASN A 1 49  ? 15.040  -0.081  -15.656 1.00 46.32 ? 47  ASN A CB  1 
ATOM   375  C  CG  . ASN A 1 49  ? 15.036  -1.412  -14.937 1.00 53.05 ? 47  ASN A CG  1 
ATOM   376  O  OD1 . ASN A 1 49  ? 15.052  -1.437  -13.706 1.00 52.33 ? 47  ASN A OD1 1 
ATOM   377  N  ND2 . ASN A 1 49  ? 14.944  -2.499  -15.681 1.00 53.64 ? 47  ASN A ND2 1 
ATOM   378  N  N   . GLN A 1 50  ? 13.893  2.990   -16.100 1.00 40.70 ? 48  GLN A N   1 
ATOM   379  C  CA  . GLN A 1 50  ? 14.082  4.412   -16.483 1.00 39.44 ? 48  GLN A CA  1 
ATOM   380  C  C   . GLN A 1 50  ? 13.940  5.270   -15.235 1.00 39.83 ? 48  GLN A C   1 
ATOM   381  O  O   . GLN A 1 50  ? 14.819  6.105   -14.993 1.00 40.88 ? 48  GLN A O   1 
ATOM   382  C  CB  . GLN A 1 50  ? 13.090  4.863   -17.543 1.00 39.62 ? 48  GLN A CB  1 
ATOM   383  C  CG  . GLN A 1 50  ? 13.339  4.255   -18.907 1.00 43.21 ? 48  GLN A CG  1 
ATOM   384  C  CD  . GLN A 1 50  ? 12.212  4.664   -19.821 1.00 46.27 ? 48  GLN A CD  1 
ATOM   385  O  OE1 . GLN A 1 50  ? 12.188  5.773   -20.354 1.00 47.89 ? 48  GLN A OE1 1 
ATOM   386  N  NE2 . GLN A 1 50  ? 11.219  3.803   -19.923 1.00 36.55 ? 48  GLN A NE2 1 
ATOM   387  N  N   . ILE A 1 51  ? 12.883  5.048   -14.461 1.00 36.23 ? 49  ILE A N   1 
ATOM   388  C  CA  . ILE A 1 51  ? 12.630  5.809   -13.210 1.00 38.49 ? 49  ILE A CA  1 
ATOM   389  C  C   . ILE A 1 51  ? 13.865  5.721   -12.309 1.00 42.41 ? 49  ILE A C   1 
ATOM   390  O  O   . ILE A 1 51  ? 14.325  6.788   -11.825 1.00 39.64 ? 49  ILE A O   1 
ATOM   391  C  CB  . ILE A 1 51  ? 11.350  5.340   -12.500 1.00 36.67 ? 49  ILE A CB  1 
ATOM   392  C  CG1 . ILE A 1 51  ? 10.097  5.694   -13.300 1.00 35.08 ? 49  ILE A CG1 1 
ATOM   393  C  CG2 . ILE A 1 51  ? 11.294  5.884   -11.083 1.00 35.03 ? 49  ILE A CG2 1 
ATOM   394  C  CD1 . ILE A 1 51  ? 8.809   5.098   -12.749 1.00 34.63 ? 49  ILE A CD1 1 
ATOM   395  N  N   . LYS A 1 52  ? 14.396  4.522   -12.087 1.00 42.38 ? 50  LYS A N   1 
ATOM   396  C  CA  . LYS A 1 52  ? 15.515  4.292   -11.120 1.00 49.55 ? 50  LYS A CA  1 
ATOM   397  C  C   . LYS A 1 52  ? 16.766  5.052   -11.572 1.00 44.84 ? 50  LYS A C   1 
ATOM   398  O  O   . LYS A 1 52  ? 17.396  5.685   -10.725 1.00 48.53 ? 50  LYS A O   1 
ATOM   399  C  CB  . LYS A 1 52  ? 15.801  2.798   -10.937 1.00 50.99 ? 50  LYS A CB  1 
ATOM   400  C  CG  . LYS A 1 52  ? 14.764  2.066   -10.086 1.00 56.61 ? 50  LYS A CG  1 
ATOM   401  C  CD  . LYS A 1 52  ? 14.938  0.541   -10.014 1.00 63.32 ? 50  LYS A CD  1 
ATOM   402  C  CE  . LYS A 1 52  ? 15.899  0.084   -8.931  1.00 71.69 ? 50  LYS A CE  1 
ATOM   403  N  NZ  . LYS A 1 52  ? 15.875  -1.391  -8.738  1.00 74.86 ? 50  LYS A NZ  1 
ATOM   404  N  N   . ALA A 1 53  ? 17.112  4.992   -12.855 1.00 43.82 ? 51  ALA A N   1 
ATOM   405  C  CA  . ALA A 1 53  ? 18.227  5.762   -13.444 1.00 43.65 ? 51  ALA A CA  1 
ATOM   406  C  C   . ALA A 1 53  ? 17.989  7.267   -13.189 1.00 47.68 ? 51  ALA A C   1 
ATOM   407  O  O   . ALA A 1 53  ? 18.897  7.986   -12.691 1.00 44.64 ? 51  ALA A O   1 
ATOM   408  C  CB  . ALA A 1 53  ? 18.345  5.420   -14.906 1.00 43.77 ? 51  ALA A CB  1 
ATOM   409  N  N   . LEU A 1 54  ? 16.772  7.747   -13.424 1.00 39.34 ? 52  LEU A N   1 
ATOM   410  C  CA  . LEU A 1 54  ? 16.481  9.189   -13.235 1.00 42.08 ? 52  LEU A CA  1 
ATOM   411  C  C   . LEU A 1 54  ? 16.622  9.572   -11.761 1.00 42.78 ? 52  LEU A C   1 
ATOM   412  O  O   . LEU A 1 54  ? 17.168  10.664  -11.468 1.00 42.92 ? 52  LEU A O   1 
ATOM   413  C  CB  . LEU A 1 54  ? 15.088  9.500   -13.767 1.00 37.34 ? 52  LEU A CB  1 
ATOM   414  C  CG  . LEU A 1 54  ? 15.023  9.575   -15.279 1.00 39.09 ? 52  LEU A CG  1 
ATOM   415  C  CD1 . LEU A 1 54  ? 13.608  9.379   -15.784 1.00 37.65 ? 52  LEU A CD1 1 
ATOM   416  C  CD2 . LEU A 1 54  ? 15.608  10.901  -15.765 1.00 39.49 ? 52  LEU A CD2 1 
ATOM   417  N  N   . GLN A 1 55  ? 16.123  8.734   -10.857 1.00 40.34 ? 53  GLN A N   1 
ATOM   418  C  CA  . GLN A 1 55  ? 16.214  8.972   -9.394  1.00 41.04 ? 53  GLN A CA  1 
ATOM   419  C  C   . GLN A 1 55  ? 17.689  9.110   -9.016  1.00 41.14 ? 53  GLN A C   1 
ATOM   420  O  O   . GLN A 1 55  ? 17.991  9.897   -8.096  1.00 44.90 ? 53  GLN A O   1 
ATOM   421  C  CB  . GLN A 1 55  ? 15.523  7.838   -8.629  1.00 43.33 ? 53  GLN A CB  1 
ATOM   422  C  CG  . GLN A 1 55  ? 14.000  7.957   -8.655  1.00 47.38 ? 53  GLN A CG  1 
ATOM   423  C  CD  . GLN A 1 55  ? 13.282  6.753   -8.092  1.00 48.02 ? 53  GLN A CD  1 
ATOM   424  O  OE1 . GLN A 1 55  ? 13.756  5.630   -8.178  1.00 52.07 ? 53  GLN A OE1 1 
ATOM   425  N  NE2 . GLN A 1 55  ? 12.110  6.983   -7.537  1.00 45.89 ? 53  GLN A NE2 1 
ATOM   426  N  N   . LYS A 1 56  ? 18.556  8.341   -9.675  1.00 47.43 ? 54  LYS A N   1 
ATOM   427  C  CA  . LYS A 1 56  ? 20.021  8.406   -9.467  1.00 53.47 ? 54  LYS A CA  1 
ATOM   428  C  C   . LYS A 1 56  ? 20.515  9.794   -9.902  1.00 52.70 ? 54  LYS A C   1 
ATOM   429  O  O   . LYS A 1 56  ? 21.208  10.422  -9.114  1.00 47.82 ? 54  LYS A O   1 
ATOM   430  C  CB  . LYS A 1 56  ? 20.695  7.263   -10.222 1.00 64.19 ? 54  LYS A CB  1 
ATOM   431  C  CG  . LYS A 1 56  ? 22.181  7.082   -9.946  1.00 73.96 ? 54  LYS A CG  1 
ATOM   432  C  CD  . LYS A 1 56  ? 22.555  5.675   -9.490  1.00 88.74 ? 54  LYS A CD  1 
ATOM   433  C  CE  . LYS A 1 56  ? 22.028  4.546   -10.362 1.00 91.74 ? 54  LYS A CE  1 
ATOM   434  N  NZ  . LYS A 1 56  ? 22.576  4.600   -11.738 1.00 95.71 ? 54  LYS A NZ  1 
ATOM   435  N  N   . GLN A 1 57  ? 20.153  10.263  -11.097 1.00 48.88 ? 55  GLN A N   1 
ATOM   436  C  CA  . GLN A 1 57  ? 20.576  11.605  -11.578 1.00 49.57 ? 55  GLN A CA  1 
ATOM   437  C  C   . GLN A 1 57  ? 20.061  12.674  -10.615 1.00 48.10 ? 55  GLN A C   1 
ATOM   438  O  O   . GLN A 1 57  ? 20.812  13.612  -10.328 1.00 47.69 ? 55  GLN A O   1 
ATOM   439  C  CB  . GLN A 1 57  ? 20.043  11.906  -12.968 1.00 52.04 ? 55  GLN A CB  1 
ATOM   440  C  CG  . GLN A 1 57  ? 20.660  11.054  -14.059 1.00 57.64 ? 55  GLN A CG  1 
ATOM   441  C  CD  . GLN A 1 57  ? 19.884  11.308  -15.325 1.00 65.13 ? 55  GLN A CD  1 
ATOM   442  O  OE1 . GLN A 1 57  ? 19.404  10.391  -15.990 1.00 69.42 ? 55  GLN A OE1 1 
ATOM   443  N  NE2 . GLN A 1 57  ? 19.704  12.580  -15.631 1.00 63.47 ? 55  GLN A NE2 1 
ATOM   444  N  N   . ALA A 1 58  ? 18.830  12.516  -10.130 1.00 41.51 ? 56  ALA A N   1 
ATOM   445  C  CA  . ALA A 1 58  ? 18.127  13.486  -9.269  1.00 43.53 ? 56  ALA A CA  1 
ATOM   446  C  C   . ALA A 1 58  ? 18.922  13.737  -7.991  1.00 46.51 ? 56  ALA A C   1 
ATOM   447  O  O   . ALA A 1 58  ? 18.994  14.900  -7.570  1.00 45.63 ? 56  ALA A O   1 
ATOM   448  C  CB  . ALA A 1 58  ? 16.741  13.008  -8.955  1.00 44.51 ? 56  ALA A CB  1 
ATOM   449  N  N   . VAL A 1 59  ? 19.465  12.689  -7.377  1.00 47.22 ? 57  VAL A N   1 
ATOM   450  C  CA  . VAL A 1 59  ? 20.221  12.809  -6.094  1.00 50.02 ? 57  VAL A CA  1 
ATOM   451  C  C   . VAL A 1 59  ? 21.472  13.650  -6.355  1.00 44.82 ? 57  VAL A C   1 
ATOM   452  O  O   . VAL A 1 59  ? 21.804  14.456  -5.497  1.00 48.59 ? 57  VAL A O   1 
ATOM   453  C  CB  . VAL A 1 59  ? 20.650  11.455  -5.493  1.00 52.80 ? 57  VAL A CB  1 
ATOM   454  C  CG1 . VAL A 1 59  ? 21.340  11.658  -4.151  1.00 57.34 ? 57  VAL A CG1 1 
ATOM   455  C  CG2 . VAL A 1 59  ? 19.502  10.467  -5.360  1.00 52.03 ? 57  VAL A CG2 1 
ATOM   456  N  N   . ASN A 1 60  ? 22.187  13.343  -7.435  1.00 44.83 ? 58  ASN A N   1 
ATOM   457  C  CA  . ASN A 1 60  ? 23.375  14.087  -7.913  1.00 49.80 ? 58  ASN A CA  1 
ATOM   458  C  C   . ASN A 1 60  ? 22.990  15.559  -8.068  1.00 49.79 ? 58  ASN A C   1 
ATOM   459  O  O   . ASN A 1 60  ? 23.628  16.408  -7.424  1.00 49.82 ? 58  ASN A O   1 
ATOM   460  C  CB  . ASN A 1 60  ? 23.875  13.518  -9.238  1.00 55.52 ? 58  ASN A CB  1 
ATOM   461  C  CG  . ASN A 1 60  ? 25.048  14.276  -9.817  1.00 63.32 ? 58  ASN A CG  1 
ATOM   462  O  OD1 . ASN A 1 60  ? 26.181  13.832  -9.682  1.00 68.36 ? 58  ASN A OD1 1 
ATOM   463  N  ND2 . ASN A 1 60  ? 24.798  15.406  -10.460 1.00 67.99 ? 58  ASN A ND2 1 
ATOM   464  N  N   . LEU A 1 61  ? 21.970  15.832  -8.881  1.00 44.63 ? 59  LEU A N   1 
ATOM   465  C  CA  . LEU A 1 61  ? 21.595  17.218  -9.277  1.00 46.24 ? 59  LEU A CA  1 
ATOM   466  C  C   . LEU A 1 61  ? 21.168  18.019  -8.037  1.00 47.63 ? 59  LEU A C   1 
ATOM   467  O  O   . LEU A 1 61  ? 21.505  19.220  -7.934  1.00 43.18 ? 59  LEU A O   1 
ATOM   468  C  CB  . LEU A 1 61  ? 20.471  17.163  -10.318 1.00 42.38 ? 59  LEU A CB  1 
ATOM   469  C  CG  . LEU A 1 61  ? 20.809  16.551  -11.672 1.00 40.29 ? 59  LEU A CG  1 
ATOM   470  C  CD1 . LEU A 1 61  ? 19.593  16.617  -12.586 1.00 39.04 ? 59  LEU A CD1 1 
ATOM   471  C  CD2 . LEU A 1 61  ? 22.008  17.223  -12.333 1.00 46.93 ? 59  LEU A CD2 1 
ATOM   472  N  N   . LYS A 1 62  ? 20.451  17.380  -7.116  1.00 49.61 ? 60  LYS A N   1 
ATOM   473  C  CA  . LYS A 1 62  ? 20.041  17.980  -5.822  1.00 50.36 ? 60  LYS A CA  1 
ATOM   474  C  C   . LYS A 1 62  ? 21.288  18.374  -5.028  1.00 49.83 ? 60  LYS A C   1 
ATOM   475  O  O   . LYS A 1 62  ? 21.305  19.461  -4.439  1.00 49.05 ? 60  LYS A O   1 
ATOM   476  C  CB  . LYS A 1 62  ? 19.261  16.952  -5.005  1.00 57.09 ? 60  LYS A CB  1 
ATOM   477  C  CG  . LYS A 1 62  ? 18.248  17.503  -4.010  1.00 62.35 ? 60  LYS A CG  1 
ATOM   478  C  CD  . LYS A 1 62  ? 17.220  16.446  -3.594  1.00 75.27 ? 60  LYS A CD  1 
ATOM   479  C  CE  . LYS A 1 62  ? 16.432  15.869  -4.761  1.00 82.32 ? 60  LYS A CE  1 
ATOM   480  N  NZ  . LYS A 1 62  ? 15.724  14.616  -4.405  1.00 88.13 ? 60  LYS A NZ  1 
ATOM   481  N  N   . HIS A 1 63  ? 22.276  17.485  -4.988  1.00 46.00 ? 61  HIS A N   1 
ATOM   482  C  CA  . HIS A 1 63  ? 23.523  17.668  -4.206  1.00 58.22 ? 61  HIS A CA  1 
ATOM   483  C  C   . HIS A 1 63  ? 24.395  18.796  -4.780  1.00 54.60 ? 61  HIS A C   1 
ATOM   484  O  O   . HIS A 1 63  ? 25.080  19.430  -3.993  1.00 56.57 ? 61  HIS A O   1 
ATOM   485  C  CB  . HIS A 1 63  ? 24.324  16.370  -4.126  1.00 58.17 ? 61  HIS A CB  1 
ATOM   486  C  CG  . HIS A 1 63  ? 25.531  16.545  -3.280  1.00 63.93 ? 61  HIS A CG  1 
ATOM   487  N  ND1 . HIS A 1 63  ? 25.439  16.731  -1.915  1.00 68.37 ? 61  HIS A ND1 1 
ATOM   488  C  CD2 . HIS A 1 63  ? 26.840  16.638  -3.601  1.00 69.02 ? 61  HIS A CD2 1 
ATOM   489  C  CE1 . HIS A 1 63  ? 26.646  16.897  -1.419  1.00 70.49 ? 61  HIS A CE1 1 
ATOM   490  N  NE2 . HIS A 1 63  ? 27.524  16.848  -2.435  1.00 69.87 ? 61  HIS A NE2 1 
ATOM   491  N  N   . TYR A 1 64  ? 24.401  19.024  -6.095  1.00 53.73 ? 62  TYR A N   1 
ATOM   492  C  CA  . TYR A 1 64  ? 25.215  20.090  -6.746  1.00 44.08 ? 62  TYR A CA  1 
ATOM   493  C  C   . TYR A 1 64  ? 24.395  21.376  -6.884  1.00 41.35 ? 62  TYR A C   1 
ATOM   494  O  O   . TYR A 1 64  ? 24.926  22.345  -7.446  1.00 45.42 ? 62  TYR A O   1 
ATOM   495  C  CB  . TYR A 1 64  ? 25.762  19.577  -8.080  1.00 48.30 ? 62  TYR A CB  1 
ATOM   496  C  CG  . TYR A 1 64  ? 26.960  18.696  -7.866  1.00 51.85 ? 62  TYR A CG  1 
ATOM   497  C  CD1 . TYR A 1 64  ? 28.090  19.213  -7.255  1.00 58.47 ? 62  TYR A CD1 1 
ATOM   498  C  CD2 . TYR A 1 64  ? 26.938  17.346  -8.155  1.00 55.59 ? 62  TYR A CD2 1 
ATOM   499  C  CE1 . TYR A 1 64  ? 29.196  18.425  -6.993  1.00 59.40 ? 62  TYR A CE1 1 
ATOM   500  C  CE2 . TYR A 1 64  ? 28.044  16.547  -7.916  1.00 59.33 ? 62  TYR A CE2 1 
ATOM   501  C  CZ  . TYR A 1 64  ? 29.175  17.091  -7.336  1.00 59.50 ? 62  TYR A CZ  1 
ATOM   502  O  OH  . TYR A 1 64  ? 30.276  16.335  -7.081  1.00 69.77 ? 62  TYR A OH  1 
ATOM   503  N  N   . GLU A 1 65  ? 23.137  21.343  -6.443  1.00 40.33 ? 63  GLU A N   1 
ATOM   504  C  CA  . GLU A 1 65  ? 22.135  22.436  -6.522  1.00 43.05 ? 63  GLU A CA  1 
ATOM   505  C  C   . GLU A 1 65  ? 21.932  22.870  -7.978  1.00 40.99 ? 63  GLU A C   1 
ATOM   506  O  O   . GLU A 1 65  ? 21.736  24.085  -8.246  1.00 37.52 ? 63  GLU A O   1 
ATOM   507  C  CB  . GLU A 1 65  ? 22.513  23.530  -5.532  1.00 48.64 ? 63  GLU A CB  1 
ATOM   508  C  CG  . GLU A 1 65  ? 21.931  23.235  -4.156  1.00 57.10 ? 63  GLU A CG  1 
ATOM   509  C  CD  . GLU A 1 65  ? 22.720  23.765  -2.977  1.00 62.66 ? 63  GLU A CD  1 
ATOM   510  O  OE1 . GLU A 1 65  ? 23.830  24.313  -3.194  1.00 59.37 ? 63  GLU A OE1 1 
ATOM   511  O  OE2 . GLU A 1 65  ? 22.230  23.604  -1.840  1.00 71.82 ? 63  GLU A OE2 1 
ATOM   512  N  N   . LYS A 1 66  ? 21.867  21.890  -8.880  1.00 40.12 ? 64  LYS A N   1 
ATOM   513  C  CA  . LYS A 1 66  ? 21.350  22.087  -10.252 1.00 38.10 ? 64  LYS A CA  1 
ATOM   514  C  C   . LYS A 1 66  ? 19.829  21.934  -10.218 1.00 37.14 ? 64  LYS A C   1 
ATOM   515  O  O   . LYS A 1 66  ? 19.271  20.885  -10.658 1.00 33.36 ? 64  LYS A O   1 
ATOM   516  C  CB  . LYS A 1 66  ? 22.050  21.135  -11.210 1.00 39.78 ? 64  LYS A CB  1 
ATOM   517  C  CG  . LYS A 1 66  ? 23.505  20.912  -10.863 1.00 50.86 ? 64  LYS A CG  1 
ATOM   518  C  CD  . LYS A 1 66  ? 24.389  20.954  -12.040 1.00 50.25 ? 64  LYS A CD  1 
ATOM   519  C  CE  . LYS A 1 66  ? 25.781  20.500  -11.694 1.00 49.49 ? 64  LYS A CE  1 
ATOM   520  N  NZ  . LYS A 1 66  ? 26.568  20.371  -12.936 1.00 51.88 ? 64  LYS A NZ  1 
ATOM   521  N  N   . HIS A 1 67  ? 19.162  22.967  -9.729  1.00 40.30 ? 65  HIS A N   1 
ATOM   522  C  CA  . HIS A 1 67  ? 17.718  22.931  -9.393  1.00 42.10 ? 65  HIS A CA  1 
ATOM   523  C  C   . HIS A 1 67  ? 16.867  22.895  -10.667 1.00 44.16 ? 65  HIS A C   1 
ATOM   524  O  O   . HIS A 1 67  ? 15.856  22.157  -10.647 1.00 36.84 ? 65  HIS A O   1 
ATOM   525  C  CB  . HIS A 1 67  ? 17.353  24.081  -8.460  1.00 44.25 ? 65  HIS A CB  1 
ATOM   526  C  CG  . HIS A 1 67  ? 17.917  23.920  -7.099  1.00 46.18 ? 65  HIS A CG  1 
ATOM   527  N  ND1 . HIS A 1 67  ? 18.130  22.677  -6.543  1.00 54.19 ? 65  HIS A ND1 1 
ATOM   528  C  CD2 . HIS A 1 67  ? 18.251  24.823  -6.151  1.00 55.58 ? 65  HIS A CD2 1 
ATOM   529  C  CE1 . HIS A 1 67  ? 18.621  22.819  -5.332  1.00 56.07 ? 65  HIS A CE1 1 
ATOM   530  N  NE2 . HIS A 1 67  ? 18.708  24.124  -5.068  1.00 51.44 ? 65  HIS A NE2 1 
ATOM   531  N  N   . GLU A 1 68  ? 17.242  23.626  -11.723 1.00 38.31 ? 66  GLU A N   1 
ATOM   532  C  CA  . GLU A 1 68  ? 16.462  23.648  -12.999 1.00 44.00 ? 66  GLU A CA  1 
ATOM   533  C  C   . GLU A 1 68  ? 16.484  22.251  -13.633 1.00 40.26 ? 66  GLU A C   1 
ATOM   534  O  O   . GLU A 1 68  ? 15.395  21.754  -14.064 1.00 33.13 ? 66  GLU A O   1 
ATOM   535  C  CB  . GLU A 1 68  ? 17.029  24.606  -14.045 1.00 46.94 ? 66  GLU A CB  1 
ATOM   536  C  CG  . GLU A 1 68  ? 16.365  25.953  -14.083 1.00 62.88 ? 66  GLU A CG  1 
ATOM   537  C  CD  . GLU A 1 68  ? 16.669  26.808  -15.308 1.00 58.52 ? 66  GLU A CD  1 
ATOM   538  O  OE1 . GLU A 1 68  ? 16.512  26.310  -16.428 1.00 72.99 ? 66  GLU A OE1 1 
ATOM   539  O  OE2 . GLU A 1 68  ? 17.046  27.980  -15.136 1.00 72.37 ? 66  GLU A OE2 1 
ATOM   540  N  N   . ALA A 1 69  ? 17.677  21.657  -13.740 1.00 32.82 ? 67  ALA A N   1 
ATOM   541  C  CA  . ALA A 1 69  ? 17.870  20.293  -14.290 1.00 37.45 ? 67  ALA A CA  1 
ATOM   542  C  C   . ALA A 1 69  ? 17.152  19.270  -13.375 1.00 38.21 ? 67  ALA A C   1 
ATOM   543  O  O   . ALA A 1 69  ? 16.415  18.403  -13.922 1.00 41.55 ? 67  ALA A O   1 
ATOM   544  C  CB  . ALA A 1 69  ? 19.347  19.992  -14.505 1.00 33.94 ? 67  ALA A CB  1 
ATOM   545  N  N   . LEU A 1 70  ? 17.261  19.408  -12.048 1.00 38.76 ? 68  LEU A N   1 
ATOM   546  C  CA  . LEU A 1 70  ? 16.538  18.553  -11.057 1.00 36.29 ? 68  LEU A CA  1 
ATOM   547  C  C   . LEU A 1 70  ? 15.038  18.562  -11.371 1.00 40.76 ? 68  LEU A C   1 
ATOM   548  O  O   . LEU A 1 70  ? 14.416  17.480  -11.383 1.00 41.06 ? 68  LEU A O   1 
ATOM   549  C  CB  . LEU A 1 70  ? 16.800  19.041  -9.630  1.00 35.95 ? 68  LEU A CB  1 
ATOM   550  C  CG  . LEU A 1 70  ? 15.995  18.365  -8.514  1.00 38.51 ? 68  LEU A CG  1 
ATOM   551  C  CD1 . LEU A 1 70  ? 16.286  16.866  -8.427  1.00 36.03 ? 68  LEU A CD1 1 
ATOM   552  C  CD2 . LEU A 1 70  ? 16.280  19.018  -7.165  1.00 41.55 ? 68  LEU A CD2 1 
ATOM   553  N  N   . LYS A 1 71  ? 14.466  19.732  -11.611 1.00 39.83 ? 69  LYS A N   1 
ATOM   554  C  CA  . LYS A 1 71  ? 13.010  19.884  -11.843 1.00 45.05 ? 69  LYS A CA  1 
ATOM   555  C  C   . LYS A 1 71  ? 12.593  19.207  -13.147 1.00 44.18 ? 69  LYS A C   1 
ATOM   556  O  O   . LYS A 1 71  ? 11.506  18.609  -13.145 1.00 43.37 ? 69  LYS A O   1 
ATOM   557  C  CB  . LYS A 1 71  ? 12.613  21.354  -11.817 1.00 49.95 ? 69  LYS A CB  1 
ATOM   558  C  CG  . LYS A 1 71  ? 12.731  21.970  -10.435 1.00 56.16 ? 69  LYS A CG  1 
ATOM   559  C  CD  . LYS A 1 71  ? 11.549  22.810  -10.053 1.00 61.94 ? 69  LYS A CD  1 
ATOM   560  C  CE  . LYS A 1 71  ? 11.092  23.728  -11.162 1.00 61.15 ? 69  LYS A CE  1 
ATOM   561  N  NZ  . LYS A 1 71  ? 10.107  24.706  -10.648 1.00 68.85 ? 69  LYS A NZ  1 
ATOM   562  N  N   . GLN A 1 72  ? 13.419  19.271  -14.200 1.00 40.88 ? 70  GLN A N   1 
ATOM   563  C  CA  . GLN A 1 72  ? 13.200  18.509  -15.455 1.00 43.46 ? 70  GLN A CA  1 
ATOM   564  C  C   . GLN A 1 72  ? 13.241  17.005  -15.161 1.00 39.13 ? 70  GLN A C   1 
ATOM   565  O  O   . GLN A 1 72  ? 12.427  16.256  -15.718 1.00 37.43 ? 70  GLN A O   1 
ATOM   566  C  CB  . GLN A 1 72  ? 14.279  18.803  -16.496 1.00 51.52 ? 70  GLN A CB  1 
ATOM   567  C  CG  . GLN A 1 72  ? 14.181  20.194  -17.108 1.00 61.55 ? 70  GLN A CG  1 
ATOM   568  C  CD  . GLN A 1 72  ? 14.565  20.190  -18.569 1.00 68.33 ? 70  GLN A CD  1 
ATOM   569  O  OE1 . GLN A 1 72  ? 14.652  21.234  -19.208 1.00 76.86 ? 70  GLN A OE1 1 
ATOM   570  N  NE2 . GLN A 1 72  ? 14.782  19.006  -19.124 1.00 72.58 ? 70  GLN A NE2 1 
ATOM   571  N  N   . VAL A 1 73  ? 14.197  16.560  -14.356 1.00 33.43 ? 71  VAL A N   1 
ATOM   572  C  CA  . VAL A 1 73  ? 14.359  15.111  -14.068 1.00 37.50 ? 71  VAL A CA  1 
ATOM   573  C  C   . VAL A 1 73  ? 13.123  14.630  -13.292 1.00 37.73 ? 71  VAL A C   1 
ATOM   574  O  O   . VAL A 1 73  ? 12.583  13.546  -13.652 1.00 40.74 ? 71  VAL A O   1 
ATOM   575  C  CB  . VAL A 1 73  ? 15.672  14.848  -13.321 1.00 35.45 ? 71  VAL A CB  1 
ATOM   576  C  CG1 . VAL A 1 73  ? 15.594  13.563  -12.534 1.00 35.51 ? 71  VAL A CG1 1 
ATOM   577  C  CG2 . VAL A 1 73  ? 16.850  14.849  -14.281 1.00 36.29 ? 71  VAL A CG2 1 
ATOM   578  N  N   . GLU A 1 74  ? 12.686  15.405  -12.293 1.00 38.26 ? 72  GLU A N   1 
ATOM   579  C  CA  . GLU A 1 74  ? 11.494  15.113  -11.440 1.00 42.34 ? 72  GLU A CA  1 
ATOM   580  C  C   . GLU A 1 74  ? 10.206  15.090  -12.288 1.00 42.59 ? 72  GLU A C   1 
ATOM   581  O  O   . GLU A 1 74  ? 9.351   14.187  -12.068 1.00 40.31 ? 72  GLU A O   1 
ATOM   582  C  CB  . GLU A 1 74  ? 11.413  16.096  -10.274 1.00 42.77 ? 72  GLU A CB  1 
ATOM   583  C  CG  . GLU A 1 74  ? 12.278  15.694  -9.092  1.00 46.48 ? 72  GLU A CG  1 
ATOM   584  C  CD  . GLU A 1 74  ? 12.426  16.756  -8.005  1.00 51.43 ? 72  GLU A CD  1 
ATOM   585  O  OE1 . GLU A 1 74  ? 11.961  17.910  -8.215  1.00 56.74 ? 72  GLU A OE1 1 
ATOM   586  O  OE2 . GLU A 1 74  ? 13.011  16.431  -6.946  1.00 51.37 ? 72  GLU A OE2 1 
ATOM   587  N  N   . ALA A 1 75  ? 10.041  16.017  -13.226 1.00 39.00 ? 73  ALA A N   1 
ATOM   588  C  CA  . ALA A 1 75  ? 8.925   15.988  -14.202 1.00 42.03 ? 73  ALA A CA  1 
ATOM   589  C  C   . ALA A 1 75  ? 8.961   14.673  -14.995 1.00 42.03 ? 73  ALA A C   1 
ATOM   590  O  O   . ALA A 1 75  ? 7.893   14.069  -15.210 1.00 38.53 ? 73  ALA A O   1 
ATOM   591  C  CB  . ALA A 1 75  ? 8.988   17.165  -15.131 1.00 43.41 ? 73  ALA A CB  1 
ATOM   592  N  N   . LYS A 1 76  ? 10.142  14.229  -15.429 1.00 42.66 ? 74  LYS A N   1 
ATOM   593  C  CA  . LYS A 1 76  ? 10.232  13.020  -16.279 1.00 41.46 ? 74  LYS A CA  1 
ATOM   594  C  C   . LYS A 1 76  ? 9.857   11.786  -15.436 1.00 40.63 ? 74  LYS A C   1 
ATOM   595  O  O   . LYS A 1 76  ? 9.168   10.896  -15.955 1.00 35.91 ? 74  LYS A O   1 
ATOM   596  C  CB  . LYS A 1 76  ? 11.610  12.905  -16.922 1.00 45.72 ? 74  LYS A CB  1 
ATOM   597  C  CG  . LYS A 1 76  ? 11.635  11.991  -18.136 1.00 54.55 ? 74  LYS A CG  1 
ATOM   598  C  CD  . LYS A 1 76  ? 13.019  11.725  -18.683 1.00 62.57 ? 74  LYS A CD  1 
ATOM   599  C  CE  . LYS A 1 76  ? 13.863  12.974  -18.876 1.00 73.38 ? 74  LYS A CE  1 
ATOM   600  N  NZ  . LYS A 1 76  ? 14.076  13.286  -20.310 1.00 81.42 ? 74  LYS A NZ  1 
ATOM   601  N  N   . ILE A 1 77  ? 10.311  11.734  -14.190 1.00 34.63 ? 75  ILE A N   1 
ATOM   602  C  CA  . ILE A 1 77  ? 9.911   10.682  -13.215 1.00 38.11 ? 75  ILE A CA  1 
ATOM   603  C  C   . ILE A 1 77  ? 8.381   10.693  -13.081 1.00 38.75 ? 75  ILE A C   1 
ATOM   604  O  O   . ILE A 1 77  ? 7.789   9.626   -13.246 1.00 35.17 ? 75  ILE A O   1 
ATOM   605  C  CB  . ILE A 1 77  ? 10.611  10.877  -11.868 1.00 36.94 ? 75  ILE A CB  1 
ATOM   606  C  CG1 . ILE A 1 77  ? 12.100  10.543  -11.973 1.00 37.69 ? 75  ILE A CG1 1 
ATOM   607  C  CG2 . ILE A 1 77  ? 9.897   10.086  -10.783 1.00 35.94 ? 75  ILE A CG2 1 
ATOM   608  C  CD1 . ILE A 1 77  ? 12.931  11.129  -10.846 1.00 39.96 ? 75  ILE A CD1 1 
ATOM   609  N  N   . ASP A 1 78  ? 7.772   11.859  -12.877 1.00 38.89 ? 76  ASP A N   1 
ATOM   610  C  CA  . ASP A 1 78  ? 6.300   12.014  -12.765 1.00 42.16 ? 76  ASP A CA  1 
ATOM   611  C  C   . ASP A 1 78  ? 5.609   11.525  -14.050 1.00 42.23 ? 76  ASP A C   1 
ATOM   612  O  O   . ASP A 1 78  ? 4.562   10.842  -13.930 1.00 37.86 ? 76  ASP A O   1 
ATOM   613  C  CB  . ASP A 1 78  ? 5.903   13.447  -12.419 1.00 49.48 ? 76  ASP A CB  1 
ATOM   614  C  CG  . ASP A 1 78  ? 6.353   13.892  -11.038 1.00 53.06 ? 76  ASP A CG  1 
ATOM   615  O  OD1 . ASP A 1 78  ? 6.503   13.033  -10.159 1.00 52.31 ? 76  ASP A OD1 1 
ATOM   616  O  OD2 . ASP A 1 78  ? 6.564   15.106  -10.858 1.00 69.53 ? 76  ASP A OD2 1 
ATOM   617  N  N   . ALA A 1 79  ? 6.180   11.787  -15.227 1.00 42.52 ? 77  ALA A N   1 
ATOM   618  C  CA  . ALA A 1 79  ? 5.590   11.369  -16.523 1.00 38.75 ? 77  ALA A CA  1 
ATOM   619  C  C   . ALA A 1 79  ? 5.658   9.844   -16.648 1.00 37.21 ? 77  ALA A C   1 
ATOM   620  O  O   . ALA A 1 79  ? 4.665   9.267   -17.100 1.00 33.60 ? 77  ALA A O   1 
ATOM   621  C  CB  . ALA A 1 79  ? 6.232   12.050  -17.702 1.00 38.40 ? 77  ALA A CB  1 
ATOM   622  N  N   . LEU A 1 80  ? 6.758   9.225   -16.214 1.00 34.87 ? 78  LEU A N   1 
ATOM   623  C  CA  . LEU A 1 80  ? 6.948   7.753   -16.251 1.00 36.20 ? 78  LEU A CA  1 
ATOM   624  C  C   . LEU A 1 80  ? 6.019   7.062   -15.239 1.00 33.39 ? 78  LEU A C   1 
ATOM   625  O  O   . LEU A 1 80  ? 5.490   6.001   -15.565 1.00 33.47 ? 78  LEU A O   1 
ATOM   626  C  CB  . LEU A 1 80  ? 8.417   7.439   -15.968 1.00 35.75 ? 78  LEU A CB  1 
ATOM   627  C  CG  . LEU A 1 80  ? 9.348   7.727   -17.141 1.00 34.80 ? 78  LEU A CG  1 
ATOM   628  C  CD1 . LEU A 1 80  ? 10.788  7.787   -16.684 1.00 36.72 ? 78  LEU A CD1 1 
ATOM   629  C  CD2 . LEU A 1 80  ? 9.166   6.679   -18.208 1.00 33.09 ? 78  LEU A CD2 1 
ATOM   630  N  N   . GLN A 1 81  ? 5.832   7.650   -14.061 1.00 32.26 ? 79  GLN A N   1 
ATOM   631  C  CA  . GLN A 1 81  ? 4.936   7.118   -12.999 1.00 34.66 ? 79  GLN A CA  1 
ATOM   632  C  C   . GLN A 1 81  ? 3.496   7.079   -13.505 1.00 34.48 ? 79  GLN A C   1 
ATOM   633  O  O   . GLN A 1 81  ? 2.852   6.040   -13.292 1.00 36.31 ? 79  GLN A O   1 
ATOM   634  C  CB  . GLN A 1 81  ? 5.153   7.876   -11.696 1.00 36.07 ? 79  GLN A CB  1 
ATOM   635  C  CG  . GLN A 1 81  ? 6.424   7.402   -11.004 1.00 38.40 ? 79  GLN A CG  1 
ATOM   636  C  CD  . GLN A 1 81  ? 6.826   8.298   -9.867  1.00 42.18 ? 79  GLN A CD  1 
ATOM   637  O  OE1 . GLN A 1 81  ? 6.549   9.497   -9.868  1.00 47.41 ? 79  GLN A OE1 1 
ATOM   638  N  NE2 . GLN A 1 81  ? 7.502   7.706   -8.898  1.00 41.06 ? 79  GLN A NE2 1 
ATOM   639  N  N   . GLU A 1 82  ? 3.061   8.126   -14.199 1.00 34.27 ? 80  GLU A N   1 
ATOM   640  C  CA  . GLU A 1 82  ? 1.737   8.248   -14.846 1.00 39.19 ? 80  GLU A CA  1 
ATOM   641  C  C   . GLU A 1 82  ? 1.529   7.116   -15.847 1.00 38.87 ? 80  GLU A C   1 
ATOM   642  O  O   . GLU A 1 82  ? 0.419   6.515   -15.864 1.00 38.23 ? 80  GLU A O   1 
ATOM   643  C  CB  . GLU A 1 82  ? 1.631   9.552   -15.618 1.00 47.26 ? 80  GLU A CB  1 
ATOM   644  C  CG  . GLU A 1 82  ? 1.118   10.727  -14.830 1.00 55.32 ? 80  GLU A CG  1 
ATOM   645  C  CD  . GLU A 1 82  ? 0.577   11.779  -15.795 1.00 66.70 ? 80  GLU A CD  1 
ATOM   646  O  OE1 . GLU A 1 82  ? -0.482  12.373  -15.505 1.00 71.90 ? 80  GLU A OE1 1 
ATOM   647  O  OE2 . GLU A 1 82  ? 1.195   11.973  -16.869 1.00 67.11 ? 80  GLU A OE2 1 
ATOM   648  N  N   . GLU A 1 83  ? 2.568   6.851   -16.644 1.00 35.07 ? 81  GLU A N   1 
ATOM   649  C  CA  . GLU A 1 83  ? 2.582   5.807   -17.697 1.00 37.37 ? 81  GLU A CA  1 
ATOM   650  C  C   . GLU A 1 83  ? 2.405   4.422   -17.072 1.00 35.55 ? 81  GLU A C   1 
ATOM   651  O  O   . GLU A 1 83  ? 1.644   3.602   -17.578 1.00 32.66 ? 81  GLU A O   1 
ATOM   652  C  CB  . GLU A 1 83  ? 3.917   5.850   -18.439 1.00 40.51 ? 81  GLU A CB  1 
ATOM   653  C  CG  . GLU A 1 83  ? 3.799   5.491   -19.900 1.00 49.73 ? 81  GLU A CG  1 
ATOM   654  C  CD  . GLU A 1 83  ? 5.137   5.452   -20.631 1.00 53.76 ? 81  GLU A CD  1 
ATOM   655  O  OE1 . GLU A 1 83  ? 5.354   4.503   -21.397 1.00 64.15 ? 81  GLU A OE1 1 
ATOM   656  O  OE2 . GLU A 1 83  ? 5.949   6.360   -20.418 1.00 49.24 ? 81  GLU A OE2 1 
ATOM   657  N  N   . LEU A 1 84  ? 3.154   4.161   -16.023 1.00 32.85 ? 82  LEU A N   1 
ATOM   658  C  CA  . LEU A 1 84  ? 3.096   2.889   -15.289 1.00 35.93 ? 82  LEU A CA  1 
ATOM   659  C  C   . LEU A 1 84  ? 1.627   2.617   -14.948 1.00 33.55 ? 82  LEU A C   1 
ATOM   660  O  O   . LEU A 1 84  ? 1.194   1.503   -15.218 1.00 32.56 ? 82  LEU A O   1 
ATOM   661  C  CB  . LEU A 1 84  ? 4.000   3.041   -14.063 1.00 36.31 ? 82  LEU A CB  1 
ATOM   662  C  CG  . LEU A 1 84  ? 4.527   1.774   -13.415 1.00 40.90 ? 82  LEU A CG  1 
ATOM   663  C  CD1 . LEU A 1 84  ? 5.077   0.798   -14.433 1.00 40.01 ? 82  LEU A CD1 1 
ATOM   664  C  CD2 . LEU A 1 84  ? 5.614   2.133   -12.404 1.00 43.82 ? 82  LEU A CD2 1 
ATOM   665  N  N   . GLU A 1 85  ? 0.897   3.618   -14.433 1.00 33.48 ? 83  GLU A N   1 
ATOM   666  C  CA  . GLU A 1 85  ? -0.491  3.458   -13.913 1.00 39.19 ? 83  GLU A CA  1 
ATOM   667  C  C   . GLU A 1 85  ? -1.450  3.086   -15.046 1.00 41.10 ? 83  GLU A C   1 
ATOM   668  O  O   . GLU A 1 85  ? -2.497  2.491   -14.746 1.00 46.02 ? 83  GLU A O   1 
ATOM   669  C  CB  . GLU A 1 85  ? -0.996  4.713   -13.187 1.00 36.16 ? 83  GLU A CB  1 
ATOM   670  C  CG  . GLU A 1 85  ? -0.188  5.025   -11.949 1.00 41.07 ? 83  GLU A CG  1 
ATOM   671  C  CD  . GLU A 1 85  ? -0.078  3.875   -10.965 1.00 43.51 ? 83  GLU A CD  1 
ATOM   672  O  OE1 . GLU A 1 85  ? -1.113  3.222   -10.696 1.00 42.33 ? 83  GLU A OE1 1 
ATOM   673  O  OE2 . GLU A 1 85  ? 1.042   3.624   -10.466 1.00 46.49 ? 83  GLU A OE2 1 
ATOM   674  N  N   . GLU A 1 86  ? -1.103  3.386   -16.294 1.00 40.51 ? 84  GLU A N   1 
ATOM   675  C  CA  . GLU A 1 86  ? -1.963  3.039   -17.458 1.00 43.66 ? 84  GLU A CA  1 
ATOM   676  C  C   . GLU A 1 86  ? -1.782  1.562   -17.822 1.00 36.91 ? 84  GLU A C   1 
ATOM   677  O  O   . GLU A 1 86  ? -2.656  1.025   -18.498 1.00 39.99 ? 84  GLU A O   1 
ATOM   678  C  CB  . GLU A 1 86  ? -1.655  3.935   -18.661 1.00 45.27 ? 84  GLU A CB  1 
ATOM   679  C  CG  . GLU A 1 86  ? -2.023  5.385   -18.431 1.00 52.82 ? 84  GLU A CG  1 
ATOM   680  C  CD  . GLU A 1 86  ? -3.521  5.626   -18.417 1.00 64.80 ? 84  GLU A CD  1 
ATOM   681  O  OE1 . GLU A 1 86  ? -4.168  5.403   -19.462 1.00 67.36 ? 84  GLU A OE1 1 
ATOM   682  O  OE2 . GLU A 1 86  ? -4.043  6.001   -17.351 1.00 81.45 ? 84  GLU A OE2 1 
ATOM   683  N  N   . ILE A 1 87  ? -0.708  0.905   -17.404 1.00 32.95 ? 85  ILE A N   1 
ATOM   684  C  CA  . ILE A 1 87  ? -0.481  -0.512  -17.817 1.00 34.05 ? 85  ILE A CA  1 
ATOM   685  C  C   . ILE A 1 87  ? -1.513  -1.417  -17.147 1.00 38.12 ? 85  ILE A C   1 
ATOM   686  O  O   . ILE A 1 87  ? -1.638  -1.364  -15.935 1.00 37.21 ? 85  ILE A O   1 
ATOM   687  C  CB  . ILE A 1 87  ? 0.949   -0.921  -17.511 1.00 35.22 ? 85  ILE A CB  1 
ATOM   688  C  CG1 . ILE A 1 87  ? 1.897   0.114   -18.133 1.00 39.14 ? 85  ILE A CG1 1 
ATOM   689  C  CG2 . ILE A 1 87  ? 1.196   -2.337  -18.003 1.00 37.23 ? 85  ILE A CG2 1 
ATOM   690  C  CD1 . ILE A 1 87  ? 3.323   -0.294  -18.175 1.00 37.36 ? 85  ILE A CD1 1 
ATOM   691  N  N   . PRO A 1 88  ? -2.317  -2.227  -17.893 1.00 37.53 ? 86  PRO A N   1 
ATOM   692  C  CA  . PRO A 1 88  ? -3.370  -3.026  -17.260 1.00 37.44 ? 86  PRO A CA  1 
ATOM   693  C  C   . PRO A 1 88  ? -2.868  -3.975  -16.140 1.00 35.16 ? 86  PRO A C   1 
ATOM   694  O  O   . PRO A 1 88  ? -3.567  -4.060  -15.181 1.00 35.29 ? 86  PRO A O   1 
ATOM   695  C  CB  . PRO A 1 88  ? -4.103  -3.732  -18.429 1.00 37.29 ? 86  PRO A CB  1 
ATOM   696  C  CG  . PRO A 1 88  ? -3.730  -2.910  -19.672 1.00 38.66 ? 86  PRO A CG  1 
ATOM   697  C  CD  . PRO A 1 88  ? -2.367  -2.311  -19.366 1.00 37.18 ? 86  PRO A CD  1 
ATOM   698  N  N   . VAL A 1 89  ? -1.680  -4.588  -16.184 1.00 31.17 ? 87  VAL A N   1 
ATOM   699  C  CA  . VAL A 1 89  ? -1.227  -5.383  -14.995 1.00 33.15 ? 87  VAL A CA  1 
ATOM   700  C  C   . VAL A 1 89  ? -1.093  -4.467  -13.765 1.00 32.92 ? 87  VAL A C   1 
ATOM   701  O  O   . VAL A 1 89  ? -1.196  -4.991  -12.647 1.00 29.01 ? 87  VAL A O   1 
ATOM   702  C  CB  . VAL A 1 89  ? 0.089   -6.165  -15.177 1.00 40.57 ? 87  VAL A CB  1 
ATOM   703  C  CG1 . VAL A 1 89  ? -0.117  -7.417  -15.983 1.00 47.60 ? 87  VAL A CG1 1 
ATOM   704  C  CG2 . VAL A 1 89  ? 1.219   -5.315  -15.748 1.00 41.45 ? 87  VAL A CG2 1 
ATOM   705  N  N   . ILE A 1 90  ? -0.808  -3.172  -13.950 1.00 31.67 ? 88  ILE A N   1 
ATOM   706  C  CA  . ILE A 1 90  ? -0.582  -2.219  -12.830 1.00 31.15 ? 88  ILE A CA  1 
ATOM   707  C  C   . ILE A 1 90  ? -1.977  -1.828  -12.315 1.00 32.50 ? 88  ILE A C   1 
ATOM   708  O  O   . ILE A 1 90  ? -2.144  -1.870  -11.118 1.00 29.88 ? 88  ILE A O   1 
ATOM   709  C  CB  . ILE A 1 90  ? 0.265   -0.996  -13.251 1.00 31.66 ? 88  ILE A CB  1 
ATOM   710  C  CG1 . ILE A 1 90  ? 1.708   -1.374  -13.609 1.00 29.63 ? 88  ILE A CG1 1 
ATOM   711  C  CG2 . ILE A 1 90  ? 0.231   0.065   -12.155 1.00 31.99 ? 88  ILE A CG2 1 
ATOM   712  C  CD1 . ILE A 1 90  ? 2.544   -1.887  -12.436 1.00 30.03 ? 88  ILE A CD1 1 
ATOM   713  N  N   . GLN A 1 91  ? -2.942  -1.572  -13.212 1.00 26.62 ? 89  GLN A N   1 
ATOM   714  C  CA  . GLN A 1 91  ? -4.351  -1.274  -12.843 1.00 35.73 ? 89  GLN A CA  1 
ATOM   715  C  C   . GLN A 1 91  ? -4.900  -2.451  -12.033 1.00 30.61 ? 89  GLN A C   1 
ATOM   716  O  O   . GLN A 1 91  ? -5.553  -2.185  -11.020 1.00 31.69 ? 89  GLN A O   1 
ATOM   717  C  CB  . GLN A 1 91  ? -5.223  -0.960  -14.065 1.00 35.53 ? 89  GLN A CB  1 
ATOM   718  C  CG  . GLN A 1 91  ? -4.705  0.191   -14.920 1.00 40.36 ? 89  GLN A CG  1 
ATOM   719  C  CD  . GLN A 1 91  ? -5.590  0.417   -16.126 1.00 41.05 ? 89  GLN A CD  1 
ATOM   720  O  OE1 . GLN A 1 91  ? -6.791  0.528   -16.002 1.00 52.51 ? 89  GLN A OE1 1 
ATOM   721  N  NE2 . GLN A 1 91  ? -5.008  0.487   -17.307 1.00 48.87 ? 89  GLN A NE2 1 
ATOM   722  N  N   . GLU A 1 92  ? -4.642  -3.693  -12.443 1.00 30.09 ? 90  GLU A N   1 
ATOM   723  C  CA  . GLU A 1 92  ? -5.121  -4.894  -11.696 1.00 33.13 ? 90  GLU A CA  1 
ATOM   724  C  C   . GLU A 1 92  ? -4.501  -4.956  -10.295 1.00 33.06 ? 90  GLU A C   1 
ATOM   725  O  O   . GLU A 1 92  ? -5.233  -5.285  -9.316  1.00 30.73 ? 90  GLU A O   1 
ATOM   726  C  CB  . GLU A 1 92  ? -4.792  -6.212  -12.389 1.00 36.36 ? 90  GLU A CB  1 
ATOM   727  C  CG  . GLU A 1 92  ? -5.894  -6.701  -13.296 1.00 51.46 ? 90  GLU A CG  1 
ATOM   728  C  CD  . GLU A 1 92  ? -7.144  -7.142  -12.550 1.00 58.48 ? 90  GLU A CD  1 
ATOM   729  O  OE1 . GLU A 1 92  ? -7.077  -8.177  -11.864 1.00 68.03 ? 90  GLU A OE1 1 
ATOM   730  O  OE2 . GLU A 1 92  ? -8.175  -6.430  -12.634 1.00 68.14 ? 90  GLU A OE2 1 
ATOM   731  N  N   . PHE A 1 93  ? -3.187  -4.762  -10.210 1.00 29.36 ? 91  PHE A N   1 
ATOM   732  C  CA  . PHE A 1 93  ? -2.459  -4.640  -8.927  1.00 28.49 ? 91  PHE A CA  1 
ATOM   733  C  C   . PHE A 1 93  ? -3.058  -3.523  -8.047  1.00 30.11 ? 91  PHE A C   1 
ATOM   734  O  O   . PHE A 1 93  ? -3.256  -3.773  -6.859  1.00 26.36 ? 91  PHE A O   1 
ATOM   735  C  CB  . PHE A 1 93  ? -0.995  -4.363  -9.197  1.00 31.80 ? 91  PHE A CB  1 
ATOM   736  C  CG  . PHE A 1 93  ? -0.228  -4.058  -7.950  1.00 35.27 ? 91  PHE A CG  1 
ATOM   737  C  CD1 . PHE A 1 93  ? 0.054   -5.073  -7.046  1.00 40.04 ? 91  PHE A CD1 1 
ATOM   738  C  CD2 . PHE A 1 93  ? 0.206   -2.771  -7.682  1.00 37.82 ? 91  PHE A CD2 1 
ATOM   739  C  CE1 . PHE A 1 93  ? 0.801   -4.816  -5.905  1.00 41.18 ? 91  PHE A CE1 1 
ATOM   740  C  CE2 . PHE A 1 93  ? 0.945   -2.514  -6.534  1.00 38.91 ? 91  PHE A CE2 1 
ATOM   741  C  CZ  . PHE A 1 93  ? 1.239   -3.534  -5.650  1.00 40.79 ? 91  PHE A CZ  1 
ATOM   742  N  N   . ARG A 1 94  ? -3.337  -2.335  -8.594  1.00 28.52 ? 92  ARG A N   1 
ATOM   743  C  CA  . ARG A 1 94  ? -3.960  -1.224  -7.826  1.00 31.79 ? 92  ARG A CA  1 
ATOM   744  C  C   . ARG A 1 94  ? -5.342  -1.637  -7.300  1.00 30.13 ? 92  ARG A C   1 
ATOM   745  O  O   . ARG A 1 94  ? -5.659  -1.269  -6.130  1.00 28.25 ? 92  ARG A O   1 
ATOM   746  C  CB  . ARG A 1 94  ? -4.094  0.049   -8.669  1.00 32.21 ? 92  ARG A CB  1 
ATOM   747  C  CG  . ARG A 1 94  ? -2.760  0.679   -9.065  1.00 34.01 ? 92  ARG A CG  1 
ATOM   748  C  CD  . ARG A 1 94  ? -1.856  0.948   -7.878  1.00 35.82 ? 92  ARG A CD  1 
ATOM   749  N  NE  . ARG A 1 94  ? -0.637  1.593   -8.319  1.00 36.96 ? 92  ARG A NE  1 
ATOM   750  C  CZ  . ARG A 1 94  ? 0.432   1.772   -7.560  1.00 41.87 ? 92  ARG A CZ  1 
ATOM   751  N  NH1 . ARG A 1 94  ? 1.501   2.355   -8.060  1.00 46.32 ? 92  ARG A NH1 1 
ATOM   752  N  NH2 . ARG A 1 94  ? 0.459   1.359   -6.309  1.00 45.68 ? 92  ARG A NH2 1 
ATOM   753  N  N   . ASP A 1 95  ? -6.165  -2.285  -8.134  1.00 31.12 ? 93  ASP A N   1 
ATOM   754  C  CA  . ASP A 1 95  ? -7.508  -2.770  -7.710  1.00 32.08 ? 93  ASP A CA  1 
ATOM   755  C  C   . ASP A 1 95  ? -7.286  -3.726  -6.530  1.00 31.07 ? 93  ASP A C   1 
ATOM   756  O  O   . ASP A 1 95  ? -7.974  -3.553  -5.521  1.00 28.06 ? 93  ASP A O   1 
ATOM   757  C  CB  . ASP A 1 95  ? -8.286  -3.488  -8.820  1.00 34.94 ? 93  ASP A CB  1 
ATOM   758  C  CG  . ASP A 1 95  ? -8.745  -2.617  -9.976  1.00 45.09 ? 93  ASP A CG  1 
ATOM   759  O  OD1 . ASP A 1 95  ? -8.830  -1.382  -9.797  1.00 49.87 ? 93  ASP A OD1 1 
ATOM   760  O  OD2 . ASP A 1 95  ? -9.050  -3.196  -11.067 1.00 56.92 ? 93  ASP A OD2 1 
ATOM   761  N  N   . SER A 1 96  ? -6.309  -4.648  -6.613  1.00 27.81 ? 94  SER A N   1 
ATOM   762  C  CA  . SER A 1 96  ? -6.037  -5.650  -5.540  1.00 28.70 ? 94  SER A CA  1 
ATOM   763  C  C   . SER A 1 96  ? -5.544  -4.980  -4.254  1.00 29.20 ? 94  SER A C   1 
ATOM   764  O  O   . SER A 1 96  ? -5.908  -5.474  -3.133  1.00 29.85 ? 94  SER A O   1 
ATOM   765  C  CB  . SER A 1 96  ? -5.128  -6.774  -5.987  1.00 31.04 ? 94  SER A CB  1 
ATOM   766  O  OG  . SER A 1 96  ? -3.736  -6.388  -6.053  1.00 35.48 ? 94  SER A OG  1 
ATOM   767  N  N   . GLN A 1 97  ? -4.748  -3.911  -4.379  1.00 27.15 ? 95  GLN A N   1 
ATOM   768  C  CA  . GLN A 1 97  ? -4.219  -3.141  -3.226  1.00 28.42 ? 95  GLN A CA  1 
ATOM   769  C  C   . GLN A 1 97  ? -5.391  -2.457  -2.524  1.00 27.21 ? 95  GLN A C   1 
ATOM   770  O  O   . GLN A 1 97  ? -5.429  -2.430  -1.304  1.00 25.12 ? 95  GLN A O   1 
ATOM   771  C  CB  . GLN A 1 97  ? -3.301  -1.987  -3.623  1.00 30.83 ? 95  GLN A CB  1 
ATOM   772  C  CG  . GLN A 1 97  ? -1.852  -2.324  -3.805  1.00 37.19 ? 95  GLN A CG  1 
ATOM   773  C  CD  . GLN A 1 97  ? -1.051  -1.074  -4.102  1.00 40.85 ? 95  GLN A CD  1 
ATOM   774  O  OE1 . GLN A 1 97  ? 0.006   -0.856  -3.529  1.00 42.40 ? 95  GLN A OE1 1 
ATOM   775  N  NE2 . GLN A 1 97  ? -1.552  -0.230  -4.980  1.00 34.10 ? 95  GLN A NE2 1 
ATOM   776  N  N   . MET A 1 98  ? -6.307  -1.920  -3.304  1.00 29.77 ? 96  MET A N   1 
ATOM   777  C  CA  . MET A 1 98  ? -7.524  -1.246  -2.790  1.00 34.66 ? 96  MET A CA  1 
ATOM   778  C  C   . MET A 1 98  ? -8.413  -2.257  -2.048  1.00 32.90 ? 96  MET A C   1 
ATOM   779  O  O   . MET A 1 98  ? -9.019  -1.871  -1.016  1.00 30.56 ? 96  MET A O   1 
ATOM   780  C  CB  . MET A 1 98  ? -8.295  -0.610  -3.950  1.00 39.84 ? 96  MET A CB  1 
ATOM   781  C  CG  . MET A 1 98  ? -9.458  0.250   -3.493  1.00 52.87 ? 96  MET A CG  1 
ATOM   782  S  SD  . MET A 1 98  ? -10.071 1.313   -4.813  1.00 77.94 ? 96  MET A SD  1 
ATOM   783  C  CE  . MET A 1 98  ? -8.610  2.296   -5.177  1.00 67.35 ? 96  MET A CE  1 
ATOM   784  N  N   . GLU A 1 99  ? -8.552  -3.484  -2.551  1.00 29.31 ? 97  GLU A N   1 
ATOM   785  C  CA  . GLU A 1 99  ? -9.372  -4.522  -1.862  1.00 32.45 ? 97  GLU A CA  1 
ATOM   786  C  C   . GLU A 1 99  ? -8.759  -4.842  -0.493  1.00 29.26 ? 97  GLU A C   1 
ATOM   787  O  O   . GLU A 1 99  ? -9.512  -4.926  0.492   1.00 24.94 ? 97  GLU A O   1 
ATOM   788  C  CB  . GLU A 1 99  ? -9.472  -5.805  -2.674  1.00 31.31 ? 97  GLU A CB  1 
ATOM   789  C  CG  . GLU A 1 99  ? -10.424 -5.658  -3.833  1.00 43.37 ? 97  GLU A CG  1 
ATOM   790  C  CD  . GLU A 1 99  ? -10.611 -6.936  -4.628  1.00 52.17 ? 97  GLU A CD  1 
ATOM   791  O  OE1 . GLU A 1 99  ? -10.170 -8.021  -4.158  1.00 60.39 ? 97  GLU A OE1 1 
ATOM   792  O  OE2 . GLU A 1 99  ? -11.202 -6.847  -5.716  1.00 76.06 ? 97  GLU A OE2 1 
ATOM   793  N  N   . VAL A 1 100 ? -7.447  -5.019  -0.429  1.00 25.61 ? 98  VAL A N   1 
ATOM   794  C  CA  . VAL A 1 100 ? -6.766  -5.312  0.864   1.00 24.96 ? 98  VAL A CA  1 
ATOM   795  C  C   . VAL A 1 100 ? -6.924  -4.124  1.826   1.00 25.93 ? 98  VAL A C   1 
ATOM   796  O  O   . VAL A 1 100 ? -7.296  -4.381  2.992   1.00 23.84 ? 98  VAL A O   1 
ATOM   797  C  CB  . VAL A 1 100 ? -5.303  -5.722  0.690   1.00 27.95 ? 98  VAL A CB  1 
ATOM   798  C  CG1 . VAL A 1 100 ? -4.652  -5.960  2.046   1.00 30.91 ? 98  VAL A CG1 1 
ATOM   799  C  CG2 . VAL A 1 100 ? -5.203  -6.973  -0.192  1.00 29.23 ? 98  VAL A CG2 1 
ATOM   800  N  N   . ASN A 1 101 ? -6.638  -2.900  1.379   1.00 28.09 ? 99  ASN A N   1 
ATOM   801  C  CA  . ASN A 1 101 ? -6.728  -1.680  2.211   1.00 31.03 ? 99  ASN A CA  1 
ATOM   802  C  C   . ASN A 1 101 ? -8.193  -1.491  2.673   1.00 27.93 ? 99  ASN A C   1 
ATOM   803  O  O   . ASN A 1 101 ? -8.380  -1.177  3.850   1.00 28.64 ? 99  ASN A O   1 
ATOM   804  C  CB  . ASN A 1 101 ? -6.180  -0.459  1.472   1.00 32.57 ? 99  ASN A CB  1 
ATOM   805  C  CG  . ASN A 1 101 ? -4.665  -0.467  1.392   1.00 38.85 ? 99  ASN A CG  1 
ATOM   806  O  OD1 . ASN A 1 101 ? -4.100  0.173   0.504   1.00 42.63 ? 99  ASN A OD1 1 
ATOM   807  N  ND2 . ASN A 1 101 ? -4.010  -1.190  2.282   1.00 33.14 ? 99  ASN A ND2 1 
ATOM   808  N  N   . ASP A 1 102 ? -9.170  -1.701  1.790   1.00 27.74 ? 100 ASP A N   1 
ATOM   809  C  CA  . ASP A 1 102 ? -10.619 -1.615  2.120   1.00 28.01 ? 100 ASP A CA  1 
ATOM   810  C  C   . ASP A 1 102 ? -10.934 -2.639  3.202   1.00 29.49 ? 100 ASP A C   1 
ATOM   811  O  O   . ASP A 1 102 ? -11.677 -2.293  4.094   1.00 28.61 ? 100 ASP A O   1 
ATOM   812  C  CB  . ASP A 1 102 ? -11.530 -1.826  0.923   1.00 29.38 ? 100 ASP A CB  1 
ATOM   813  C  CG  . ASP A 1 102 ? -11.500 -0.643  -0.027  1.00 35.65 ? 100 ASP A CG  1 
ATOM   814  O  OD1 . ASP A 1 102 ? -10.954 0.397   0.364   1.00 35.69 ? 100 ASP A OD1 1 
ATOM   815  O  OD2 . ASP A 1 102 ? -12.009 -0.779  -1.143  1.00 39.72 ? 100 ASP A OD2 1 
ATOM   816  N  N   . LEU A 1 103 ? -10.360 -3.849  3.147   1.00 28.27 ? 101 LEU A N   1 
ATOM   817  C  CA  . LEU A 1 103 ? -10.627 -4.861  4.198   1.00 26.97 ? 101 LEU A CA  1 
ATOM   818  C  C   . LEU A 1 103 ? -10.051 -4.392  5.539   1.00 25.89 ? 101 LEU A C   1 
ATOM   819  O  O   . LEU A 1 103 ? -10.772 -4.527  6.572   1.00 25.33 ? 101 LEU A O   1 
ATOM   820  C  CB  . LEU A 1 103 ? -10.076 -6.216  3.786   1.00 26.75 ? 101 LEU A CB  1 
ATOM   821  C  CG  . LEU A 1 103 ? -10.229 -7.372  4.772   1.00 31.38 ? 101 LEU A CG  1 
ATOM   822  C  CD1 . LEU A 1 103 ? -11.689 -7.546  5.228   1.00 32.58 ? 101 LEU A CD1 1 
ATOM   823  C  CD2 . LEU A 1 103 ? -9.728  -8.646  4.077   1.00 33.76 ? 101 LEU A CD2 1 
ATOM   824  N  N   . LEU A 1 104 ? -8.826  -3.874  5.547   1.00 24.34 ? 102 LEU A N   1 
ATOM   825  C  CA  . LEU A 1 104 ? -8.184  -3.460  6.821   1.00 25.59 ? 102 LEU A CA  1 
ATOM   826  C  C   . LEU A 1 104 ? -9.022  -2.299  7.402   1.00 24.84 ? 102 LEU A C   1 
ATOM   827  O  O   . LEU A 1 104 ? -9.181  -2.230  8.634   1.00 22.48 ? 102 LEU A O   1 
ATOM   828  C  CB  . LEU A 1 104 ? -6.734  -3.042  6.546   1.00 27.57 ? 102 LEU A CB  1 
ATOM   829  C  CG  . LEU A 1 104 ? -5.785  -4.145  6.055   1.00 26.60 ? 102 LEU A CG  1 
ATOM   830  C  CD1 . LEU A 1 104 ? -4.365  -3.594  5.840   1.00 28.00 ? 102 LEU A CD1 1 
ATOM   831  C  CD2 . LEU A 1 104 ? -5.754  -5.254  7.077   1.00 27.98 ? 102 LEU A CD2 1 
ATOM   832  N  N   . GLN A 1 105 ? -9.455  -1.385  6.545   1.00 26.19 ? 103 GLN A N   1 
ATOM   833  C  CA  . GLN A 1 105 ? -10.268 -0.205  6.942   1.00 31.33 ? 103 GLN A CA  1 
ATOM   834  C  C   . GLN A 1 105 ? -11.606 -0.693  7.508   1.00 24.75 ? 103 GLN A C   1 
ATOM   835  O  O   . GLN A 1 105 ? -12.008 -0.203  8.543   1.00 24.24 ? 103 GLN A O   1 
ATOM   836  C  CB  . GLN A 1 105 ? -10.431 0.755   5.746   1.00 37.78 ? 103 GLN A CB  1 
ATOM   837  C  CG  . GLN A 1 105 ? -10.703 2.199   6.149   1.00 50.99 ? 103 GLN A CG  1 
ATOM   838  C  CD  . GLN A 1 105 ? -9.493  2.854   6.777   1.00 55.72 ? 103 GLN A CD  1 
ATOM   839  O  OE1 . GLN A 1 105 ? -8.586  3.331   6.095   1.00 68.79 ? 103 GLN A OE1 1 
ATOM   840  N  NE2 . GLN A 1 105 ? -9.466  2.885   8.097   1.00 54.43 ? 103 GLN A NE2 1 
ATOM   841  N  N   . LEU A 1 106 ? -12.254 -1.667  6.873   1.00 25.98 ? 104 LEU A N   1 
ATOM   842  C  CA  . LEU A 1 106 ? -13.524 -2.225  7.379   1.00 28.78 ? 104 LEU A CA  1 
ATOM   843  C  C   . LEU A 1 106 ? -13.304 -2.836  8.774   1.00 29.12 ? 104 LEU A C   1 
ATOM   844  O  O   . LEU A 1 106 ? -14.167 -2.622  9.673   1.00 26.55 ? 104 LEU A O   1 
ATOM   845  C  CB  . LEU A 1 106 ? -14.024 -3.237  6.354   1.00 29.73 ? 104 LEU A CB  1 
ATOM   846  C  CG  . LEU A 1 106 ? -15.212 -4.091  6.773   1.00 31.94 ? 104 LEU A CG  1 
ATOM   847  C  CD1 . LEU A 1 106 ? -16.464 -3.225  7.009   1.00 33.89 ? 104 LEU A CD1 1 
ATOM   848  C  CD2 . LEU A 1 106 ? -15.455 -5.143  5.701   1.00 30.25 ? 104 LEU A CD2 1 
ATOM   849  N  N   . VAL A 1 107 ? -12.211 -3.577  8.975   1.00 25.25 ? 105 VAL A N   1 
ATOM   850  C  CA  . VAL A 1 107 ? -11.852 -4.138  10.315  1.00 24.88 ? 105 VAL A CA  1 
ATOM   851  C  C   . VAL A 1 107 ? -11.694 -3.021  11.354  1.00 24.97 ? 105 VAL A C   1 
ATOM   852  O  O   . VAL A 1 107 ? -12.400 -3.081  12.410  1.00 25.40 ? 105 VAL A O   1 
ATOM   853  C  CB  . VAL A 1 107 ? -10.591 -5.013  10.207  1.00 26.93 ? 105 VAL A CB  1 
ATOM   854  C  CG1 . VAL A 1 107 ? -9.963  -5.337  11.559  1.00 26.54 ? 105 VAL A CG1 1 
ATOM   855  C  CG2 . VAL A 1 107 ? -10.901 -6.283  9.443   1.00 27.30 ? 105 VAL A CG2 1 
ATOM   856  N  N   . ALA A 1 108 ? -10.882 -2.000  11.066  1.00 23.34 ? 106 ALA A N   1 
ATOM   857  C  CA  . ALA A 1 108 ? -10.624 -0.900  12.010  1.00 23.60 ? 106 ALA A CA  1 
ATOM   858  C  C   . ALA A 1 108 ? -11.956 -0.204  12.376  1.00 25.42 ? 106 ALA A C   1 
ATOM   859  O  O   . ALA A 1 108 ? -12.122 0.157   13.574  1.00 24.50 ? 106 ALA A O   1 
ATOM   860  C  CB  . ALA A 1 108 ? -9.631  0.049   11.404  1.00 23.70 ? 106 ALA A CB  1 
ATOM   861  N  N   . HIS A 1 109 ? -12.808 0.089   11.384  1.00 25.45 ? 107 HIS A N   1 
ATOM   862  C  CA  . HIS A 1 109 ? -14.094 0.803   11.557  1.00 29.73 ? 107 HIS A CA  1 
ATOM   863  C  C   . HIS A 1 109 ? -15.040 -0.075  12.341  1.00 25.61 ? 107 HIS A C   1 
ATOM   864  O  O   . HIS A 1 109 ? -15.697 0.485   13.255  1.00 24.88 ? 107 HIS A O   1 
ATOM   865  C  CB  . HIS A 1 109 ? -14.718 1.290   10.218  1.00 36.29 ? 107 HIS A CB  1 
ATOM   866  C  CG  . HIS A 1 109 ? -14.065 2.538   9.735   1.00 43.30 ? 107 HIS A CG  1 
ATOM   867  N  ND1 . HIS A 1 109 ? -14.379 3.786   10.243  1.00 55.85 ? 107 HIS A ND1 1 
ATOM   868  C  CD2 . HIS A 1 109 ? -13.062 2.734   8.853   1.00 49.10 ? 107 HIS A CD2 1 
ATOM   869  C  CE1 . HIS A 1 109 ? -13.615 4.700   9.674   1.00 51.77 ? 107 HIS A CE1 1 
ATOM   870  N  NE2 . HIS A 1 109 ? -12.785 4.076   8.828   1.00 46.52 ? 107 HIS A NE2 1 
ATOM   871  N  N   . THR A 1 110 ? -15.081 -1.369  12.016  1.00 23.77 ? 108 THR A N   1 
ATOM   872  C  CA  . THR A 1 110 ? -15.923 -2.349  12.723  1.00 26.97 ? 108 THR A CA  1 
ATOM   873  C  C   . THR A 1 110 ? -15.544 -2.281  14.198  1.00 25.78 ? 108 THR A C   1 
ATOM   874  O  O   . THR A 1 110 ? -16.452 -2.096  15.073  1.00 20.07 ? 108 THR A O   1 
ATOM   875  C  CB  . THR A 1 110 ? -15.777 -3.787  12.216  1.00 29.08 ? 108 THR A CB  1 
ATOM   876  O  OG1 . THR A 1 110 ? -16.234 -3.877  10.868  1.00 29.36 ? 108 THR A OG1 1 
ATOM   877  C  CG2 . THR A 1 110 ? -16.519 -4.766  13.095  1.00 26.38 ? 108 THR A CG2 1 
ATOM   878  N  N   . ILE A 1 111 ? -14.248 -2.268  14.473  1.00 24.74 ? 109 ILE A N   1 
ATOM   879  C  CA  . ILE A 1 111 ? -13.751 -2.358  15.872  1.00 23.43 ? 109 ILE A CA  1 
ATOM   880  C  C   . ILE A 1 111 ? -14.067 -1.056  16.589  1.00 25.39 ? 109 ILE A C   1 
ATOM   881  O  O   . ILE A 1 111 ? -14.629 -1.101  17.693  1.00 27.24 ? 109 ILE A O   1 
ATOM   882  C  CB  . ILE A 1 111 ? -12.264 -2.728  15.891  1.00 23.77 ? 109 ILE A CB  1 
ATOM   883  C  CG1 . ILE A 1 111 ? -12.070 -4.193  15.459  1.00 26.84 ? 109 ILE A CG1 1 
ATOM   884  C  CG2 . ILE A 1 111 ? -11.654 -2.460  17.259  1.00 22.58 ? 109 ILE A CG2 1 
ATOM   885  C  CD1 . ILE A 1 111 ? -10.597 -4.619  15.345  1.00 26.30 ? 109 ILE A CD1 1 
ATOM   886  N  N   . SER A 1 112 ? -13.673 0.050   15.974  1.00 25.84 ? 110 SER A N   1 
ATOM   887  C  CA  . SER A 1 112 ? -13.905 1.412   16.461  1.00 27.75 ? 110 SER A CA  1 
ATOM   888  C  C   . SER A 1 112 ? -15.392 1.630   16.762  1.00 27.03 ? 110 SER A C   1 
ATOM   889  O  O   . SER A 1 112 ? -15.714 2.082   17.877  1.00 24.62 ? 110 SER A O   1 
ATOM   890  C  CB  . SER A 1 112 ? -13.378 2.436   15.498  1.00 29.30 ? 110 SER A CB  1 
ATOM   891  O  OG  . SER A 1 112 ? -13.329 3.640   16.209  1.00 33.89 ? 110 SER A OG  1 
ATOM   892  N  N   . ASN A 1 113 ? -16.269 1.341   15.804  1.00 25.46 ? 111 ASN A N   1 
ATOM   893  C  CA  . ASN A 1 113 ? -17.714 1.555   16.006  1.00 25.28 ? 111 ASN A CA  1 
ATOM   894  C  C   . ASN A 1 113 ? -18.201 0.685   17.168  1.00 25.91 ? 111 ASN A C   1 
ATOM   895  O  O   . ASN A 1 113 ? -18.979 1.167   17.989  1.00 25.45 ? 111 ASN A O   1 
ATOM   896  C  CB  . ASN A 1 113 ? -18.481 1.294   14.718  1.00 23.70 ? 111 ASN A CB  1 
ATOM   897  C  CG  . ASN A 1 113 ? -18.301 2.429   13.735  1.00 28.76 ? 111 ASN A CG  1 
ATOM   898  O  OD1 . ASN A 1 113 ? -17.728 3.480   14.065  1.00 27.75 ? 111 ASN A OD1 1 
ATOM   899  N  ND2 . ASN A 1 113 ? -18.778 2.212   12.529  1.00 23.84 ? 111 ASN A ND2 1 
ATOM   900  N  N   . GLN A 1 114 ? -17.818 -0.581  17.229  1.00 24.07 ? 112 GLN A N   1 
ATOM   901  C  CA  . GLN A 1 114 ? -18.397 -1.470  18.256  1.00 26.42 ? 112 GLN A CA  1 
ATOM   902  C  C   . GLN A 1 114 ? -17.901 -1.077  19.652  1.00 26.40 ? 112 GLN A C   1 
ATOM   903  O  O   . GLN A 1 114 ? -18.719 -1.108  20.623  1.00 22.42 ? 112 GLN A O   1 
ATOM   904  C  CB  . GLN A 1 114 ? -18.045 -2.917  18.014  1.00 26.28 ? 112 GLN A CB  1 
ATOM   905  C  CG  . GLN A 1 114 ? -18.724 -3.837  19.010  1.00 29.37 ? 112 GLN A CG  1 
ATOM   906  C  CD  . GLN A 1 114 ? -18.589 -5.233  18.471  1.00 38.82 ? 112 GLN A CD  1 
ATOM   907  O  OE1 . GLN A 1 114 ? -19.009 -5.504  17.344  1.00 38.29 ? 112 GLN A OE1 1 
ATOM   908  N  NE2 . GLN A 1 114 ? -17.937 -6.088  19.253  1.00 42.07 ? 112 GLN A NE2 1 
ATOM   909  N  N   . VAL A 1 115 ? -16.613 -0.730  19.764  1.00 25.00 ? 113 VAL A N   1 
ATOM   910  C  CA  . VAL A 1 115 ? -16.021 -0.229  21.035  1.00 23.64 ? 113 VAL A CA  1 
ATOM   911  C  C   . VAL A 1 115 ? -16.755 1.048   21.491  1.00 26.60 ? 113 VAL A C   1 
ATOM   912  O  O   . VAL A 1 115 ? -17.125 1.117   22.708  1.00 24.04 ? 113 VAL A O   1 
ATOM   913  C  CB  . VAL A 1 115 ? -14.497 -0.033  20.927  1.00 27.32 ? 113 VAL A CB  1 
ATOM   914  C  CG1 . VAL A 1 115 ? -13.909 0.733   22.136  1.00 29.67 ? 113 VAL A CG1 1 
ATOM   915  C  CG2 . VAL A 1 115 ? -13.831 -1.401  20.825  1.00 27.52 ? 113 VAL A CG2 1 
ATOM   916  N  N   . THR A 1 116 ? -16.951 2.018   20.584  1.00 25.74 ? 114 THR A N   1 
ATOM   917  C  CA  . THR A 1 116 ? -17.695 3.275   20.848  1.00 24.95 ? 114 THR A CA  1 
ATOM   918  C  C   . THR A 1 116 ? -19.116 2.944   21.304  1.00 29.53 ? 114 THR A C   1 
ATOM   919  O  O   . THR A 1 116 ? -19.580 3.493   22.344  1.00 25.20 ? 114 THR A O   1 
ATOM   920  C  CB  . THR A 1 116 ? -17.674 4.183   19.616  1.00 28.44 ? 114 THR A CB  1 
ATOM   921  O  OG1 . THR A 1 116 ? -16.300 4.470   19.373  1.00 27.82 ? 114 THR A OG1 1 
ATOM   922  C  CG2 . THR A 1 116 ? -18.395 5.496   19.796  1.00 31.75 ? 114 THR A CG2 1 
ATOM   923  N  N   . ASN A 1 117 ? -19.794 2.074   20.555  1.00 26.48 ? 115 ASN A N   1 
ATOM   924  C  CA  . ASN A 1 117 ? -21.175 1.641   20.864  1.00 31.45 ? 115 ASN A CA  1 
ATOM   925  C  C   . ASN A 1 117 ? -21.263 1.108   22.303  1.00 30.87 ? 115 ASN A C   1 
ATOM   926  O  O   . ASN A 1 117 ? -22.146 1.559   23.096  1.00 26.50 ? 115 ASN A O   1 
ATOM   927  C  CB  . ASN A 1 117 ? -21.665 0.671   19.793  1.00 30.15 ? 115 ASN A CB  1 
ATOM   928  C  CG  . ASN A 1 117 ? -23.167 0.522   19.825  1.00 31.02 ? 115 ASN A CG  1 
ATOM   929  O  OD1 . ASN A 1 117 ? -23.705 0.128   20.850  1.00 27.90 ? 115 ASN A OD1 1 
ATOM   930  N  ND2 . ASN A 1 117 ? -23.834 0.836   18.726  1.00 23.82 ? 115 ASN A ND2 1 
ATOM   931  N  N   . GLU A 1 118 ? -20.396 0.173   22.655  1.00 27.76 ? 116 GLU A N   1 
ATOM   932  C  CA  . GLU A 1 118 ? -20.402 -0.498  23.982  1.00 28.66 ? 116 GLU A CA  1 
ATOM   933  C  C   . GLU A 1 118 ? -20.097 0.544   25.066  1.00 31.26 ? 116 GLU A C   1 
ATOM   934  O  O   . GLU A 1 118 ? -20.765 0.476   26.150  1.00 28.48 ? 116 GLU A O   1 
ATOM   935  C  CB  . GLU A 1 118 ? -19.472 -1.707  23.989  1.00 31.92 ? 116 GLU A CB  1 
ATOM   936  C  CG  . GLU A 1 118 ? -19.629 -2.574  25.239  1.00 36.83 ? 116 GLU A CG  1 
ATOM   937  C  CD  . GLU A 1 118 ? -18.979 -1.998  26.497  1.00 34.90 ? 116 GLU A CD  1 
ATOM   938  O  OE1 . GLU A 1 118 ? -18.095 -1.106  26.372  1.00 38.31 ? 116 GLU A OE1 1 
ATOM   939  O  OE2 . GLU A 1 118 ? -19.366 -2.412  27.601  1.00 43.17 ? 116 GLU A OE2 1 
ATOM   940  N  N   . ILE A 1 119 ? -19.174 1.483   24.806  1.00 25.97 ? 117 ILE A N   1 
ATOM   941  C  CA  . ILE A 1 119 ? -18.943 2.609   25.753  1.00 32.18 ? 117 ILE A CA  1 
ATOM   942  C  C   . ILE A 1 119 ? -20.243 3.414   25.922  1.00 33.41 ? 117 ILE A C   1 
ATOM   943  O  O   . ILE A 1 119 ? -20.631 3.592   27.062  1.00 29.68 ? 117 ILE A O   1 
ATOM   944  C  CB  . ILE A 1 119 ? -17.753 3.494   25.337  1.00 31.78 ? 117 ILE A CB  1 
ATOM   945  C  CG1 . ILE A 1 119 ? -16.420 2.818   25.670  1.00 30.66 ? 117 ILE A CG1 1 
ATOM   946  C  CG2 . ILE A 1 119 ? -17.830 4.869   25.974  1.00 33.78 ? 117 ILE A CG2 1 
ATOM   947  C  CD1 . ILE A 1 119 ? -15.307 3.302   24.807  1.00 30.50 ? 117 ILE A CD1 1 
ATOM   948  N  N   . ILE A 1 120 ? -20.885 3.867   24.837  1.00 29.97 ? 118 ILE A N   1 
ATOM   949  C  CA  . ILE A 1 120 ? -22.136 4.689   24.933  1.00 35.47 ? 118 ILE A CA  1 
ATOM   950  C  C   . ILE A 1 120 ? -23.191 3.960   25.765  1.00 35.15 ? 118 ILE A C   1 
ATOM   951  O  O   . ILE A 1 120 ? -23.803 4.640   26.637  1.00 30.26 ? 118 ILE A O   1 
ATOM   952  C  CB  . ILE A 1 120 ? -22.695 5.065   23.549  1.00 34.05 ? 118 ILE A CB  1 
ATOM   953  C  CG1 . ILE A 1 120 ? -21.720 6.007   22.843  1.00 37.18 ? 118 ILE A CG1 1 
ATOM   954  C  CG2 . ILE A 1 120 ? -24.104 5.631   23.678  1.00 34.20 ? 118 ILE A CG2 1 
ATOM   955  C  CD1 . ILE A 1 120 ? -22.012 6.239   21.375  1.00 36.30 ? 118 ILE A CD1 1 
ATOM   956  N  N   . THR A 1 121 ? -23.410 2.659   25.520  1.00 32.31 ? 119 THR A N   1 
ATOM   957  C  CA  . THR A 1 121 ? -24.453 1.859   26.216  1.00 35.24 ? 119 THR A CA  1 
ATOM   958  C  C   . THR A 1 121 ? -24.075 1.704   27.690  1.00 40.61 ? 119 THR A C   1 
ATOM   959  O  O   . THR A 1 121 ? -24.988 1.515   28.500  1.00 41.72 ? 119 THR A O   1 
ATOM   960  C  CB  . THR A 1 121 ? -24.796 0.528   25.532  1.00 34.71 ? 119 THR A CB  1 
ATOM   961  O  OG1 . THR A 1 121 ? -23.700 -0.368  25.697  1.00 40.49 ? 119 THR A OG1 1 
ATOM   962  C  CG2 . THR A 1 121 ? -25.153 0.699   24.073  1.00 35.24 ? 119 THR A CG2 1 
ATOM   963  N  N   . SER A 1 122 ? -22.790 1.811   28.039  1.00 38.14 ? 120 SER A N   1 
ATOM   964  C  CA  . SER A 1 122 ? -22.338 1.643   29.439  1.00 39.71 ? 120 SER A CA  1 
ATOM   965  C  C   . SER A 1 122 ? -22.619 2.902   30.262  1.00 36.04 ? 120 SER A C   1 
ATOM   966  O  O   . SER A 1 122 ? -22.628 2.769   31.445  1.00 40.17 ? 120 SER A O   1 
ATOM   967  C  CB  . SER A 1 122 ? -20.897 1.275   29.500  1.00 39.92 ? 120 SER A CB  1 
ATOM   968  O  OG  . SER A 1 122 ? -20.782 -0.119  29.279  1.00 48.57 ? 120 SER A OG  1 
ATOM   969  N  N   . THR A 1 123 ? -22.754 4.076   29.647  1.00 40.36 ? 121 THR A N   1 
ATOM   970  C  CA  . THR A 1 123 ? -22.799 5.390   30.347  1.00 47.87 ? 121 THR A CA  1 
ATOM   971  C  C   . THR A 1 123 ? -24.115 5.579   31.124  1.00 52.33 ? 121 THR A C   1 
ATOM   972  O  O   . THR A 1 123 ? -24.167 6.512   31.941  1.00 57.37 ? 121 THR A O   1 
ATOM   973  C  CB  . THR A 1 123 ? -22.556 6.541   29.363  1.00 49.72 ? 121 THR A CB  1 
ATOM   974  O  OG1 . THR A 1 123 ? -23.530 6.457   28.318  1.00 48.73 ? 121 THR A OG1 1 
ATOM   975  C  CG2 . THR A 1 123 ? -21.165 6.515   28.770  1.00 46.84 ? 121 THR A CG2 1 
ATOM   976  N  N   . GLY A 1 124 ? -25.130 4.740   30.896  1.00 56.49 ? 122 GLY A N   1 
ATOM   977  C  CA  . GLY A 1 124 ? -26.427 4.827   31.599  1.00 64.71 ? 122 GLY A CA  1 
ATOM   978  C  C   . GLY A 1 124 ? -26.290 4.461   33.067  1.00 72.51 ? 122 GLY A C   1 
ATOM   979  O  O   . GLY A 1 124 ? -27.292 4.197   33.731  1.00 79.79 ? 122 GLY A O   1 
HETATM 980  CL CL  . CL  B 2 .   ? 6.935   -6.428  10.798  1.00 29.55 ? 201 CL  A CL  1 
HETATM 981  O  O   . HOH C 3 .   ? -1.308  -12.187 26.322  1.00 38.34 ? 301 HOH A O   1 
HETATM 982  O  O   . HOH C 3 .   ? -8.618  -3.066  -13.377 1.00 58.07 ? 302 HOH A O   1 
HETATM 983  O  O   . HOH C 3 .   ? 18.025  30.026  -15.989 1.00 46.40 ? 303 HOH A O   1 
HETATM 984  O  O   . HOH C 3 .   ? -2.798  4.681   -9.626  1.00 57.78 ? 304 HOH A O   1 
HETATM 985  O  O   . HOH C 3 .   ? -15.983 4.663   15.409  1.00 42.68 ? 305 HOH A O   1 
HETATM 986  O  O   . HOH C 3 .   ? -16.308 -0.585  24.696  1.00 35.96 ? 306 HOH A O   1 
HETATM 987  O  O   . HOH C 3 .   ? 3.027   10.475  -18.572 1.00 40.82 ? 307 HOH A O   1 
HETATM 988  O  O   . HOH C 3 .   ? 14.382  0.941   -19.095 1.00 44.42 ? 308 HOH A O   1 
HETATM 989  O  O   . HOH C 3 .   ? -11.180 5.021   15.987  1.00 48.81 ? 309 HOH A O   1 
HETATM 990  O  O   . HOH C 3 .   ? -26.120 1.619   30.807  1.00 45.02 ? 310 HOH A O   1 
HETATM 991  O  O   . HOH C 3 .   ? 3.239   4.885   -10.924 1.00 43.03 ? 311 HOH A O   1 
HETATM 992  O  O   . HOH C 3 .   ? 5.656   15.368  -15.361 1.00 44.41 ? 312 HOH A O   1 
HETATM 993  O  O   . HOH C 3 .   ? 2.857   11.236  -12.016 1.00 51.85 ? 313 HOH A O   1 
HETATM 994  O  O   . HOH C 3 .   ? -10.212 0.645   15.263  1.00 29.06 ? 314 HOH A O   1 
HETATM 995  O  O   . HOH C 3 .   ? -7.085  0.043   -11.185 1.00 42.45 ? 315 HOH A O   1 
HETATM 996  O  O   . HOH C 3 .   ? 0.184   -14.378 -10.491 1.00 36.98 ? 316 HOH A O   1 
HETATM 997  O  O   . HOH C 3 .   ? -4.993  -11.785 31.065  1.00 36.69 ? 317 HOH A O   1 
HETATM 998  O  O   . HOH C 3 .   ? 6.215   -11.931 -6.591  1.00 54.56 ? 318 HOH A O   1 
HETATM 999  O  O   . HOH C 3 .   ? 3.328   -12.070 -5.111  1.00 32.33 ? 319 HOH A O   1 
HETATM 1000 O  O   . HOH C 3 .   ? 15.803  6.814   -17.376 1.00 47.41 ? 320 HOH A O   1 
HETATM 1001 O  O   . HOH C 3 .   ? -3.095  2.024   -12.117 1.00 36.69 ? 321 HOH A O   1 
HETATM 1002 O  O   . HOH C 3 .   ? -13.422 -7.579  -1.437  1.00 43.87 ? 322 HOH A O   1 
HETATM 1003 O  O   . HOH C 3 .   ? -5.189  -13.670 23.885  1.00 46.70 ? 323 HOH A O   1 
HETATM 1004 O  O   . HOH C 3 .   ? -13.338 -3.097  -1.689  1.00 44.99 ? 324 HOH A O   1 
HETATM 1005 O  O   . HOH C 3 .   ? -1.442  -7.553  -11.745 1.00 32.61 ? 325 HOH A O   1 
HETATM 1006 O  O   . HOH C 3 .   ? -6.045  -3.847  30.084  1.00 35.92 ? 326 HOH A O   1 
HETATM 1007 O  O   . HOH C 3 .   ? -8.545  -14.149 -4.902  1.00 51.12 ? 327 HOH A O   1 
HETATM 1008 O  O   . HOH C 3 .   ? -0.379  -12.521 8.955   1.00 46.61 ? 328 HOH A O   1 
HETATM 1009 O  O   . HOH C 3 .   ? -12.212 -5.621  0.459   1.00 27.41 ? 329 HOH A O   1 
HETATM 1010 O  O   . HOH C 3 .   ? 2.429   -10.560 20.192  1.00 43.68 ? 330 HOH A O   1 
HETATM 1011 O  O   . HOH C 3 .   ? -2.204  -4.483  29.817  1.00 34.60 ? 331 HOH A O   1 
HETATM 1012 O  O   . HOH C 3 .   ? -4.561  1.029   -4.890  1.00 48.41 ? 332 HOH A O   1 
HETATM 1013 O  O   . HOH C 3 .   ? -19.226 -2.141  14.498  1.00 24.87 ? 333 HOH A O   1 
HETATM 1014 O  O   . HOH C 3 .   ? -7.339  -3.100  10.625  1.00 25.80 ? 334 HOH A O   1 
HETATM 1015 O  O   . HOH C 3 .   ? 15.361  -5.071  -14.511 1.00 51.95 ? 335 HOH A O   1 
HETATM 1016 O  O   . HOH C 3 .   ? -1.257  -14.831 18.488  1.00 42.56 ? 336 HOH A O   1 
HETATM 1017 O  O   . HOH C 3 .   ? -19.712 -1.111  31.802  1.00 48.15 ? 337 HOH A O   1 
HETATM 1018 O  O   . HOH C 3 .   ? 5.542   -6.946  15.508  1.00 26.89 ? 338 HOH A O   1 
HETATM 1019 O  O   . HOH C 3 .   ? 2.845   -14.373 14.893  1.00 45.30 ? 339 HOH A O   1 
HETATM 1020 O  O   . HOH C 3 .   ? -0.369  -5.269  -18.745 1.00 36.69 ? 340 HOH A O   1 
HETATM 1021 O  O   . HOH C 3 .   ? 5.093   -8.289  19.996  1.00 50.21 ? 341 HOH A O   1 
HETATM 1022 O  O   . HOH C 3 .   ? 2.303   1.051   -3.945  1.00 48.31 ? 342 HOH A O   1 
HETATM 1023 O  O   . HOH C 3 .   ? 11.331  9.845   -6.986  1.00 44.70 ? 343 HOH A O   1 
HETATM 1024 O  O   . HOH C 3 .   ? -8.499  -7.574  36.103  1.00 54.03 ? 344 HOH A O   1 
HETATM 1025 O  O   . HOH C 3 .   ? 0.889   -16.133 26.066  1.00 50.73 ? 345 HOH A O   1 
HETATM 1026 O  O   . HOH C 3 .   ? 9.190   -2.624  -23.117 1.00 63.24 ? 346 HOH A O   1 
HETATM 1027 O  O   . HOH C 3 .   ? 1.681   -4.360  -20.921 1.00 44.40 ? 347 HOH A O   1 
HETATM 1028 O  O   . HOH C 3 .   ? 7.442   7.550   -5.805  1.00 67.73 ? 348 HOH A O   1 
HETATM 1029 O  O   . HOH C 3 .   ? 5.379   -8.571  -21.092 1.00 49.21 ? 349 HOH A O   1 
HETATM 1030 O  O   . HOH C 3 .   ? -7.839  -2.669  13.305  0.50 29.14 ? 350 HOH A O   1 
HETATM 1031 O  O   . HOH C 3 .   ? -2.648  -9.249  -13.141 1.00 46.44 ? 351 HOH A O   1 
HETATM 1032 O  O   . HOH C 3 .   ? -9.005  3.545   14.615  1.00 50.59 ? 352 HOH A O   1 
# 
loop_
_pdbx_poly_seq_scheme.asym_id 
_pdbx_poly_seq_scheme.entity_id 
_pdbx_poly_seq_scheme.seq_id 
_pdbx_poly_seq_scheme.mon_id 
_pdbx_poly_seq_scheme.ndb_seq_num 
_pdbx_poly_seq_scheme.pdb_seq_num 
_pdbx_poly_seq_scheme.auth_seq_num 
_pdbx_poly_seq_scheme.pdb_mon_id 
_pdbx_poly_seq_scheme.auth_mon_id 
_pdbx_poly_seq_scheme.pdb_strand_id 
_pdbx_poly_seq_scheme.pdb_ins_code 
_pdbx_poly_seq_scheme.hetero 
A 1 1   GLY 1   -1  ?   ?   ?   A . n 
A 1 2   PRO 2   0   ?   ?   ?   A . n 
A 1 3   MET 3   1   1   MET MET A . n 
A 1 4   THR 4   2   2   THR THR A . n 
A 1 5   LEU 5   3   3   LEU LEU A . n 
A 1 6   TYR 6   4   4   TYR TYR A . n 
A 1 7   SER 7   5   5   SER SER A . n 
A 1 8   LYS 8   6   6   LYS LYS A . n 
A 1 9   LYS 9   7   7   LYS LYS A . n 
A 1 10  ASP 10  8   8   ASP ASP A . n 
A 1 11  ILE 11  9   9   ILE ILE A . n 
A 1 12  VAL 12  10  10  VAL VAL A . n 
A 1 13  GLN 13  11  11  GLN GLN A . n 
A 1 14  GLN 14  12  12  GLN GLN A . n 
A 1 15  ALA 15  13  13  ALA ALA A . n 
A 1 16  ARG 16  14  14  ARG ARG A . n 
A 1 17  ASN 17  15  15  ASN ASN A . n 
A 1 18  LEU 18  16  16  LEU LEU A . n 
A 1 19  ALA 19  17  17  ALA ALA A . n 
A 1 20  LYS 20  18  18  LYS LYS A . n 
A 1 21  MET 21  19  19  MET MET A . n 
A 1 22  ILE 22  20  20  ILE ILE A . n 
A 1 23  SER 23  21  21  SER SER A . n 
A 1 24  GLU 24  22  22  GLU GLU A . n 
A 1 25  THR 25  23  23  THR THR A . n 
A 1 26  GLU 26  24  24  GLU GLU A . n 
A 1 27  GLU 27  25  25  GLU GLU A . n 
A 1 28  VAL 28  26  26  VAL VAL A . n 
A 1 29  ASP 29  27  27  ASP ASP A . n 
A 1 30  PHE 30  28  28  PHE PHE A . n 
A 1 31  PHE 31  29  29  PHE PHE A . n 
A 1 32  LYS 32  30  30  LYS LYS A . n 
A 1 33  ARG 33  31  31  ARG ARG A . n 
A 1 34  ALA 34  32  32  ALA ALA A . n 
A 1 35  GLU 35  33  33  GLU GLU A . n 
A 1 36  ALA 36  34  34  ALA ALA A . n 
A 1 37  GLN 37  35  35  GLN GLN A . n 
A 1 38  ILE 38  36  36  ILE ILE A . n 
A 1 39  ASN 39  37  37  ASN ASN A . n 
A 1 40  GLU 40  38  38  GLU GLU A . n 
A 1 41  ASN 41  39  39  ASN ASN A . n 
A 1 42  ASP 42  40  40  ASP ASP A . n 
A 1 43  LYS 43  41  41  LYS LYS A . n 
A 1 44  VAL 44  42  42  VAL VAL A . n 
A 1 45  SER 45  43  43  SER SER A . n 
A 1 46  THR 46  44  44  THR THR A . n 
A 1 47  ILE 47  45  45  ILE ILE A . n 
A 1 48  VAL 48  46  46  VAL VAL A . n 
A 1 49  ASN 49  47  47  ASN ASN A . n 
A 1 50  GLN 50  48  48  GLN GLN A . n 
A 1 51  ILE 51  49  49  ILE ILE A . n 
A 1 52  LYS 52  50  50  LYS LYS A . n 
A 1 53  ALA 53  51  51  ALA ALA A . n 
A 1 54  LEU 54  52  52  LEU LEU A . n 
A 1 55  GLN 55  53  53  GLN GLN A . n 
A 1 56  LYS 56  54  54  LYS LYS A . n 
A 1 57  GLN 57  55  55  GLN GLN A . n 
A 1 58  ALA 58  56  56  ALA ALA A . n 
A 1 59  VAL 59  57  57  VAL VAL A . n 
A 1 60  ASN 60  58  58  ASN ASN A . n 
A 1 61  LEU 61  59  59  LEU LEU A . n 
A 1 62  LYS 62  60  60  LYS LYS A . n 
A 1 63  HIS 63  61  61  HIS HIS A . n 
A 1 64  TYR 64  62  62  TYR TYR A . n 
A 1 65  GLU 65  63  63  GLU GLU A . n 
A 1 66  LYS 66  64  64  LYS LYS A . n 
A 1 67  HIS 67  65  65  HIS HIS A . n 
A 1 68  GLU 68  66  66  GLU GLU A . n 
A 1 69  ALA 69  67  67  ALA ALA A . n 
A 1 70  LEU 70  68  68  LEU LEU A . n 
A 1 71  LYS 71  69  69  LYS LYS A . n 
A 1 72  GLN 72  70  70  GLN GLN A . n 
A 1 73  VAL 73  71  71  VAL VAL A . n 
A 1 74  GLU 74  72  72  GLU GLU A . n 
A 1 75  ALA 75  73  73  ALA ALA A . n 
A 1 76  LYS 76  74  74  LYS LYS A . n 
A 1 77  ILE 77  75  75  ILE ILE A . n 
A 1 78  ASP 78  76  76  ASP ASP A . n 
A 1 79  ALA 79  77  77  ALA ALA A . n 
A 1 80  LEU 80  78  78  LEU LEU A . n 
A 1 81  GLN 81  79  79  GLN GLN A . n 
A 1 82  GLU 82  80  80  GLU GLU A . n 
A 1 83  GLU 83  81  81  GLU GLU A . n 
A 1 84  LEU 84  82  82  LEU LEU A . n 
A 1 85  GLU 85  83  83  GLU GLU A . n 
A 1 86  GLU 86  84  84  GLU GLU A . n 
A 1 87  ILE 87  85  85  ILE ILE A . n 
A 1 88  PRO 88  86  86  PRO PRO A . n 
A 1 89  VAL 89  87  87  VAL VAL A . n 
A 1 90  ILE 90  88  88  ILE ILE A . n 
A 1 91  GLN 91  89  89  GLN GLN A . n 
A 1 92  GLU 92  90  90  GLU GLU A . n 
A 1 93  PHE 93  91  91  PHE PHE A . n 
A 1 94  ARG 94  92  92  ARG ARG A . n 
A 1 95  ASP 95  93  93  ASP ASP A . n 
A 1 96  SER 96  94  94  SER SER A . n 
A 1 97  GLN 97  95  95  GLN GLN A . n 
A 1 98  MET 98  96  96  MET MET A . n 
A 1 99  GLU 99  97  97  GLU GLU A . n 
A 1 100 VAL 100 98  98  VAL VAL A . n 
A 1 101 ASN 101 99  99  ASN ASN A . n 
A 1 102 ASP 102 100 100 ASP ASP A . n 
A 1 103 LEU 103 101 101 LEU LEU A . n 
A 1 104 LEU 104 102 102 LEU LEU A . n 
A 1 105 GLN 105 103 103 GLN GLN A . n 
A 1 106 LEU 106 104 104 LEU LEU A . n 
A 1 107 VAL 107 105 105 VAL VAL A . n 
A 1 108 ALA 108 106 106 ALA ALA A . n 
A 1 109 HIS 109 107 107 HIS HIS A . n 
A 1 110 THR 110 108 108 THR THR A . n 
A 1 111 ILE 111 109 109 ILE ILE A . n 
A 1 112 SER 112 110 110 SER SER A . n 
A 1 113 ASN 113 111 111 ASN ASN A . n 
A 1 114 GLN 114 112 112 GLN GLN A . n 
A 1 115 VAL 115 113 113 VAL VAL A . n 
A 1 116 THR 116 114 114 THR THR A . n 
A 1 117 ASN 117 115 115 ASN ASN A . n 
A 1 118 GLU 118 116 116 GLU GLU A . n 
A 1 119 ILE 119 117 117 ILE ILE A . n 
A 1 120 ILE 120 118 118 ILE ILE A . n 
A 1 121 THR 121 119 119 THR THR A . n 
A 1 122 SER 122 120 120 SER SER A . n 
A 1 123 THR 123 121 121 THR THR A . n 
A 1 124 GLY 124 122 122 GLY GLY A . n 
# 
loop_
_pdbx_nonpoly_scheme.asym_id 
_pdbx_nonpoly_scheme.entity_id 
_pdbx_nonpoly_scheme.mon_id 
_pdbx_nonpoly_scheme.ndb_seq_num 
_pdbx_nonpoly_scheme.pdb_seq_num 
_pdbx_nonpoly_scheme.auth_seq_num 
_pdbx_nonpoly_scheme.pdb_mon_id 
_pdbx_nonpoly_scheme.auth_mon_id 
_pdbx_nonpoly_scheme.pdb_strand_id 
_pdbx_nonpoly_scheme.pdb_ins_code 
B 2 CL  1  201 1  CL  CL  A . 
C 3 HOH 1  301 46 HOH HOH A . 
C 3 HOH 2  302 11 HOH HOH A . 
C 3 HOH 3  303 34 HOH HOH A . 
C 3 HOH 4  304 27 HOH HOH A . 
C 3 HOH 5  305 16 HOH HOH A . 
C 3 HOH 6  306 1  HOH HOH A . 
C 3 HOH 7  307 21 HOH HOH A . 
C 3 HOH 8  308 9  HOH HOH A . 
C 3 HOH 9  309 31 HOH HOH A . 
C 3 HOH 10 310 45 HOH HOH A . 
C 3 HOH 11 311 32 HOH HOH A . 
C 3 HOH 12 312 12 HOH HOH A . 
C 3 HOH 13 313 24 HOH HOH A . 
C 3 HOH 14 314 50 HOH HOH A . 
C 3 HOH 15 315 17 HOH HOH A . 
C 3 HOH 16 316 13 HOH HOH A . 
C 3 HOH 17 317 10 HOH HOH A . 
C 3 HOH 18 318 25 HOH HOH A . 
C 3 HOH 19 319 26 HOH HOH A . 
C 3 HOH 20 320 8  HOH HOH A . 
C 3 HOH 21 321 2  HOH HOH A . 
C 3 HOH 22 322 22 HOH HOH A . 
C 3 HOH 23 323 47 HOH HOH A . 
C 3 HOH 24 324 28 HOH HOH A . 
C 3 HOH 25 325 19 HOH HOH A . 
C 3 HOH 26 326 7  HOH HOH A . 
C 3 HOH 27 327 40 HOH HOH A . 
C 3 HOH 28 328 6  HOH HOH A . 
C 3 HOH 29 329 5  HOH HOH A . 
C 3 HOH 30 330 18 HOH HOH A . 
C 3 HOH 31 331 44 HOH HOH A . 
C 3 HOH 32 332 35 HOH HOH A . 
C 3 HOH 33 333 49 HOH HOH A . 
C 3 HOH 34 334 51 HOH HOH A . 
C 3 HOH 35 335 42 HOH HOH A . 
C 3 HOH 36 336 29 HOH HOH A . 
C 3 HOH 37 337 15 HOH HOH A . 
C 3 HOH 38 338 48 HOH HOH A . 
C 3 HOH 39 339 14 HOH HOH A . 
C 3 HOH 40 340 3  HOH HOH A . 
C 3 HOH 41 341 37 HOH HOH A . 
C 3 HOH 42 342 30 HOH HOH A . 
C 3 HOH 43 343 20 HOH HOH A . 
C 3 HOH 44 344 4  HOH HOH A . 
C 3 HOH 45 345 38 HOH HOH A . 
C 3 HOH 46 346 33 HOH HOH A . 
C 3 HOH 47 347 36 HOH HOH A . 
C 3 HOH 48 348 23 HOH HOH A . 
C 3 HOH 49 349 57 HOH HOH A . 
C 3 HOH 50 350 56 HOH HOH A . 
C 3 HOH 51 351 39 HOH HOH A . 
C 3 HOH 52 352 43 HOH HOH A . 
# 
_pdbx_struct_assembly.id                   1 
_pdbx_struct_assembly.details              author_and_software_defined_assembly 
_pdbx_struct_assembly.method_details       PISA 
_pdbx_struct_assembly.oligomeric_details   dimeric 
_pdbx_struct_assembly.oligomeric_count     2 
# 
_pdbx_struct_assembly_gen.assembly_id       1 
_pdbx_struct_assembly_gen.oper_expression   1,2 
_pdbx_struct_assembly_gen.asym_id_list      A,B,C 
# 
loop_
_pdbx_struct_assembly_prop.biol_id 
_pdbx_struct_assembly_prop.type 
_pdbx_struct_assembly_prop.value 
_pdbx_struct_assembly_prop.details 
1 'ABSA (A^2)' 3960  ? 
1 MORE         -52   ? 
1 'SSA (A^2)'  16070 ? 
# 
loop_
_pdbx_struct_oper_list.id 
_pdbx_struct_oper_list.type 
_pdbx_struct_oper_list.name 
_pdbx_struct_oper_list.symmetry_operation 
_pdbx_struct_oper_list.matrix[1][1] 
_pdbx_struct_oper_list.matrix[1][2] 
_pdbx_struct_oper_list.matrix[1][3] 
_pdbx_struct_oper_list.vector[1] 
_pdbx_struct_oper_list.matrix[2][1] 
_pdbx_struct_oper_list.matrix[2][2] 
_pdbx_struct_oper_list.matrix[2][3] 
_pdbx_struct_oper_list.vector[2] 
_pdbx_struct_oper_list.matrix[3][1] 
_pdbx_struct_oper_list.matrix[3][2] 
_pdbx_struct_oper_list.matrix[3][3] 
_pdbx_struct_oper_list.vector[3] 
1 'identity operation'         1_555 x,y,z     1.0000000000  0.0000000000 0.0000000000  0.0000000000   0.0000000000 1.0000000000 0.0000000000  0.0000000000  0.0000000000  0.0000000000  1.0000000000  0.0000000000  
2 'crystal symmetry operation' 2_556 -x,y,-z+1 -0.9341823849 0.3336488026 -0.1264189392 -12.5893766214 0.3336488026 0.6913636779 -0.6408546960 10.3174614784 -0.1264189392 -0.6408546960 -0.7571812930 20.6757463747 
# 
_pdbx_struct_special_symmetry.id              1 
_pdbx_struct_special_symmetry.PDB_model_num   1 
_pdbx_struct_special_symmetry.auth_asym_id    A 
_pdbx_struct_special_symmetry.auth_comp_id    HOH 
_pdbx_struct_special_symmetry.auth_seq_id     350 
_pdbx_struct_special_symmetry.PDB_ins_code    ? 
_pdbx_struct_special_symmetry.label_asym_id   C 
_pdbx_struct_special_symmetry.label_comp_id   HOH 
_pdbx_struct_special_symmetry.label_seq_id    . 
# 
loop_
_pdbx_audit_revision_history.ordinal 
_pdbx_audit_revision_history.data_content_type 
_pdbx_audit_revision_history.major_revision 
_pdbx_audit_revision_history.minor_revision 
_pdbx_audit_revision_history.revision_date 
1 'Structure model' 1 0 2019-10-02 
2 'Structure model' 1 1 2019-12-18 
3 'Structure model' 1 2 2023-10-11 
# 
_pdbx_audit_revision_details.ordinal             1 
_pdbx_audit_revision_details.revision_ordinal    1 
_pdbx_audit_revision_details.data_content_type   'Structure model' 
_pdbx_audit_revision_details.provider            repository 
_pdbx_audit_revision_details.type                'Initial release' 
_pdbx_audit_revision_details.description         ? 
_pdbx_audit_revision_details.details             ? 
# 
loop_
_pdbx_audit_revision_group.ordinal 
_pdbx_audit_revision_group.revision_ordinal 
_pdbx_audit_revision_group.data_content_type 
_pdbx_audit_revision_group.group 
1 2 'Structure model' 'Author supporting evidence' 
2 3 'Structure model' 'Data collection'            
3 3 'Structure model' 'Database references'        
4 3 'Structure model' 'Refinement description'     
# 
loop_
_pdbx_audit_revision_category.ordinal 
_pdbx_audit_revision_category.revision_ordinal 
_pdbx_audit_revision_category.data_content_type 
_pdbx_audit_revision_category.category 
1 2 'Structure model' pdbx_audit_support            
2 3 'Structure model' chem_comp_atom                
3 3 'Structure model' chem_comp_bond                
4 3 'Structure model' database_2                    
5 3 'Structure model' pdbx_initial_refinement_model 
# 
loop_
_pdbx_audit_revision_item.ordinal 
_pdbx_audit_revision_item.revision_ordinal 
_pdbx_audit_revision_item.data_content_type 
_pdbx_audit_revision_item.item 
1 2 'Structure model' '_pdbx_audit_support.funding_organization' 
2 3 'Structure model' '_database_2.pdbx_DOI'                     
3 3 'Structure model' '_database_2.pdbx_database_accession'      
# 
loop_
_software.citation_id 
_software.classification 
_software.compiler_name 
_software.compiler_version 
_software.contact_author 
_software.contact_author_email 
_software.date 
_software.description 
_software.dependencies 
_software.hardware 
_software.language 
_software.location 
_software.mods 
_software.name 
_software.os 
_software.os_version 
_software.type 
_software.version 
_software.pdbx_ordinal 
? 'data scaling'    ? ? ? ? ? ? ? ? ? ? ? SCALEPACK   ? ? ? .        1 
? refinement        ? ? ? ? ? ? ? ? ? ? ? REFMAC      ? ? ? 5.8.0232 2 
? 'data extraction' ? ? ? ? ? ? ? ? ? ? ? PDB_EXTRACT ? ? ? 3.25     3 
? 'data reduction'  ? ? ? ? ? ? ? ? ? ? ? HKL-3000    ? ? ? .        4 
? phasing           ? ? ? ? ? ? ? ? ? ? ? PHASER      ? ? ? .        5 
# 
_pdbx_entry_details.entry_id                 6PRH 
_pdbx_entry_details.has_ligand_of_interest   N 
_pdbx_entry_details.compound_details         ? 
_pdbx_entry_details.source_details           ? 
_pdbx_entry_details.nonpolymer_details       ? 
_pdbx_entry_details.sequence_details         ? 
# 
loop_
_pdbx_unobs_or_zero_occ_atoms.id 
_pdbx_unobs_or_zero_occ_atoms.PDB_model_num 
_pdbx_unobs_or_zero_occ_atoms.polymer_flag 
_pdbx_unobs_or_zero_occ_atoms.occupancy_flag 
_pdbx_unobs_or_zero_occ_atoms.auth_asym_id 
_pdbx_unobs_or_zero_occ_atoms.auth_comp_id 
_pdbx_unobs_or_zero_occ_atoms.auth_seq_id 
_pdbx_unobs_or_zero_occ_atoms.PDB_ins_code 
_pdbx_unobs_or_zero_occ_atoms.auth_atom_id 
_pdbx_unobs_or_zero_occ_atoms.label_alt_id 
_pdbx_unobs_or_zero_occ_atoms.label_asym_id 
_pdbx_unobs_or_zero_occ_atoms.label_comp_id 
_pdbx_unobs_or_zero_occ_atoms.label_seq_id 
_pdbx_unobs_or_zero_occ_atoms.label_atom_id 
1 1 Y 1 A MET 1 ? CG ? A MET 3 CG 
2 1 Y 1 A MET 1 ? SD ? A MET 3 SD 
3 1 Y 1 A MET 1 ? CE ? A MET 3 CE 
# 
loop_
_pdbx_unobs_or_zero_occ_residues.id 
_pdbx_unobs_or_zero_occ_residues.PDB_model_num 
_pdbx_unobs_or_zero_occ_residues.polymer_flag 
_pdbx_unobs_or_zero_occ_residues.occupancy_flag 
_pdbx_unobs_or_zero_occ_residues.auth_asym_id 
_pdbx_unobs_or_zero_occ_residues.auth_comp_id 
_pdbx_unobs_or_zero_occ_residues.auth_seq_id 
_pdbx_unobs_or_zero_occ_residues.PDB_ins_code 
_pdbx_unobs_or_zero_occ_residues.label_asym_id 
_pdbx_unobs_or_zero_occ_residues.label_comp_id 
_pdbx_unobs_or_zero_occ_residues.label_seq_id 
1 1 Y 1 A GLY -1 ? A GLY 1 
2 1 Y 1 A PRO 0  ? A PRO 2 
# 
loop_
_chem_comp_atom.comp_id 
_chem_comp_atom.atom_id 
_chem_comp_atom.type_symbol 
_chem_comp_atom.pdbx_aromatic_flag 
_chem_comp_atom.pdbx_stereo_config 
_chem_comp_atom.pdbx_ordinal 
ALA N    N  N N 1   
ALA CA   C  N S 2   
ALA C    C  N N 3   
ALA O    O  N N 4   
ALA CB   C  N N 5   
ALA OXT  O  N N 6   
ALA H    H  N N 7   
ALA H2   H  N N 8   
ALA HA   H  N N 9   
ALA HB1  H  N N 10  
ALA HB2  H  N N 11  
ALA HB3  H  N N 12  
ALA HXT  H  N N 13  
ARG N    N  N N 14  
ARG CA   C  N S 15  
ARG C    C  N N 16  
ARG O    O  N N 17  
ARG CB   C  N N 18  
ARG CG   C  N N 19  
ARG CD   C  N N 20  
ARG NE   N  N N 21  
ARG CZ   C  N N 22  
ARG NH1  N  N N 23  
ARG NH2  N  N N 24  
ARG OXT  O  N N 25  
ARG H    H  N N 26  
ARG H2   H  N N 27  
ARG HA   H  N N 28  
ARG HB2  H  N N 29  
ARG HB3  H  N N 30  
ARG HG2  H  N N 31  
ARG HG3  H  N N 32  
ARG HD2  H  N N 33  
ARG HD3  H  N N 34  
ARG HE   H  N N 35  
ARG HH11 H  N N 36  
ARG HH12 H  N N 37  
ARG HH21 H  N N 38  
ARG HH22 H  N N 39  
ARG HXT  H  N N 40  
ASN N    N  N N 41  
ASN CA   C  N S 42  
ASN C    C  N N 43  
ASN O    O  N N 44  
ASN CB   C  N N 45  
ASN CG   C  N N 46  
ASN OD1  O  N N 47  
ASN ND2  N  N N 48  
ASN OXT  O  N N 49  
ASN H    H  N N 50  
ASN H2   H  N N 51  
ASN HA   H  N N 52  
ASN HB2  H  N N 53  
ASN HB3  H  N N 54  
ASN HD21 H  N N 55  
ASN HD22 H  N N 56  
ASN HXT  H  N N 57  
ASP N    N  N N 58  
ASP CA   C  N S 59  
ASP C    C  N N 60  
ASP O    O  N N 61  
ASP CB   C  N N 62  
ASP CG   C  N N 63  
ASP OD1  O  N N 64  
ASP OD2  O  N N 65  
ASP OXT  O  N N 66  
ASP H    H  N N 67  
ASP H2   H  N N 68  
ASP HA   H  N N 69  
ASP HB2  H  N N 70  
ASP HB3  H  N N 71  
ASP HD2  H  N N 72  
ASP HXT  H  N N 73  
CL  CL   CL N N 74  
GLN N    N  N N 75  
GLN CA   C  N S 76  
GLN C    C  N N 77  
GLN O    O  N N 78  
GLN CB   C  N N 79  
GLN CG   C  N N 80  
GLN CD   C  N N 81  
GLN OE1  O  N N 82  
GLN NE2  N  N N 83  
GLN OXT  O  N N 84  
GLN H    H  N N 85  
GLN H2   H  N N 86  
GLN HA   H  N N 87  
GLN HB2  H  N N 88  
GLN HB3  H  N N 89  
GLN HG2  H  N N 90  
GLN HG3  H  N N 91  
GLN HE21 H  N N 92  
GLN HE22 H  N N 93  
GLN HXT  H  N N 94  
GLU N    N  N N 95  
GLU CA   C  N S 96  
GLU C    C  N N 97  
GLU O    O  N N 98  
GLU CB   C  N N 99  
GLU CG   C  N N 100 
GLU CD   C  N N 101 
GLU OE1  O  N N 102 
GLU OE2  O  N N 103 
GLU OXT  O  N N 104 
GLU H    H  N N 105 
GLU H2   H  N N 106 
GLU HA   H  N N 107 
GLU HB2  H  N N 108 
GLU HB3  H  N N 109 
GLU HG2  H  N N 110 
GLU HG3  H  N N 111 
GLU HE2  H  N N 112 
GLU HXT  H  N N 113 
GLY N    N  N N 114 
GLY CA   C  N N 115 
GLY C    C  N N 116 
GLY O    O  N N 117 
GLY OXT  O  N N 118 
GLY H    H  N N 119 
GLY H2   H  N N 120 
GLY HA2  H  N N 121 
GLY HA3  H  N N 122 
GLY HXT  H  N N 123 
HIS N    N  N N 124 
HIS CA   C  N S 125 
HIS C    C  N N 126 
HIS O    O  N N 127 
HIS CB   C  N N 128 
HIS CG   C  Y N 129 
HIS ND1  N  Y N 130 
HIS CD2  C  Y N 131 
HIS CE1  C  Y N 132 
HIS NE2  N  Y N 133 
HIS OXT  O  N N 134 
HIS H    H  N N 135 
HIS H2   H  N N 136 
HIS HA   H  N N 137 
HIS HB2  H  N N 138 
HIS HB3  H  N N 139 
HIS HD1  H  N N 140 
HIS HD2  H  N N 141 
HIS HE1  H  N N 142 
HIS HE2  H  N N 143 
HIS HXT  H  N N 144 
HOH O    O  N N 145 
HOH H1   H  N N 146 
HOH H2   H  N N 147 
ILE N    N  N N 148 
ILE CA   C  N S 149 
ILE C    C  N N 150 
ILE O    O  N N 151 
ILE CB   C  N S 152 
ILE CG1  C  N N 153 
ILE CG2  C  N N 154 
ILE CD1  C  N N 155 
ILE OXT  O  N N 156 
ILE H    H  N N 157 
ILE H2   H  N N 158 
ILE HA   H  N N 159 
ILE HB   H  N N 160 
ILE HG12 H  N N 161 
ILE HG13 H  N N 162 
ILE HG21 H  N N 163 
ILE HG22 H  N N 164 
ILE HG23 H  N N 165 
ILE HD11 H  N N 166 
ILE HD12 H  N N 167 
ILE HD13 H  N N 168 
ILE HXT  H  N N 169 
LEU N    N  N N 170 
LEU CA   C  N S 171 
LEU C    C  N N 172 
LEU O    O  N N 173 
LEU CB   C  N N 174 
LEU CG   C  N N 175 
LEU CD1  C  N N 176 
LEU CD2  C  N N 177 
LEU OXT  O  N N 178 
LEU H    H  N N 179 
LEU H2   H  N N 180 
LEU HA   H  N N 181 
LEU HB2  H  N N 182 
LEU HB3  H  N N 183 
LEU HG   H  N N 184 
LEU HD11 H  N N 185 
LEU HD12 H  N N 186 
LEU HD13 H  N N 187 
LEU HD21 H  N N 188 
LEU HD22 H  N N 189 
LEU HD23 H  N N 190 
LEU HXT  H  N N 191 
LYS N    N  N N 192 
LYS CA   C  N S 193 
LYS C    C  N N 194 
LYS O    O  N N 195 
LYS CB   C  N N 196 
LYS CG   C  N N 197 
LYS CD   C  N N 198 
LYS CE   C  N N 199 
LYS NZ   N  N N 200 
LYS OXT  O  N N 201 
LYS H    H  N N 202 
LYS H2   H  N N 203 
LYS HA   H  N N 204 
LYS HB2  H  N N 205 
LYS HB3  H  N N 206 
LYS HG2  H  N N 207 
LYS HG3  H  N N 208 
LYS HD2  H  N N 209 
LYS HD3  H  N N 210 
LYS HE2  H  N N 211 
LYS HE3  H  N N 212 
LYS HZ1  H  N N 213 
LYS HZ2  H  N N 214 
LYS HZ3  H  N N 215 
LYS HXT  H  N N 216 
MET N    N  N N 217 
MET CA   C  N S 218 
MET C    C  N N 219 
MET O    O  N N 220 
MET CB   C  N N 221 
MET CG   C  N N 222 
MET SD   S  N N 223 
MET CE   C  N N 224 
MET OXT  O  N N 225 
MET H    H  N N 226 
MET H2   H  N N 227 
MET HA   H  N N 228 
MET HB2  H  N N 229 
MET HB3  H  N N 230 
MET HG2  H  N N 231 
MET HG3  H  N N 232 
MET HE1  H  N N 233 
MET HE2  H  N N 234 
MET HE3  H  N N 235 
MET HXT  H  N N 236 
PHE N    N  N N 237 
PHE CA   C  N S 238 
PHE C    C  N N 239 
PHE O    O  N N 240 
PHE CB   C  N N 241 
PHE CG   C  Y N 242 
PHE CD1  C  Y N 243 
PHE CD2  C  Y N 244 
PHE CE1  C  Y N 245 
PHE CE2  C  Y N 246 
PHE CZ   C  Y N 247 
PHE OXT  O  N N 248 
PHE H    H  N N 249 
PHE H2   H  N N 250 
PHE HA   H  N N 251 
PHE HB2  H  N N 252 
PHE HB3  H  N N 253 
PHE HD1  H  N N 254 
PHE HD2  H  N N 255 
PHE HE1  H  N N 256 
PHE HE2  H  N N 257 
PHE HZ   H  N N 258 
PHE HXT  H  N N 259 
PRO N    N  N N 260 
PRO CA   C  N S 261 
PRO C    C  N N 262 
PRO O    O  N N 263 
PRO CB   C  N N 264 
PRO CG   C  N N 265 
PRO CD   C  N N 266 
PRO OXT  O  N N 267 
PRO H    H  N N 268 
PRO HA   H  N N 269 
PRO HB2  H  N N 270 
PRO HB3  H  N N 271 
PRO HG2  H  N N 272 
PRO HG3  H  N N 273 
PRO HD2  H  N N 274 
PRO HD3  H  N N 275 
PRO HXT  H  N N 276 
SER N    N  N N 277 
SER CA   C  N S 278 
SER C    C  N N 279 
SER O    O  N N 280 
SER CB   C  N N 281 
SER OG   O  N N 282 
SER OXT  O  N N 283 
SER H    H  N N 284 
SER H2   H  N N 285 
SER HA   H  N N 286 
SER HB2  H  N N 287 
SER HB3  H  N N 288 
SER HG   H  N N 289 
SER HXT  H  N N 290 
THR N    N  N N 291 
THR CA   C  N S 292 
THR C    C  N N 293 
THR O    O  N N 294 
THR CB   C  N R 295 
THR OG1  O  N N 296 
THR CG2  C  N N 297 
THR OXT  O  N N 298 
THR H    H  N N 299 
THR H2   H  N N 300 
THR HA   H  N N 301 
THR HB   H  N N 302 
THR HG1  H  N N 303 
THR HG21 H  N N 304 
THR HG22 H  N N 305 
THR HG23 H  N N 306 
THR HXT  H  N N 307 
TYR N    N  N N 308 
TYR CA   C  N S 309 
TYR C    C  N N 310 
TYR O    O  N N 311 
TYR CB   C  N N 312 
TYR CG   C  Y N 313 
TYR CD1  C  Y N 314 
TYR CD2  C  Y N 315 
TYR CE1  C  Y N 316 
TYR CE2  C  Y N 317 
TYR CZ   C  Y N 318 
TYR OH   O  N N 319 
TYR OXT  O  N N 320 
TYR H    H  N N 321 
TYR H2   H  N N 322 
TYR HA   H  N N 323 
TYR HB2  H  N N 324 
TYR HB3  H  N N 325 
TYR HD1  H  N N 326 
TYR HD2  H  N N 327 
TYR HE1  H  N N 328 
TYR HE2  H  N N 329 
TYR HH   H  N N 330 
TYR HXT  H  N N 331 
VAL N    N  N N 332 
VAL CA   C  N S 333 
VAL C    C  N N 334 
VAL O    O  N N 335 
VAL CB   C  N N 336 
VAL CG1  C  N N 337 
VAL CG2  C  N N 338 
VAL OXT  O  N N 339 
VAL H    H  N N 340 
VAL H2   H  N N 341 
VAL HA   H  N N 342 
VAL HB   H  N N 343 
VAL HG11 H  N N 344 
VAL HG12 H  N N 345 
VAL HG13 H  N N 346 
VAL HG21 H  N N 347 
VAL HG22 H  N N 348 
VAL HG23 H  N N 349 
VAL HXT  H  N N 350 
# 
loop_
_chem_comp_bond.comp_id 
_chem_comp_bond.atom_id_1 
_chem_comp_bond.atom_id_2 
_chem_comp_bond.value_order 
_chem_comp_bond.pdbx_aromatic_flag 
_chem_comp_bond.pdbx_stereo_config 
_chem_comp_bond.pdbx_ordinal 
ALA N   CA   sing N N 1   
ALA N   H    sing N N 2   
ALA N   H2   sing N N 3   
ALA CA  C    sing N N 4   
ALA CA  CB   sing N N 5   
ALA CA  HA   sing N N 6   
ALA C   O    doub N N 7   
ALA C   OXT  sing N N 8   
ALA CB  HB1  sing N N 9   
ALA CB  HB2  sing N N 10  
ALA CB  HB3  sing N N 11  
ALA OXT HXT  sing N N 12  
ARG N   CA   sing N N 13  
ARG N   H    sing N N 14  
ARG N   H2   sing N N 15  
ARG CA  C    sing N N 16  
ARG CA  CB   sing N N 17  
ARG CA  HA   sing N N 18  
ARG C   O    doub N N 19  
ARG C   OXT  sing N N 20  
ARG CB  CG   sing N N 21  
ARG CB  HB2  sing N N 22  
ARG CB  HB3  sing N N 23  
ARG CG  CD   sing N N 24  
ARG CG  HG2  sing N N 25  
ARG CG  HG3  sing N N 26  
ARG CD  NE   sing N N 27  
ARG CD  HD2  sing N N 28  
ARG CD  HD3  sing N N 29  
ARG NE  CZ   sing N N 30  
ARG NE  HE   sing N N 31  
ARG CZ  NH1  sing N N 32  
ARG CZ  NH2  doub N N 33  
ARG NH1 HH11 sing N N 34  
ARG NH1 HH12 sing N N 35  
ARG NH2 HH21 sing N N 36  
ARG NH2 HH22 sing N N 37  
ARG OXT HXT  sing N N 38  
ASN N   CA   sing N N 39  
ASN N   H    sing N N 40  
ASN N   H2   sing N N 41  
ASN CA  C    sing N N 42  
ASN CA  CB   sing N N 43  
ASN CA  HA   sing N N 44  
ASN C   O    doub N N 45  
ASN C   OXT  sing N N 46  
ASN CB  CG   sing N N 47  
ASN CB  HB2  sing N N 48  
ASN CB  HB3  sing N N 49  
ASN CG  OD1  doub N N 50  
ASN CG  ND2  sing N N 51  
ASN ND2 HD21 sing N N 52  
ASN ND2 HD22 sing N N 53  
ASN OXT HXT  sing N N 54  
ASP N   CA   sing N N 55  
ASP N   H    sing N N 56  
ASP N   H2   sing N N 57  
ASP CA  C    sing N N 58  
ASP CA  CB   sing N N 59  
ASP CA  HA   sing N N 60  
ASP C   O    doub N N 61  
ASP C   OXT  sing N N 62  
ASP CB  CG   sing N N 63  
ASP CB  HB2  sing N N 64  
ASP CB  HB3  sing N N 65  
ASP CG  OD1  doub N N 66  
ASP CG  OD2  sing N N 67  
ASP OD2 HD2  sing N N 68  
ASP OXT HXT  sing N N 69  
GLN N   CA   sing N N 70  
GLN N   H    sing N N 71  
GLN N   H2   sing N N 72  
GLN CA  C    sing N N 73  
GLN CA  CB   sing N N 74  
GLN CA  HA   sing N N 75  
GLN C   O    doub N N 76  
GLN C   OXT  sing N N 77  
GLN CB  CG   sing N N 78  
GLN CB  HB2  sing N N 79  
GLN CB  HB3  sing N N 80  
GLN CG  CD   sing N N 81  
GLN CG  HG2  sing N N 82  
GLN CG  HG3  sing N N 83  
GLN CD  OE1  doub N N 84  
GLN CD  NE2  sing N N 85  
GLN NE2 HE21 sing N N 86  
GLN NE2 HE22 sing N N 87  
GLN OXT HXT  sing N N 88  
GLU N   CA   sing N N 89  
GLU N   H    sing N N 90  
GLU N   H2   sing N N 91  
GLU CA  C    sing N N 92  
GLU CA  CB   sing N N 93  
GLU CA  HA   sing N N 94  
GLU C   O    doub N N 95  
GLU C   OXT  sing N N 96  
GLU CB  CG   sing N N 97  
GLU CB  HB2  sing N N 98  
GLU CB  HB3  sing N N 99  
GLU CG  CD   sing N N 100 
GLU CG  HG2  sing N N 101 
GLU CG  HG3  sing N N 102 
GLU CD  OE1  doub N N 103 
GLU CD  OE2  sing N N 104 
GLU OE2 HE2  sing N N 105 
GLU OXT HXT  sing N N 106 
GLY N   CA   sing N N 107 
GLY N   H    sing N N 108 
GLY N   H2   sing N N 109 
GLY CA  C    sing N N 110 
GLY CA  HA2  sing N N 111 
GLY CA  HA3  sing N N 112 
GLY C   O    doub N N 113 
GLY C   OXT  sing N N 114 
GLY OXT HXT  sing N N 115 
HIS N   CA   sing N N 116 
HIS N   H    sing N N 117 
HIS N   H2   sing N N 118 
HIS CA  C    sing N N 119 
HIS CA  CB   sing N N 120 
HIS CA  HA   sing N N 121 
HIS C   O    doub N N 122 
HIS C   OXT  sing N N 123 
HIS CB  CG   sing N N 124 
HIS CB  HB2  sing N N 125 
HIS CB  HB3  sing N N 126 
HIS CG  ND1  sing Y N 127 
HIS CG  CD2  doub Y N 128 
HIS ND1 CE1  doub Y N 129 
HIS ND1 HD1  sing N N 130 
HIS CD2 NE2  sing Y N 131 
HIS CD2 HD2  sing N N 132 
HIS CE1 NE2  sing Y N 133 
HIS CE1 HE1  sing N N 134 
HIS NE2 HE2  sing N N 135 
HIS OXT HXT  sing N N 136 
HOH O   H1   sing N N 137 
HOH O   H2   sing N N 138 
ILE N   CA   sing N N 139 
ILE N   H    sing N N 140 
ILE N   H2   sing N N 141 
ILE CA  C    sing N N 142 
ILE CA  CB   sing N N 143 
ILE CA  HA   sing N N 144 
ILE C   O    doub N N 145 
ILE C   OXT  sing N N 146 
ILE CB  CG1  sing N N 147 
ILE CB  CG2  sing N N 148 
ILE CB  HB   sing N N 149 
ILE CG1 CD1  sing N N 150 
ILE CG1 HG12 sing N N 151 
ILE CG1 HG13 sing N N 152 
ILE CG2 HG21 sing N N 153 
ILE CG2 HG22 sing N N 154 
ILE CG2 HG23 sing N N 155 
ILE CD1 HD11 sing N N 156 
ILE CD1 HD12 sing N N 157 
ILE CD1 HD13 sing N N 158 
ILE OXT HXT  sing N N 159 
LEU N   CA   sing N N 160 
LEU N   H    sing N N 161 
LEU N   H2   sing N N 162 
LEU CA  C    sing N N 163 
LEU CA  CB   sing N N 164 
LEU CA  HA   sing N N 165 
LEU C   O    doub N N 166 
LEU C   OXT  sing N N 167 
LEU CB  CG   sing N N 168 
LEU CB  HB2  sing N N 169 
LEU CB  HB3  sing N N 170 
LEU CG  CD1  sing N N 171 
LEU CG  CD2  sing N N 172 
LEU CG  HG   sing N N 173 
LEU CD1 HD11 sing N N 174 
LEU CD1 HD12 sing N N 175 
LEU CD1 HD13 sing N N 176 
LEU CD2 HD21 sing N N 177 
LEU CD2 HD22 sing N N 178 
LEU CD2 HD23 sing N N 179 
LEU OXT HXT  sing N N 180 
LYS N   CA   sing N N 181 
LYS N   H    sing N N 182 
LYS N   H2   sing N N 183 
LYS CA  C    sing N N 184 
LYS CA  CB   sing N N 185 
LYS CA  HA   sing N N 186 
LYS C   O    doub N N 187 
LYS C   OXT  sing N N 188 
LYS CB  CG   sing N N 189 
LYS CB  HB2  sing N N 190 
LYS CB  HB3  sing N N 191 
LYS CG  CD   sing N N 192 
LYS CG  HG2  sing N N 193 
LYS CG  HG3  sing N N 194 
LYS CD  CE   sing N N 195 
LYS CD  HD2  sing N N 196 
LYS CD  HD3  sing N N 197 
LYS CE  NZ   sing N N 198 
LYS CE  HE2  sing N N 199 
LYS CE  HE3  sing N N 200 
LYS NZ  HZ1  sing N N 201 
LYS NZ  HZ2  sing N N 202 
LYS NZ  HZ3  sing N N 203 
LYS OXT HXT  sing N N 204 
MET N   CA   sing N N 205 
MET N   H    sing N N 206 
MET N   H2   sing N N 207 
MET CA  C    sing N N 208 
MET CA  CB   sing N N 209 
MET CA  HA   sing N N 210 
MET C   O    doub N N 211 
MET C   OXT  sing N N 212 
MET CB  CG   sing N N 213 
MET CB  HB2  sing N N 214 
MET CB  HB3  sing N N 215 
MET CG  SD   sing N N 216 
MET CG  HG2  sing N N 217 
MET CG  HG3  sing N N 218 
MET SD  CE   sing N N 219 
MET CE  HE1  sing N N 220 
MET CE  HE2  sing N N 221 
MET CE  HE3  sing N N 222 
MET OXT HXT  sing N N 223 
PHE N   CA   sing N N 224 
PHE N   H    sing N N 225 
PHE N   H2   sing N N 226 
PHE CA  C    sing N N 227 
PHE CA  CB   sing N N 228 
PHE CA  HA   sing N N 229 
PHE C   O    doub N N 230 
PHE C   OXT  sing N N 231 
PHE CB  CG   sing N N 232 
PHE CB  HB2  sing N N 233 
PHE CB  HB3  sing N N 234 
PHE CG  CD1  doub Y N 235 
PHE CG  CD2  sing Y N 236 
PHE CD1 CE1  sing Y N 237 
PHE CD1 HD1  sing N N 238 
PHE CD2 CE2  doub Y N 239 
PHE CD2 HD2  sing N N 240 
PHE CE1 CZ   doub Y N 241 
PHE CE1 HE1  sing N N 242 
PHE CE2 CZ   sing Y N 243 
PHE CE2 HE2  sing N N 244 
PHE CZ  HZ   sing N N 245 
PHE OXT HXT  sing N N 246 
PRO N   CA   sing N N 247 
PRO N   CD   sing N N 248 
PRO N   H    sing N N 249 
PRO CA  C    sing N N 250 
PRO CA  CB   sing N N 251 
PRO CA  HA   sing N N 252 
PRO C   O    doub N N 253 
PRO C   OXT  sing N N 254 
PRO CB  CG   sing N N 255 
PRO CB  HB2  sing N N 256 
PRO CB  HB3  sing N N 257 
PRO CG  CD   sing N N 258 
PRO CG  HG2  sing N N 259 
PRO CG  HG3  sing N N 260 
PRO CD  HD2  sing N N 261 
PRO CD  HD3  sing N N 262 
PRO OXT HXT  sing N N 263 
SER N   CA   sing N N 264 
SER N   H    sing N N 265 
SER N   H2   sing N N 266 
SER CA  C    sing N N 267 
SER CA  CB   sing N N 268 
SER CA  HA   sing N N 269 
SER C   O    doub N N 270 
SER C   OXT  sing N N 271 
SER CB  OG   sing N N 272 
SER CB  HB2  sing N N 273 
SER CB  HB3  sing N N 274 
SER OG  HG   sing N N 275 
SER OXT HXT  sing N N 276 
THR N   CA   sing N N 277 
THR N   H    sing N N 278 
THR N   H2   sing N N 279 
THR CA  C    sing N N 280 
THR CA  CB   sing N N 281 
THR CA  HA   sing N N 282 
THR C   O    doub N N 283 
THR C   OXT  sing N N 284 
THR CB  OG1  sing N N 285 
THR CB  CG2  sing N N 286 
THR CB  HB   sing N N 287 
THR OG1 HG1  sing N N 288 
THR CG2 HG21 sing N N 289 
THR CG2 HG22 sing N N 290 
THR CG2 HG23 sing N N 291 
THR OXT HXT  sing N N 292 
TYR N   CA   sing N N 293 
TYR N   H    sing N N 294 
TYR N   H2   sing N N 295 
TYR CA  C    sing N N 296 
TYR CA  CB   sing N N 297 
TYR CA  HA   sing N N 298 
TYR C   O    doub N N 299 
TYR C   OXT  sing N N 300 
TYR CB  CG   sing N N 301 
TYR CB  HB2  sing N N 302 
TYR CB  HB3  sing N N 303 
TYR CG  CD1  doub Y N 304 
TYR CG  CD2  sing Y N 305 
TYR CD1 CE1  sing Y N 306 
TYR CD1 HD1  sing N N 307 
TYR CD2 CE2  doub Y N 308 
TYR CD2 HD2  sing N N 309 
TYR CE1 CZ   doub Y N 310 
TYR CE1 HE1  sing N N 311 
TYR CE2 CZ   sing Y N 312 
TYR CE2 HE2  sing N N 313 
TYR CZ  OH   sing N N 314 
TYR OH  HH   sing N N 315 
TYR OXT HXT  sing N N 316 
VAL N   CA   sing N N 317 
VAL N   H    sing N N 318 
VAL N   H2   sing N N 319 
VAL CA  C    sing N N 320 
VAL CA  CB   sing N N 321 
VAL CA  HA   sing N N 322 
VAL C   O    doub N N 323 
VAL C   OXT  sing N N 324 
VAL CB  CG1  sing N N 325 
VAL CB  CG2  sing N N 326 
VAL CB  HB   sing N N 327 
VAL CG1 HG11 sing N N 328 
VAL CG1 HG12 sing N N 329 
VAL CG1 HG13 sing N N 330 
VAL CG2 HG21 sing N N 331 
VAL CG2 HG22 sing N N 332 
VAL CG2 HG23 sing N N 333 
VAL OXT HXT  sing N N 334 
# 
loop_
_pdbx_audit_support.funding_organization 
_pdbx_audit_support.country 
_pdbx_audit_support.grant_number 
_pdbx_audit_support.ordinal 
'National Institutes of Health/National Institute of General Medical Sciences (NIH/NIGMS)'        'United States' R01GM057720 1 
'National Institutes of Health/National Institute Of Allergy and Infectious Diseases (NIH/NIAID)' 'United States' R01AI125452 2 
# 
loop_
_pdbx_entity_nonpoly.entity_id 
_pdbx_entity_nonpoly.name 
_pdbx_entity_nonpoly.comp_id 
2 'CHLORIDE ION' CL  
3 water          HOH 
# 
_pdbx_initial_refinement_model.id               1 
_pdbx_initial_refinement_model.entity_id_list   ? 
_pdbx_initial_refinement_model.type             'experimental model' 
_pdbx_initial_refinement_model.source_name      PDB 
_pdbx_initial_refinement_model.accession_code   2PIH 
_pdbx_initial_refinement_model.details          ? 
# 
_pdbx_struct_assembly_auth_evidence.id                     1 
_pdbx_struct_assembly_auth_evidence.assembly_id            1 
_pdbx_struct_assembly_auth_evidence.experimental_support   'gel filtration' 
_pdbx_struct_assembly_auth_evidence.details                ? 
# 
